data_1GMM
# 
_entry.id   1GMM 
# 
_audit_conform.dict_name       mmcif_pdbx.dic 
_audit_conform.dict_version    5.391 
_audit_conform.dict_location   http://mmcif.pdb.org/dictionaries/ascii/mmcif_pdbx.dic 
# 
loop_
_database_2.database_id 
_database_2.database_code 
_database_2.pdbx_database_accession 
_database_2.pdbx_DOI 
PDB   1GMM         pdb_00001gmm 10.2210/pdb1gmm/pdb 
PDBE  EBI-8589     ?            ?                   
WWPDB D_1290008589 ?            ?                   
# 
loop_
_pdbx_audit_revision_history.ordinal 
_pdbx_audit_revision_history.data_content_type 
_pdbx_audit_revision_history.major_revision 
_pdbx_audit_revision_history.minor_revision 
_pdbx_audit_revision_history.revision_date 
1 'Structure model' 1 0 2001-11-28 
2 'Structure model' 1 1 2011-05-08 
3 'Structure model' 1 2 2011-07-13 
4 'Structure model' 1 3 2024-05-08 
# 
_pdbx_audit_revision_details.ordinal             1 
_pdbx_audit_revision_details.revision_ordinal    1 
_pdbx_audit_revision_details.data_content_type   'Structure model' 
_pdbx_audit_revision_details.provider            repository 
_pdbx_audit_revision_details.type                'Initial release' 
_pdbx_audit_revision_details.description         ? 
_pdbx_audit_revision_details.details             ? 
# 
loop_
_pdbx_audit_revision_group.ordinal 
_pdbx_audit_revision_group.revision_ordinal 
_pdbx_audit_revision_group.data_content_type 
_pdbx_audit_revision_group.group 
1 2 'Structure model' 'Version format compliance' 
2 3 'Structure model' 'Version format compliance' 
3 4 'Structure model' 'Data collection'           
4 4 'Structure model' 'Database references'       
5 4 'Structure model' 'Derived calculations'      
6 4 'Structure model' Other                       
# 
loop_
_pdbx_audit_revision_category.ordinal 
_pdbx_audit_revision_category.revision_ordinal 
_pdbx_audit_revision_category.data_content_type 
_pdbx_audit_revision_category.category 
1 4 'Structure model' chem_comp_atom         
2 4 'Structure model' chem_comp_bond         
3 4 'Structure model' database_2             
4 4 'Structure model' pdbx_database_status   
5 4 'Structure model' pdbx_struct_conn_angle 
6 4 'Structure model' struct_conn            
# 
loop_
_pdbx_audit_revision_item.ordinal 
_pdbx_audit_revision_item.revision_ordinal 
_pdbx_audit_revision_item.data_content_type 
_pdbx_audit_revision_item.item 
1  4 'Structure model' '_database_2.pdbx_DOI'                        
2  4 'Structure model' '_database_2.pdbx_database_accession'         
3  4 'Structure model' '_pdbx_database_status.status_code_sf'        
4  4 'Structure model' '_pdbx_struct_conn_angle.ptnr1_auth_comp_id'  
5  4 'Structure model' '_pdbx_struct_conn_angle.ptnr1_auth_seq_id'   
6  4 'Structure model' '_pdbx_struct_conn_angle.ptnr1_label_asym_id' 
7  4 'Structure model' '_pdbx_struct_conn_angle.ptnr1_label_atom_id' 
8  4 'Structure model' '_pdbx_struct_conn_angle.ptnr1_label_comp_id' 
9  4 'Structure model' '_pdbx_struct_conn_angle.ptnr1_label_seq_id'  
10 4 'Structure model' '_pdbx_struct_conn_angle.ptnr3_auth_comp_id'  
11 4 'Structure model' '_pdbx_struct_conn_angle.ptnr3_auth_seq_id'   
12 4 'Structure model' '_pdbx_struct_conn_angle.ptnr3_label_asym_id' 
13 4 'Structure model' '_pdbx_struct_conn_angle.ptnr3_label_atom_id' 
14 4 'Structure model' '_pdbx_struct_conn_angle.ptnr3_label_comp_id' 
15 4 'Structure model' '_pdbx_struct_conn_angle.ptnr3_label_seq_id'  
16 4 'Structure model' '_pdbx_struct_conn_angle.value'               
17 4 'Structure model' '_struct_conn.pdbx_dist_value'                
18 4 'Structure model' '_struct_conn.ptnr1_auth_comp_id'             
19 4 'Structure model' '_struct_conn.ptnr1_auth_seq_id'              
20 4 'Structure model' '_struct_conn.ptnr1_label_asym_id'            
21 4 'Structure model' '_struct_conn.ptnr1_label_atom_id'            
22 4 'Structure model' '_struct_conn.ptnr1_label_comp_id'            
23 4 'Structure model' '_struct_conn.ptnr1_label_seq_id'             
24 4 'Structure model' '_struct_conn.ptnr2_auth_comp_id'             
25 4 'Structure model' '_struct_conn.ptnr2_auth_seq_id'              
26 4 'Structure model' '_struct_conn.ptnr2_label_asym_id'            
27 4 'Structure model' '_struct_conn.ptnr2_label_atom_id'            
28 4 'Structure model' '_struct_conn.ptnr2_label_comp_id'            
29 4 'Structure model' '_struct_conn.ptnr2_label_seq_id'             
# 
_pdbx_database_status.status_code                     REL 
_pdbx_database_status.entry_id                        1GMM 
_pdbx_database_status.deposit_site                    PDBE 
_pdbx_database_status.process_site                    PDBE 
_pdbx_database_status.SG_entry                        . 
_pdbx_database_status.recvd_initial_deposition_date   2001-09-19 
_pdbx_database_status.pdb_format_compatible           Y 
_pdbx_database_status.status_code_sf                  REL 
_pdbx_database_status.status_code_mr                  ? 
_pdbx_database_status.status_code_cs                  ? 
_pdbx_database_status.methods_development_category    ? 
_pdbx_database_status.status_code_nmr_data            ? 
# 
loop_
_audit_author.name 
_audit_author.pdbx_ordinal 
'Czjzek, M.'    1 
'Mosbah, A.'    2 
'Bolam, D.'     3 
'Allouch, J.'   4 
'Zamboni, V.'   5 
'Henrissat, B.' 6 
'Gilbert, H.J.' 7 
# 
loop_
_citation.id 
_citation.title 
_citation.journal_abbrev 
_citation.journal_volume 
_citation.page_first 
_citation.page_last 
_citation.year 
_citation.journal_id_ASTM 
_citation.country 
_citation.journal_id_ISSN 
_citation.journal_id_CSD 
_citation.book_publisher 
_citation.pdbx_database_id_PubMed 
_citation.pdbx_database_id_DOI 
primary 
'The Location of the Ligand-Binding Site of Carbohydrate-Binding Modules that Have Evolved from a Common Sequence is not Conserved.' 
J.Biol.Chem. 276 48580 ? 2001 JBCHA3 US 0021-9258 0071 ? 11673472 10.1074/JBC.M109142200    
1       
;Homologous Xylanases from Clostridium Thermocellum: Evidence for Bi-Functional Activity, Synergism between Xylanase Catalytic Modules and the Presence of Xylan-Binding Domains in Enzyme Complexes
;
Biochem.J.   342 105   ? 1999 BIJOAK UK 0264-6021 0043 ? 10432306 10.1042/0264-6021:3420105 
# 
loop_
_citation_author.citation_id 
_citation_author.name 
_citation_author.ordinal 
_citation_author.identifier_ORCID 
primary 'Czjzek, M.'       1  ? 
primary 'Bolam, D.'        2  ? 
primary 'Mosbah, A.'       3  ? 
primary 'Allouch, J.'      4  ? 
primary 'Fontes, C.M.'     5  ? 
primary 'Ferreira, L.M.'   6  ? 
primary 'Bornet, O.'       7  ? 
primary 'Zamboni, V.'      8  ? 
primary 'Darbon, H.'       9  ? 
primary 'Smith, N.L.'      10 ? 
primary 'Black, G.W.'      11 ? 
primary 'Henrissat, B.'    12 ? 
primary 'Gilbert, H.J.'    13 ? 
1       'Fernandes, A.'    14 ? 
1       'Fontes, C.M.G.A.' 15 ? 
1       'Gilbert, H.J.'    16 ? 
1       'Hazelwood, G.P.'  17 ? 
1       'Fernandes, T.H.'  18 ? 
1       'Ferreira, L.M.A.' 19 ? 
1       'Gilbert, H.J.'    20 ? 
# 
loop_
_entity.id 
_entity.type 
_entity.src_method 
_entity.pdbx_description 
_entity.formula_weight 
_entity.pdbx_number_of_molecules 
_entity.pdbx_ec 
_entity.pdbx_mutation 
_entity.pdbx_fragment 
_entity.details 
1 polymer     man CBM6          14115.347 1   3.2.1.8 ? 'XYLAN BINDING MODULE (DOMAIN), RESIDUE 248-380' ? 
2 non-polymer syn 'SULFATE ION' 96.063    1   ?       ? ?                                                ? 
3 non-polymer syn 'SODIUM ION'  22.990    1   ?       ? ?                                                ? 
4 non-polymer syn 'CALCIUM ION' 40.078    1   ?       ? ?                                                ? 
5 water       nat water         18.015    180 ?       ? ?                                                ? 
# 
_entity_poly.entity_id                      1 
_entity_poly.type                           'polypeptide(L)' 
_entity_poly.nstd_linkage                   no 
_entity_poly.nstd_monomer                   no 
_entity_poly.pdbx_seq_one_letter_code       
;RSAFSKIESEEYNSLKSSTIQTIGTSDGGSGIGYIESGDYLVFNKINFGNGANSFKARVASGADTPTNIQLRLGSPTGTL
IGTLTVASTGGWNNYEEKSCSITNTTGQHDLYLVFSGPVNIDYFIFDSNGVNP
;
_entity_poly.pdbx_seq_one_letter_code_can   
;RSAFSKIESEEYNSLKSSTIQTIGTSDGGSGIGYIESGDYLVFNKINFGNGANSFKARVASGADTPTNIQLRLGSPTGTL
IGTLTVASTGGWNNYEEKSCSITNTTGQHDLYLVFSGPVNIDYFIFDSNGVNP
;
_entity_poly.pdbx_strand_id                 A 
_entity_poly.pdbx_target_identifier         ? 
# 
loop_
_pdbx_entity_nonpoly.entity_id 
_pdbx_entity_nonpoly.name 
_pdbx_entity_nonpoly.comp_id 
2 'SULFATE ION' SO4 
3 'SODIUM ION'  NA  
4 'CALCIUM ION' CA  
5 water         HOH 
# 
loop_
_entity_poly_seq.entity_id 
_entity_poly_seq.num 
_entity_poly_seq.mon_id 
_entity_poly_seq.hetero 
1 1   ARG n 
1 2   SER n 
1 3   ALA n 
1 4   PHE n 
1 5   SER n 
1 6   LYS n 
1 7   ILE n 
1 8   GLU n 
1 9   SER n 
1 10  GLU n 
1 11  GLU n 
1 12  TYR n 
1 13  ASN n 
1 14  SER n 
1 15  LEU n 
1 16  LYS n 
1 17  SER n 
1 18  SER n 
1 19  THR n 
1 20  ILE n 
1 21  GLN n 
1 22  THR n 
1 23  ILE n 
1 24  GLY n 
1 25  THR n 
1 26  SER n 
1 27  ASP n 
1 28  GLY n 
1 29  GLY n 
1 30  SER n 
1 31  GLY n 
1 32  ILE n 
1 33  GLY n 
1 34  TYR n 
1 35  ILE n 
1 36  GLU n 
1 37  SER n 
1 38  GLY n 
1 39  ASP n 
1 40  TYR n 
1 41  LEU n 
1 42  VAL n 
1 43  PHE n 
1 44  ASN n 
1 45  LYS n 
1 46  ILE n 
1 47  ASN n 
1 48  PHE n 
1 49  GLY n 
1 50  ASN n 
1 51  GLY n 
1 52  ALA n 
1 53  ASN n 
1 54  SER n 
1 55  PHE n 
1 56  LYS n 
1 57  ALA n 
1 58  ARG n 
1 59  VAL n 
1 60  ALA n 
1 61  SER n 
1 62  GLY n 
1 63  ALA n 
1 64  ASP n 
1 65  THR n 
1 66  PRO n 
1 67  THR n 
1 68  ASN n 
1 69  ILE n 
1 70  GLN n 
1 71  LEU n 
1 72  ARG n 
1 73  LEU n 
1 74  GLY n 
1 75  SER n 
1 76  PRO n 
1 77  THR n 
1 78  GLY n 
1 79  THR n 
1 80  LEU n 
1 81  ILE n 
1 82  GLY n 
1 83  THR n 
1 84  LEU n 
1 85  THR n 
1 86  VAL n 
1 87  ALA n 
1 88  SER n 
1 89  THR n 
1 90  GLY n 
1 91  GLY n 
1 92  TRP n 
1 93  ASN n 
1 94  ASN n 
1 95  TYR n 
1 96  GLU n 
1 97  GLU n 
1 98  LYS n 
1 99  SER n 
1 100 CYS n 
1 101 SER n 
1 102 ILE n 
1 103 THR n 
1 104 ASN n 
1 105 THR n 
1 106 THR n 
1 107 GLY n 
1 108 GLN n 
1 109 HIS n 
1 110 ASP n 
1 111 LEU n 
1 112 TYR n 
1 113 LEU n 
1 114 VAL n 
1 115 PHE n 
1 116 SER n 
1 117 GLY n 
1 118 PRO n 
1 119 VAL n 
1 120 ASN n 
1 121 ILE n 
1 122 ASP n 
1 123 TYR n 
1 124 PHE n 
1 125 ILE n 
1 126 PHE n 
1 127 ASP n 
1 128 SER n 
1 129 ASN n 
1 130 GLY n 
1 131 VAL n 
1 132 ASN n 
1 133 PRO n 
# 
_entity_src_gen.entity_id                          1 
_entity_src_gen.pdbx_src_id                        1 
_entity_src_gen.pdbx_alt_source_flag               sample 
_entity_src_gen.pdbx_seq_type                      ? 
_entity_src_gen.pdbx_beg_seq_num                   ? 
_entity_src_gen.pdbx_end_seq_num                   ? 
_entity_src_gen.gene_src_common_name               ? 
_entity_src_gen.gene_src_genus                     ? 
_entity_src_gen.pdbx_gene_src_gene                 ? 
_entity_src_gen.gene_src_species                   ? 
_entity_src_gen.gene_src_strain                    F1 
_entity_src_gen.gene_src_tissue                    ? 
_entity_src_gen.gene_src_tissue_fraction           ? 
_entity_src_gen.gene_src_details                   ? 
_entity_src_gen.pdbx_gene_src_fragment             ? 
_entity_src_gen.pdbx_gene_src_scientific_name      'CLOSTRIDIUM THERMOCELLUM' 
_entity_src_gen.pdbx_gene_src_ncbi_taxonomy_id     1515 
_entity_src_gen.pdbx_gene_src_variant              ? 
_entity_src_gen.pdbx_gene_src_cell_line            ? 
_entity_src_gen.pdbx_gene_src_atcc                 ? 
_entity_src_gen.pdbx_gene_src_organ                ? 
_entity_src_gen.pdbx_gene_src_organelle            ? 
_entity_src_gen.pdbx_gene_src_cell                 ? 
_entity_src_gen.pdbx_gene_src_cellular_location    ? 
_entity_src_gen.host_org_common_name               ? 
_entity_src_gen.pdbx_host_org_scientific_name      'ESCHERICHIA COLI' 
_entity_src_gen.pdbx_host_org_ncbi_taxonomy_id     562 
_entity_src_gen.host_org_genus                     ? 
_entity_src_gen.pdbx_host_org_gene                 ? 
_entity_src_gen.pdbx_host_org_organ                ? 
_entity_src_gen.host_org_species                   ? 
_entity_src_gen.pdbx_host_org_tissue               ? 
_entity_src_gen.pdbx_host_org_tissue_fraction      ? 
_entity_src_gen.pdbx_host_org_strain               ? 
_entity_src_gen.pdbx_host_org_variant              ? 
_entity_src_gen.pdbx_host_org_cell_line            ? 
_entity_src_gen.pdbx_host_org_atcc                 ? 
_entity_src_gen.pdbx_host_org_culture_collection   ? 
_entity_src_gen.pdbx_host_org_cell                 ? 
_entity_src_gen.pdbx_host_org_organelle            ? 
_entity_src_gen.pdbx_host_org_cellular_location    ? 
_entity_src_gen.pdbx_host_org_vector_type          ? 
_entity_src_gen.pdbx_host_org_vector               PET21A 
_entity_src_gen.host_org_details                   ? 
_entity_src_gen.expression_system_id               ? 
_entity_src_gen.plasmid_name                       ? 
_entity_src_gen.plasmid_details                    ? 
_entity_src_gen.pdbx_description                   ? 
# 
loop_
_chem_comp.id 
_chem_comp.type 
_chem_comp.mon_nstd_flag 
_chem_comp.name 
_chem_comp.pdbx_synonyms 
_chem_comp.formula 
_chem_comp.formula_weight 
ALA 'L-peptide linking' y ALANINE         ? 'C3 H7 N O2'     89.093  
ARG 'L-peptide linking' y ARGININE        ? 'C6 H15 N4 O2 1' 175.209 
ASN 'L-peptide linking' y ASPARAGINE      ? 'C4 H8 N2 O3'    132.118 
ASP 'L-peptide linking' y 'ASPARTIC ACID' ? 'C4 H7 N O4'     133.103 
CA  non-polymer         . 'CALCIUM ION'   ? 'Ca 2'           40.078  
CYS 'L-peptide linking' y CYSTEINE        ? 'C3 H7 N O2 S'   121.158 
GLN 'L-peptide linking' y GLUTAMINE       ? 'C5 H10 N2 O3'   146.144 
GLU 'L-peptide linking' y 'GLUTAMIC ACID' ? 'C5 H9 N O4'     147.129 
GLY 'peptide linking'   y GLYCINE         ? 'C2 H5 N O2'     75.067  
HIS 'L-peptide linking' y HISTIDINE       ? 'C6 H10 N3 O2 1' 156.162 
HOH non-polymer         . WATER           ? 'H2 O'           18.015  
ILE 'L-peptide linking' y ISOLEUCINE      ? 'C6 H13 N O2'    131.173 
LEU 'L-peptide linking' y LEUCINE         ? 'C6 H13 N O2'    131.173 
LYS 'L-peptide linking' y LYSINE          ? 'C6 H15 N2 O2 1' 147.195 
NA  non-polymer         . 'SODIUM ION'    ? 'Na 1'           22.990  
PHE 'L-peptide linking' y PHENYLALANINE   ? 'C9 H11 N O2'    165.189 
PRO 'L-peptide linking' y PROLINE         ? 'C5 H9 N O2'     115.130 
SER 'L-peptide linking' y SERINE          ? 'C3 H7 N O3'     105.093 
SO4 non-polymer         . 'SULFATE ION'   ? 'O4 S -2'        96.063  
THR 'L-peptide linking' y THREONINE       ? 'C4 H9 N O3'     119.119 
TRP 'L-peptide linking' y TRYPTOPHAN      ? 'C11 H12 N2 O2'  204.225 
TYR 'L-peptide linking' y TYROSINE        ? 'C9 H11 N O3'    181.189 
VAL 'L-peptide linking' y VALINE          ? 'C5 H11 N O2'    117.146 
# 
loop_
_pdbx_poly_seq_scheme.asym_id 
_pdbx_poly_seq_scheme.entity_id 
_pdbx_poly_seq_scheme.seq_id 
_pdbx_poly_seq_scheme.mon_id 
_pdbx_poly_seq_scheme.ndb_seq_num 
_pdbx_poly_seq_scheme.pdb_seq_num 
_pdbx_poly_seq_scheme.auth_seq_num 
_pdbx_poly_seq_scheme.pdb_mon_id 
_pdbx_poly_seq_scheme.auth_mon_id 
_pdbx_poly_seq_scheme.pdb_strand_id 
_pdbx_poly_seq_scheme.pdb_ins_code 
_pdbx_poly_seq_scheme.hetero 
A 1 1   ARG 1   1   ?   ?   ?   A . n 
A 1 2   SER 2   2   ?   ?   ?   A . n 
A 1 3   ALA 3   3   ?   ?   ?   A . n 
A 1 4   PHE 4   4   4   PHE PHE A . n 
A 1 5   SER 5   5   5   SER SER A . n 
A 1 6   LYS 6   6   6   LYS LYS A . n 
A 1 7   ILE 7   7   7   ILE ILE A . n 
A 1 8   GLU 8   8   8   GLU GLU A . n 
A 1 9   SER 9   9   9   SER SER A . n 
A 1 10  GLU 10  10  10  GLU GLU A . n 
A 1 11  GLU 11  11  11  GLU GLU A . n 
A 1 12  TYR 12  12  12  TYR TYR A . n 
A 1 13  ASN 13  13  13  ASN ASN A . n 
A 1 14  SER 14  14  14  SER SER A . n 
A 1 15  LEU 15  15  15  LEU LEU A . n 
A 1 16  LYS 16  16  16  LYS LYS A . n 
A 1 17  SER 17  17  17  SER SER A . n 
A 1 18  SER 18  18  18  SER SER A . n 
A 1 19  THR 19  19  19  THR THR A . n 
A 1 20  ILE 20  20  20  ILE ILE A . n 
A 1 21  GLN 21  21  21  GLN GLN A . n 
A 1 22  THR 22  22  22  THR THR A . n 
A 1 23  ILE 23  23  23  ILE ILE A . n 
A 1 24  GLY 24  24  24  GLY GLY A . n 
A 1 25  THR 25  25  25  THR THR A . n 
A 1 26  SER 26  26  26  SER SER A . n 
A 1 27  ASP 27  27  27  ASP ASP A . n 
A 1 28  GLY 28  28  28  GLY GLY A . n 
A 1 29  GLY 29  29  29  GLY GLY A . n 
A 1 30  SER 30  30  30  SER SER A . n 
A 1 31  GLY 31  31  31  GLY GLY A . n 
A 1 32  ILE 32  32  32  ILE ILE A . n 
A 1 33  GLY 33  33  33  GLY GLY A . n 
A 1 34  TYR 34  34  34  TYR TYR A . n 
A 1 35  ILE 35  35  35  ILE ILE A . n 
A 1 36  GLU 36  36  36  GLU GLU A . n 
A 1 37  SER 37  37  37  SER SER A . n 
A 1 38  GLY 38  38  38  GLY GLY A . n 
A 1 39  ASP 39  39  39  ASP ASP A . n 
A 1 40  TYR 40  40  40  TYR TYR A . n 
A 1 41  LEU 41  41  41  LEU LEU A . n 
A 1 42  VAL 42  42  42  VAL VAL A . n 
A 1 43  PHE 43  43  43  PHE PHE A . n 
A 1 44  ASN 44  44  44  ASN ASN A . n 
A 1 45  LYS 45  45  45  LYS LYS A . n 
A 1 46  ILE 46  46  46  ILE ILE A . n 
A 1 47  ASN 47  47  47  ASN ASN A . n 
A 1 48  PHE 48  48  48  PHE PHE A . n 
A 1 49  GLY 49  49  49  GLY GLY A . n 
A 1 50  ASN 50  50  50  ASN ASN A . n 
A 1 51  GLY 51  51  51  GLY GLY A . n 
A 1 52  ALA 52  52  52  ALA ALA A . n 
A 1 53  ASN 53  53  53  ASN ASN A . n 
A 1 54  SER 54  54  54  SER SER A . n 
A 1 55  PHE 55  55  55  PHE PHE A . n 
A 1 56  LYS 56  56  56  LYS LYS A . n 
A 1 57  ALA 57  57  57  ALA ALA A . n 
A 1 58  ARG 58  58  58  ARG ARG A . n 
A 1 59  VAL 59  59  59  VAL VAL A . n 
A 1 60  ALA 60  60  60  ALA ALA A . n 
A 1 61  SER 61  61  61  SER SER A . n 
A 1 62  GLY 62  62  62  GLY GLY A . n 
A 1 63  ALA 63  63  63  ALA ALA A . n 
A 1 64  ASP 64  64  64  ASP ASP A . n 
A 1 65  THR 65  65  65  THR THR A . n 
A 1 66  PRO 66  66  66  PRO PRO A . n 
A 1 67  THR 67  67  67  THR THR A . n 
A 1 68  ASN 68  68  68  ASN ASN A . n 
A 1 69  ILE 69  69  69  ILE ILE A . n 
A 1 70  GLN 70  70  70  GLN GLN A . n 
A 1 71  LEU 71  71  71  LEU LEU A . n 
A 1 72  ARG 72  72  72  ARG ARG A . n 
A 1 73  LEU 73  73  73  LEU LEU A . n 
A 1 74  GLY 74  74  74  GLY GLY A . n 
A 1 75  SER 75  75  75  SER SER A . n 
A 1 76  PRO 76  76  76  PRO PRO A . n 
A 1 77  THR 77  77  77  THR THR A . n 
A 1 78  GLY 78  78  78  GLY GLY A . n 
A 1 79  THR 79  79  79  THR THR A . n 
A 1 80  LEU 80  80  80  LEU LEU A . n 
A 1 81  ILE 81  81  81  ILE ILE A . n 
A 1 82  GLY 82  82  82  GLY GLY A . n 
A 1 83  THR 83  83  83  THR THR A . n 
A 1 84  LEU 84  84  84  LEU LEU A . n 
A 1 85  THR 85  85  85  THR THR A . n 
A 1 86  VAL 86  86  86  VAL VAL A . n 
A 1 87  ALA 87  87  87  ALA ALA A . n 
A 1 88  SER 88  88  88  SER SER A . n 
A 1 89  THR 89  89  89  THR THR A . n 
A 1 90  GLY 90  90  90  GLY GLY A . n 
A 1 91  GLY 91  91  91  GLY GLY A . n 
A 1 92  TRP 92  92  92  TRP TRP A . n 
A 1 93  ASN 93  93  93  ASN ASN A . n 
A 1 94  ASN 94  94  94  ASN ASN A . n 
A 1 95  TYR 95  95  95  TYR TYR A . n 
A 1 96  GLU 96  96  96  GLU GLU A . n 
A 1 97  GLU 97  97  97  GLU GLU A . n 
A 1 98  LYS 98  98  98  LYS LYS A . n 
A 1 99  SER 99  99  99  SER SER A . n 
A 1 100 CYS 100 100 100 CYS CYS A . n 
A 1 101 SER 101 101 101 SER SER A . n 
A 1 102 ILE 102 102 102 ILE ILE A . n 
A 1 103 THR 103 103 103 THR THR A . n 
A 1 104 ASN 104 104 104 ASN ASN A . n 
A 1 105 THR 105 105 105 THR THR A . n 
A 1 106 THR 106 106 106 THR THR A . n 
A 1 107 GLY 107 107 107 GLY GLY A . n 
A 1 108 GLN 108 108 108 GLN GLN A . n 
A 1 109 HIS 109 109 109 HIS HIS A . n 
A 1 110 ASP 110 110 110 ASP ASP A . n 
A 1 111 LEU 111 111 111 LEU LEU A . n 
A 1 112 TYR 112 112 112 TYR TYR A . n 
A 1 113 LEU 113 113 113 LEU LEU A . n 
A 1 114 VAL 114 114 114 VAL VAL A . n 
A 1 115 PHE 115 115 115 PHE PHE A . n 
A 1 116 SER 116 116 116 SER SER A . n 
A 1 117 GLY 117 117 117 GLY GLY A . n 
A 1 118 PRO 118 118 118 PRO PRO A . n 
A 1 119 VAL 119 119 119 VAL VAL A . n 
A 1 120 ASN 120 120 120 ASN ASN A . n 
A 1 121 ILE 121 121 121 ILE ILE A . n 
A 1 122 ASP 122 122 122 ASP ASP A . n 
A 1 123 TYR 123 123 123 TYR TYR A . n 
A 1 124 PHE 124 124 124 PHE PHE A . n 
A 1 125 ILE 125 125 125 ILE ILE A . n 
A 1 126 PHE 126 126 126 PHE PHE A . n 
A 1 127 ASP 127 127 127 ASP ASP A . n 
A 1 128 SER 128 128 128 SER SER A . n 
A 1 129 ASN 129 129 129 ASN ASN A . n 
A 1 130 GLY 130 130 ?   ?   ?   A . n 
A 1 131 VAL 131 131 ?   ?   ?   A . n 
A 1 132 ASN 132 132 ?   ?   ?   A . n 
A 1 133 PRO 133 133 ?   ?   ?   A . n 
# 
loop_
_pdbx_nonpoly_scheme.asym_id 
_pdbx_nonpoly_scheme.entity_id 
_pdbx_nonpoly_scheme.mon_id 
_pdbx_nonpoly_scheme.ndb_seq_num 
_pdbx_nonpoly_scheme.pdb_seq_num 
_pdbx_nonpoly_scheme.auth_seq_num 
_pdbx_nonpoly_scheme.pdb_mon_id 
_pdbx_nonpoly_scheme.auth_mon_id 
_pdbx_nonpoly_scheme.pdb_strand_id 
_pdbx_nonpoly_scheme.pdb_ins_code 
B 2 SO4 1   1130 1130 SO4 SO4 A . 
C 3 NA  1   1131 1131 NA  NA  A . 
D 4 CA  1   1132 1132 CA  CA  A . 
E 5 HOH 1   2001 2001 HOH HOH A . 
E 5 HOH 2   2002 2002 HOH HOH A . 
E 5 HOH 3   2003 2003 HOH HOH A . 
E 5 HOH 4   2004 2004 HOH HOH A . 
E 5 HOH 5   2005 2005 HOH HOH A . 
E 5 HOH 6   2006 2006 HOH HOH A . 
E 5 HOH 7   2007 2007 HOH HOH A . 
E 5 HOH 8   2008 2008 HOH HOH A . 
E 5 HOH 9   2009 2009 HOH HOH A . 
E 5 HOH 10  2010 2010 HOH HOH A . 
E 5 HOH 11  2011 2011 HOH HOH A . 
E 5 HOH 12  2012 2012 HOH HOH A . 
E 5 HOH 13  2013 2013 HOH HOH A . 
E 5 HOH 14  2014 2014 HOH HOH A . 
E 5 HOH 15  2015 2015 HOH HOH A . 
E 5 HOH 16  2016 2016 HOH HOH A . 
E 5 HOH 17  2017 2017 HOH HOH A . 
E 5 HOH 18  2018 2018 HOH HOH A . 
E 5 HOH 19  2019 2019 HOH HOH A . 
E 5 HOH 20  2020 2020 HOH HOH A . 
E 5 HOH 21  2021 2021 HOH HOH A . 
E 5 HOH 22  2022 2022 HOH HOH A . 
E 5 HOH 23  2023 2023 HOH HOH A . 
E 5 HOH 24  2024 2024 HOH HOH A . 
E 5 HOH 25  2025 2025 HOH HOH A . 
E 5 HOH 26  2026 2026 HOH HOH A . 
E 5 HOH 27  2027 2027 HOH HOH A . 
E 5 HOH 28  2028 2028 HOH HOH A . 
E 5 HOH 29  2029 2029 HOH HOH A . 
E 5 HOH 30  2030 2030 HOH HOH A . 
E 5 HOH 31  2031 2031 HOH HOH A . 
E 5 HOH 32  2032 2032 HOH HOH A . 
E 5 HOH 33  2033 2033 HOH HOH A . 
E 5 HOH 34  2034 2034 HOH HOH A . 
E 5 HOH 35  2035 2035 HOH HOH A . 
E 5 HOH 36  2036 2036 HOH HOH A . 
E 5 HOH 37  2037 2037 HOH HOH A . 
E 5 HOH 38  2038 2038 HOH HOH A . 
E 5 HOH 39  2039 2039 HOH HOH A . 
E 5 HOH 40  2040 2040 HOH HOH A . 
E 5 HOH 41  2041 2041 HOH HOH A . 
E 5 HOH 42  2042 2042 HOH HOH A . 
E 5 HOH 43  2043 2043 HOH HOH A . 
E 5 HOH 44  2044 2044 HOH HOH A . 
E 5 HOH 45  2045 2045 HOH HOH A . 
E 5 HOH 46  2046 2046 HOH HOH A . 
E 5 HOH 47  2047 2047 HOH HOH A . 
E 5 HOH 48  2048 2048 HOH HOH A . 
E 5 HOH 49  2049 2049 HOH HOH A . 
E 5 HOH 50  2050 2050 HOH HOH A . 
E 5 HOH 51  2051 2051 HOH HOH A . 
E 5 HOH 52  2052 2052 HOH HOH A . 
E 5 HOH 53  2053 2053 HOH HOH A . 
E 5 HOH 54  2054 2054 HOH HOH A . 
E 5 HOH 55  2055 2055 HOH HOH A . 
E 5 HOH 56  2056 2056 HOH HOH A . 
E 5 HOH 57  2057 2057 HOH HOH A . 
E 5 HOH 58  2058 2058 HOH HOH A . 
E 5 HOH 59  2059 2059 HOH HOH A . 
E 5 HOH 60  2060 2060 HOH HOH A . 
E 5 HOH 61  2061 2061 HOH HOH A . 
E 5 HOH 62  2062 2062 HOH HOH A . 
E 5 HOH 63  2063 2063 HOH HOH A . 
E 5 HOH 64  2064 2064 HOH HOH A . 
E 5 HOH 65  2065 2065 HOH HOH A . 
E 5 HOH 66  2066 2066 HOH HOH A . 
E 5 HOH 67  2067 2067 HOH HOH A . 
E 5 HOH 68  2068 2068 HOH HOH A . 
E 5 HOH 69  2069 2069 HOH HOH A . 
E 5 HOH 70  2070 2070 HOH HOH A . 
E 5 HOH 71  2071 2071 HOH HOH A . 
E 5 HOH 72  2072 2072 HOH HOH A . 
E 5 HOH 73  2073 2073 HOH HOH A . 
E 5 HOH 74  2074 2074 HOH HOH A . 
E 5 HOH 75  2075 2075 HOH HOH A . 
E 5 HOH 76  2076 2076 HOH HOH A . 
E 5 HOH 77  2077 2077 HOH HOH A . 
E 5 HOH 78  2078 2078 HOH HOH A . 
E 5 HOH 79  2079 2079 HOH HOH A . 
E 5 HOH 80  2080 2080 HOH HOH A . 
E 5 HOH 81  2081 2081 HOH HOH A . 
E 5 HOH 82  2082 2082 HOH HOH A . 
E 5 HOH 83  2083 2083 HOH HOH A . 
E 5 HOH 84  2084 2084 HOH HOH A . 
E 5 HOH 85  2085 2085 HOH HOH A . 
E 5 HOH 86  2086 2086 HOH HOH A . 
E 5 HOH 87  2087 2087 HOH HOH A . 
E 5 HOH 88  2088 2088 HOH HOH A . 
E 5 HOH 89  2089 2089 HOH HOH A . 
E 5 HOH 90  2090 2090 HOH HOH A . 
E 5 HOH 91  2091 2091 HOH HOH A . 
E 5 HOH 92  2092 2092 HOH HOH A . 
E 5 HOH 93  2093 2093 HOH HOH A . 
E 5 HOH 94  2094 2094 HOH HOH A . 
E 5 HOH 95  2095 2095 HOH HOH A . 
E 5 HOH 96  2096 2096 HOH HOH A . 
E 5 HOH 97  2097 2097 HOH HOH A . 
E 5 HOH 98  2098 2098 HOH HOH A . 
E 5 HOH 99  2099 2099 HOH HOH A . 
E 5 HOH 100 2100 2100 HOH HOH A . 
E 5 HOH 101 2101 2101 HOH HOH A . 
E 5 HOH 102 2102 2102 HOH HOH A . 
E 5 HOH 103 2103 2103 HOH HOH A . 
E 5 HOH 104 2104 2104 HOH HOH A . 
E 5 HOH 105 2105 2105 HOH HOH A . 
E 5 HOH 106 2106 2106 HOH HOH A . 
E 5 HOH 107 2107 2107 HOH HOH A . 
E 5 HOH 108 2108 2108 HOH HOH A . 
E 5 HOH 109 2109 2109 HOH HOH A . 
E 5 HOH 110 2110 2110 HOH HOH A . 
E 5 HOH 111 2111 2111 HOH HOH A . 
E 5 HOH 112 2112 2112 HOH HOH A . 
E 5 HOH 113 2113 2113 HOH HOH A . 
E 5 HOH 114 2114 2114 HOH HOH A . 
E 5 HOH 115 2115 2115 HOH HOH A . 
E 5 HOH 116 2116 2116 HOH HOH A . 
E 5 HOH 117 2117 2117 HOH HOH A . 
E 5 HOH 118 2118 2118 HOH HOH A . 
E 5 HOH 119 2119 2119 HOH HOH A . 
E 5 HOH 120 2120 2120 HOH HOH A . 
E 5 HOH 121 2121 2121 HOH HOH A . 
E 5 HOH 122 2122 2122 HOH HOH A . 
E 5 HOH 123 2123 2123 HOH HOH A . 
E 5 HOH 124 2124 2124 HOH HOH A . 
E 5 HOH 125 2125 2125 HOH HOH A . 
E 5 HOH 126 2126 2126 HOH HOH A . 
E 5 HOH 127 2127 2127 HOH HOH A . 
E 5 HOH 128 2128 2128 HOH HOH A . 
E 5 HOH 129 2129 2129 HOH HOH A . 
E 5 HOH 130 2130 2130 HOH HOH A . 
E 5 HOH 131 2131 2131 HOH HOH A . 
E 5 HOH 132 2132 2132 HOH HOH A . 
E 5 HOH 133 2133 2133 HOH HOH A . 
E 5 HOH 134 2134 2134 HOH HOH A . 
E 5 HOH 135 2135 2135 HOH HOH A . 
E 5 HOH 136 2136 2136 HOH HOH A . 
E 5 HOH 137 2137 2137 HOH HOH A . 
E 5 HOH 138 2138 2138 HOH HOH A . 
E 5 HOH 139 2139 2139 HOH HOH A . 
E 5 HOH 140 2140 2140 HOH HOH A . 
E 5 HOH 141 2141 2141 HOH HOH A . 
E 5 HOH 142 2142 2142 HOH HOH A . 
E 5 HOH 143 2143 2143 HOH HOH A . 
E 5 HOH 144 2144 2144 HOH HOH A . 
E 5 HOH 145 2145 2145 HOH HOH A . 
E 5 HOH 146 2146 2146 HOH HOH A . 
E 5 HOH 147 2147 2147 HOH HOH A . 
E 5 HOH 148 2148 2148 HOH HOH A . 
E 5 HOH 149 2149 2149 HOH HOH A . 
E 5 HOH 150 2150 2150 HOH HOH A . 
E 5 HOH 151 2151 2151 HOH HOH A . 
E 5 HOH 152 2152 2152 HOH HOH A . 
E 5 HOH 153 2153 2153 HOH HOH A . 
E 5 HOH 154 2154 2154 HOH HOH A . 
E 5 HOH 155 2155 2155 HOH HOH A . 
E 5 HOH 156 2156 2156 HOH HOH A . 
E 5 HOH 157 2157 2157 HOH HOH A . 
E 5 HOH 158 2158 2158 HOH HOH A . 
E 5 HOH 159 2159 2159 HOH HOH A . 
E 5 HOH 160 2160 2160 HOH HOH A . 
E 5 HOH 161 2161 2161 HOH HOH A . 
E 5 HOH 162 2162 2162 HOH HOH A . 
E 5 HOH 163 2163 2163 HOH HOH A . 
E 5 HOH 164 2164 2164 HOH HOH A . 
E 5 HOH 165 2165 2165 HOH HOH A . 
E 5 HOH 166 2166 2166 HOH HOH A . 
E 5 HOH 167 2167 2167 HOH HOH A . 
E 5 HOH 168 2168 2168 HOH HOH A . 
E 5 HOH 169 2169 2169 HOH HOH A . 
E 5 HOH 170 2170 2170 HOH HOH A . 
E 5 HOH 171 2171 2171 HOH HOH A . 
E 5 HOH 172 2172 2172 HOH HOH A . 
E 5 HOH 173 2173 2173 HOH HOH A . 
E 5 HOH 174 2174 2174 HOH HOH A . 
E 5 HOH 175 2175 2175 HOH HOH A . 
E 5 HOH 176 2176 2176 HOH HOH A . 
E 5 HOH 177 2177 2177 HOH HOH A . 
E 5 HOH 178 2178 2178 HOH HOH A . 
E 5 HOH 179 2179 2179 HOH HOH A . 
E 5 HOH 180 2180 2180 HOH HOH A . 
# 
loop_
_pdbx_unobs_or_zero_occ_atoms.id 
_pdbx_unobs_or_zero_occ_atoms.PDB_model_num 
_pdbx_unobs_or_zero_occ_atoms.polymer_flag 
_pdbx_unobs_or_zero_occ_atoms.occupancy_flag 
_pdbx_unobs_or_zero_occ_atoms.auth_asym_id 
_pdbx_unobs_or_zero_occ_atoms.auth_comp_id 
_pdbx_unobs_or_zero_occ_atoms.auth_seq_id 
_pdbx_unobs_or_zero_occ_atoms.PDB_ins_code 
_pdbx_unobs_or_zero_occ_atoms.auth_atom_id 
_pdbx_unobs_or_zero_occ_atoms.label_alt_id 
_pdbx_unobs_or_zero_occ_atoms.label_asym_id 
_pdbx_unobs_or_zero_occ_atoms.label_comp_id 
_pdbx_unobs_or_zero_occ_atoms.label_seq_id 
_pdbx_unobs_or_zero_occ_atoms.label_atom_id 
1 1 Y 1 A PHE 4 ? CG  ? A PHE 4 CG  
2 1 Y 1 A PHE 4 ? CD1 ? A PHE 4 CD1 
3 1 Y 1 A PHE 4 ? CD2 ? A PHE 4 CD2 
4 1 Y 1 A PHE 4 ? CE1 ? A PHE 4 CE1 
5 1 Y 1 A PHE 4 ? CE2 ? A PHE 4 CE2 
6 1 Y 1 A PHE 4 ? CZ  ? A PHE 4 CZ  
# 
loop_
_software.name 
_software.classification 
_software.version 
_software.citation_id 
_software.pdbx_ordinal 
REFMAC refinement       . ? 1 
DENZO  'data reduction' . ? 2 
SCALA  'data scaling'   . ? 3 
SHARP  phasing          . ? 4 
# 
_cell.entry_id           1GMM 
_cell.length_a           59.650 
_cell.length_b           59.650 
_cell.length_c           157.450 
_cell.angle_alpha        90.00 
_cell.angle_beta         90.00 
_cell.angle_gamma        120.00 
_cell.Z_PDB              12 
_cell.pdbx_unique_axis   ? 
# 
_symmetry.entry_id                         1GMM 
_symmetry.space_group_name_H-M             'P 65 2 2' 
_symmetry.pdbx_full_space_group_name_H-M   ? 
_symmetry.cell_setting                     ? 
_symmetry.Int_Tables_number                179 
# 
_exptl.entry_id          1GMM 
_exptl.method            'X-RAY DIFFRACTION' 
_exptl.crystals_number   1 
# 
_exptl_crystal.id                    1 
_exptl_crystal.density_meas          ? 
_exptl_crystal.density_Matthews      2.73 
_exptl_crystal.density_percent_sol   55 
_exptl_crystal.description           ? 
# 
_exptl_crystal_grow.crystal_id      1 
_exptl_crystal_grow.method          ? 
_exptl_crystal_grow.temp            ? 
_exptl_crystal_grow.temp_details    ? 
_exptl_crystal_grow.pH              5.50 
_exptl_crystal_grow.pdbx_pH_range   ? 
_exptl_crystal_grow.pdbx_details    '30% PEG 4000, 100MM NA-CITRATE PH 5.5, 100MM (NH4)2SO4' 
# 
_diffrn.id                     1 
_diffrn.ambient_temp           100.0 
_diffrn.ambient_temp_details   ? 
_diffrn.crystal_id             1 
# 
_diffrn_detector.diffrn_id              1 
_diffrn_detector.detector               CCD 
_diffrn_detector.type                   ? 
_diffrn_detector.pdbx_collection_date   2000-12-15 
_diffrn_detector.details                MIRRORS 
# 
_diffrn_radiation.diffrn_id                        1 
_diffrn_radiation.wavelength_id                    1 
_diffrn_radiation.pdbx_monochromatic_or_laue_m_l   M 
_diffrn_radiation.monochromator                    ? 
_diffrn_radiation.pdbx_diffrn_protocol             MAD 
_diffrn_radiation.pdbx_scattering_type             x-ray 
# 
loop_
_diffrn_radiation_wavelength.id 
_diffrn_radiation_wavelength.wavelength 
_diffrn_radiation_wavelength.wt 
1 0.9793 1.0 
2 0.9795 1.0 
3 0.9465 1.0 
4 0.933  1.0 
# 
_diffrn_source.diffrn_id                   1 
_diffrn_source.source                      SYNCHROTRON 
_diffrn_source.type                        'ESRF BEAMLINE ID14-4' 
_diffrn_source.pdbx_synchrotron_site       ESRF 
_diffrn_source.pdbx_synchrotron_beamline   ID14-4 
_diffrn_source.pdbx_wavelength             ? 
_diffrn_source.pdbx_wavelength_list        '0.9793, 0.9795, 0.9465, 0.933' 
# 
_reflns.pdbx_diffrn_id               1 
_reflns.pdbx_ordinal                 1 
_reflns.entry_id                     1GMM 
_reflns.observed_criterion_sigma_I   0.010 
_reflns.observed_criterion_sigma_F   ? 
_reflns.d_resolution_low             39.220 
_reflns.d_resolution_high            2.000 
_reflns.number_obs                   11981 
_reflns.number_all                   ? 
_reflns.percent_possible_obs         99.3 
_reflns.pdbx_Rmerge_I_obs            0.05000 
_reflns.pdbx_Rsym_value              ? 
_reflns.pdbx_netI_over_sigmaI        9.3000 
_reflns.B_iso_Wilson_estimate        ? 
_reflns.pdbx_redundancy              6.600 
# 
_reflns_shell.pdbx_diffrn_id         1 
_reflns_shell.pdbx_ordinal           1 
_reflns_shell.d_res_high             2.00 
_reflns_shell.d_res_low              2.11 
_reflns_shell.percent_possible_all   98.2 
_reflns_shell.Rmerge_I_obs           0.20400 
_reflns_shell.pdbx_Rsym_value        ? 
_reflns_shell.meanI_over_sigI_obs    1.200 
_reflns_shell.pdbx_redundancy        6.20 
# 
_refine.pdbx_refine_id                           'X-RAY DIFFRACTION' 
_refine.entry_id                                 1GMM 
_refine.pdbx_diffrn_id                           1 
_refine.pdbx_TLS_residual_ADP_flag               ? 
_refine.ls_number_reflns_obs                     11375 
_refine.ls_number_reflns_all                     ? 
_refine.pdbx_ls_sigma_I                          ? 
_refine.pdbx_ls_sigma_F                          0.01 
_refine.pdbx_data_cutoff_high_absF               ? 
_refine.pdbx_data_cutoff_low_absF                ? 
_refine.pdbx_data_cutoff_high_rms_absF           ? 
_refine.ls_d_res_low                             39.00 
_refine.ls_d_res_high                            2.0 
_refine.ls_percent_reflns_obs                    99.3 
_refine.ls_R_factor_obs                          0.20809 
_refine.ls_R_factor_all                          ? 
_refine.ls_R_factor_R_work                       0.2077 
_refine.ls_R_factor_R_free                       0.2159 
_refine.ls_R_factor_R_free_error                 ? 
_refine.ls_R_factor_R_free_error_details         ? 
_refine.ls_percent_reflns_R_free                 4.8 
_refine.ls_number_reflns_R_free                  571 
_refine.ls_number_parameters                     ? 
_refine.ls_number_restraints                     ? 
_refine.occupancy_min                            ? 
_refine.occupancy_max                            ? 
_refine.correlation_coeff_Fo_to_Fc               ? 
_refine.correlation_coeff_Fo_to_Fc_free          ? 
_refine.B_iso_mean                               ? 
_refine.aniso_B[1][1]                            ? 
_refine.aniso_B[2][2]                            ? 
_refine.aniso_B[3][3]                            ? 
_refine.aniso_B[1][2]                            ? 
_refine.aniso_B[1][3]                            ? 
_refine.aniso_B[2][3]                            ? 
_refine.solvent_model_details                    ? 
_refine.solvent_model_param_ksol                 ? 
_refine.solvent_model_param_bsol                 ? 
_refine.pdbx_solvent_vdw_probe_radii             ? 
_refine.pdbx_solvent_ion_probe_radii             ? 
_refine.pdbx_solvent_shrinkage_radii             ? 
_refine.pdbx_ls_cross_valid_method               THROUGHOUT 
_refine.details                                  
;TLS REFINEMENT WAS PERFORMED ON 6 GROUPS. FOUR RESIDUES, THR A 65, THR A 67, SER A 99 AND THR A 103 HAVE BEEN MODELED WITH MULTIPLE ALTERNATE CONFORMATIONS.
;
_refine.pdbx_starting_model                      ? 
_refine.pdbx_method_to_determine_struct          MAD 
_refine.pdbx_isotropic_thermal_model             ? 
_refine.pdbx_stereochemistry_target_values       ? 
_refine.pdbx_stereochem_target_val_spec_case     ? 
_refine.pdbx_R_Free_selection_details            RANDOM 
_refine.pdbx_overall_ESU_R                       ? 
_refine.pdbx_overall_ESU_R_Free                  0.142 
_refine.overall_SU_ML                            0.095 
_refine.pdbx_overall_phase_error                 ? 
_refine.overall_SU_B                             3.345 
_refine.overall_SU_R_Cruickshank_DPI             ? 
_refine.pdbx_overall_SU_R_free_Cruickshank_DPI   ? 
_refine.pdbx_overall_SU_R_Blow_DPI               ? 
_refine.pdbx_overall_SU_R_free_Blow_DPI          ? 
# 
_refine_hist.pdbx_refine_id                   'X-RAY DIFFRACTION' 
_refine_hist.cycle_id                         LAST 
_refine_hist.pdbx_number_atoms_protein        942 
_refine_hist.pdbx_number_atoms_nucleic_acid   0 
_refine_hist.pdbx_number_atoms_ligand         7 
_refine_hist.number_atoms_solvent             180 
_refine_hist.number_atoms_total               1129 
_refine_hist.d_res_high                       2.0 
_refine_hist.d_res_low                        39.00 
# 
_struct.entry_id                  1GMM 
_struct.title                     'Carbohydrate binding module CBM6 from xylanase U Clostridium thermocellum' 
_struct.pdbx_model_details        ? 
_struct.pdbx_CASP_flag            ? 
_struct.pdbx_model_type_details   ? 
# 
_struct_keywords.entry_id        1GMM 
_struct_keywords.pdbx_keywords   XYLANASE 
_struct_keywords.text            'XYLANASE, CARBOHYDRATE BINDING MODULE, CBM FAMILY 6, XYLAN BINDING' 
# 
loop_
_struct_asym.id 
_struct_asym.pdbx_blank_PDB_chainid_flag 
_struct_asym.pdbx_modified 
_struct_asym.entity_id 
_struct_asym.details 
A N N 1 ? 
B N N 2 ? 
C N N 3 ? 
D N N 4 ? 
E N N 5 ? 
# 
_struct_ref.id                         1 
_struct_ref.db_name                    UNP 
_struct_ref.db_code                    O52780 
_struct_ref.entity_id                  1 
_struct_ref.pdbx_seq_one_letter_code   ? 
_struct_ref.pdbx_align_begin           ? 
_struct_ref.pdbx_db_accession          O52780 
_struct_ref.pdbx_db_isoform            ? 
# 
_struct_ref_seq.align_id                      1 
_struct_ref_seq.ref_id                        1 
_struct_ref_seq.pdbx_PDB_id_code              1GMM 
_struct_ref_seq.pdbx_strand_id                A 
_struct_ref_seq.seq_align_beg                 1 
_struct_ref_seq.pdbx_seq_align_beg_ins_code   ? 
_struct_ref_seq.seq_align_end                 133 
_struct_ref_seq.pdbx_seq_align_end_ins_code   ? 
_struct_ref_seq.pdbx_db_accession             O52780 
_struct_ref_seq.db_align_beg                  248 
_struct_ref_seq.pdbx_db_align_beg_ins_code    ? 
_struct_ref_seq.db_align_end                  380 
_struct_ref_seq.pdbx_db_align_end_ins_code    ? 
_struct_ref_seq.pdbx_auth_seq_align_beg       1 
_struct_ref_seq.pdbx_auth_seq_align_end       133 
# 
_pdbx_struct_assembly.id                   1 
_pdbx_struct_assembly.details              author_and_software_defined_assembly 
_pdbx_struct_assembly.method_details       PQS 
_pdbx_struct_assembly.oligomeric_details   monomeric 
_pdbx_struct_assembly.oligomeric_count     1 
# 
_pdbx_struct_assembly_gen.assembly_id       1 
_pdbx_struct_assembly_gen.oper_expression   1 
_pdbx_struct_assembly_gen.asym_id_list      A,B,C,D,E 
# 
_pdbx_struct_oper_list.id                   1 
_pdbx_struct_oper_list.type                 'identity operation' 
_pdbx_struct_oper_list.name                 1_555 
_pdbx_struct_oper_list.symmetry_operation   x,y,z 
_pdbx_struct_oper_list.matrix[1][1]         1.0000000000 
_pdbx_struct_oper_list.matrix[1][2]         0.0000000000 
_pdbx_struct_oper_list.matrix[1][3]         0.0000000000 
_pdbx_struct_oper_list.vector[1]            0.0000000000 
_pdbx_struct_oper_list.matrix[2][1]         0.0000000000 
_pdbx_struct_oper_list.matrix[2][2]         1.0000000000 
_pdbx_struct_oper_list.matrix[2][3]         0.0000000000 
_pdbx_struct_oper_list.vector[2]            0.0000000000 
_pdbx_struct_oper_list.matrix[3][1]         0.0000000000 
_pdbx_struct_oper_list.matrix[3][2]         0.0000000000 
_pdbx_struct_oper_list.matrix[3][3]         1.0000000000 
_pdbx_struct_oper_list.vector[3]            0.0000000000 
# 
_struct_biol.id   1 
# 
_struct_conf.conf_type_id            HELX_P 
_struct_conf.id                      HELX_P1 
_struct_conf.pdbx_PDB_helix_id       1 
_struct_conf.beg_label_comp_id       GLU 
_struct_conf.beg_label_asym_id       A 
_struct_conf.beg_label_seq_id        10 
_struct_conf.pdbx_beg_PDB_ins_code   ? 
_struct_conf.end_label_comp_id       TYR 
_struct_conf.end_label_asym_id       A 
_struct_conf.end_label_seq_id        12 
_struct_conf.pdbx_end_PDB_ins_code   ? 
_struct_conf.beg_auth_comp_id        GLU 
_struct_conf.beg_auth_asym_id        A 
_struct_conf.beg_auth_seq_id         10 
_struct_conf.end_auth_comp_id        TYR 
_struct_conf.end_auth_asym_id        A 
_struct_conf.end_auth_seq_id         12 
_struct_conf.pdbx_PDB_helix_class    5 
_struct_conf.details                 ? 
_struct_conf.pdbx_PDB_helix_length   3 
# 
_struct_conf_type.id          HELX_P 
_struct_conf_type.criteria    ? 
_struct_conf_type.reference   ? 
# 
loop_
_struct_conn.id 
_struct_conn.conn_type_id 
_struct_conn.pdbx_leaving_atom_flag 
_struct_conn.pdbx_PDB_id 
_struct_conn.ptnr1_label_asym_id 
_struct_conn.ptnr1_label_comp_id 
_struct_conn.ptnr1_label_seq_id 
_struct_conn.ptnr1_label_atom_id 
_struct_conn.pdbx_ptnr1_label_alt_id 
_struct_conn.pdbx_ptnr1_PDB_ins_code 
_struct_conn.pdbx_ptnr1_standard_comp_id 
_struct_conn.ptnr1_symmetry 
_struct_conn.ptnr2_label_asym_id 
_struct_conn.ptnr2_label_comp_id 
_struct_conn.ptnr2_label_seq_id 
_struct_conn.ptnr2_label_atom_id 
_struct_conn.pdbx_ptnr2_label_alt_id 
_struct_conn.pdbx_ptnr2_PDB_ins_code 
_struct_conn.ptnr1_auth_asym_id 
_struct_conn.ptnr1_auth_comp_id 
_struct_conn.ptnr1_auth_seq_id 
_struct_conn.ptnr2_auth_asym_id 
_struct_conn.ptnr2_auth_comp_id 
_struct_conn.ptnr2_auth_seq_id 
_struct_conn.ptnr2_symmetry 
_struct_conn.pdbx_ptnr3_label_atom_id 
_struct_conn.pdbx_ptnr3_label_seq_id 
_struct_conn.pdbx_ptnr3_label_comp_id 
_struct_conn.pdbx_ptnr3_label_asym_id 
_struct_conn.pdbx_ptnr3_label_alt_id 
_struct_conn.pdbx_ptnr3_PDB_ins_code 
_struct_conn.details 
_struct_conn.pdbx_dist_value 
_struct_conn.pdbx_value_order 
_struct_conn.pdbx_role 
metalc1 metalc ? ? A GLU 8   OE1 ? ? ? 1_555 D CA  . CA ? ? A GLU 8    A CA  1132 1_555 ? ? ? ? ? ? ? 2.334 ? ? 
metalc2 metalc ? ? A GLU 10  OE1 ? ? ? 1_555 D CA  . CA ? ? A GLU 10   A CA  1132 1_555 ? ? ? ? ? ? ? 2.318 ? ? 
metalc3 metalc ? ? A GLU 10  OE2 ? ? ? 1_555 D CA  . CA ? ? A GLU 10   A CA  1132 1_555 ? ? ? ? ? ? ? 2.903 ? ? 
metalc4 metalc ? ? A SER 30  O   ? ? ? 1_555 D CA  . CA ? ? A SER 30   A CA  1132 1_555 ? ? ? ? ? ? ? 2.284 ? ? 
metalc5 metalc ? ? A ASP 122 O   ? ? ? 1_555 D CA  . CA ? ? A ASP 122  A CA  1132 1_555 ? ? ? ? ? ? ? 2.458 ? ? 
metalc6 metalc ? ? A ASP 122 OD1 ? ? ? 1_555 D CA  . CA ? ? A ASP 122  A CA  1132 1_555 ? ? ? ? ? ? ? 2.237 ? ? 
metalc7 metalc ? ? D CA  .   CA  ? ? ? 1_555 E HOH . O  ? ? A CA  1132 A HOH 2018 1_555 ? ? ? ? ? ? ? 3.325 ? ? 
metalc8 metalc ? ? D CA  .   CA  ? ? ? 1_555 E HOH . O  ? ? A CA  1132 A HOH 2019 1_555 ? ? ? ? ? ? ? 2.999 ? ? 
# 
_struct_conn_type.id          metalc 
_struct_conn_type.criteria    ? 
_struct_conn_type.reference   ? 
# 
loop_
_pdbx_struct_conn_angle.id 
_pdbx_struct_conn_angle.ptnr1_label_atom_id 
_pdbx_struct_conn_angle.ptnr1_label_alt_id 
_pdbx_struct_conn_angle.ptnr1_label_asym_id 
_pdbx_struct_conn_angle.ptnr1_label_comp_id 
_pdbx_struct_conn_angle.ptnr1_label_seq_id 
_pdbx_struct_conn_angle.ptnr1_auth_atom_id 
_pdbx_struct_conn_angle.ptnr1_auth_asym_id 
_pdbx_struct_conn_angle.ptnr1_auth_comp_id 
_pdbx_struct_conn_angle.ptnr1_auth_seq_id 
_pdbx_struct_conn_angle.ptnr1_PDB_ins_code 
_pdbx_struct_conn_angle.ptnr1_symmetry 
_pdbx_struct_conn_angle.ptnr2_label_atom_id 
_pdbx_struct_conn_angle.ptnr2_label_alt_id 
_pdbx_struct_conn_angle.ptnr2_label_asym_id 
_pdbx_struct_conn_angle.ptnr2_label_comp_id 
_pdbx_struct_conn_angle.ptnr2_label_seq_id 
_pdbx_struct_conn_angle.ptnr2_auth_atom_id 
_pdbx_struct_conn_angle.ptnr2_auth_asym_id 
_pdbx_struct_conn_angle.ptnr2_auth_comp_id 
_pdbx_struct_conn_angle.ptnr2_auth_seq_id 
_pdbx_struct_conn_angle.ptnr2_PDB_ins_code 
_pdbx_struct_conn_angle.ptnr2_symmetry 
_pdbx_struct_conn_angle.ptnr3_label_atom_id 
_pdbx_struct_conn_angle.ptnr3_label_alt_id 
_pdbx_struct_conn_angle.ptnr3_label_asym_id 
_pdbx_struct_conn_angle.ptnr3_label_comp_id 
_pdbx_struct_conn_angle.ptnr3_label_seq_id 
_pdbx_struct_conn_angle.ptnr3_auth_atom_id 
_pdbx_struct_conn_angle.ptnr3_auth_asym_id 
_pdbx_struct_conn_angle.ptnr3_auth_comp_id 
_pdbx_struct_conn_angle.ptnr3_auth_seq_id 
_pdbx_struct_conn_angle.ptnr3_PDB_ins_code 
_pdbx_struct_conn_angle.ptnr3_symmetry 
_pdbx_struct_conn_angle.value 
_pdbx_struct_conn_angle.value_esd 
1  OE1 ? A GLU 8   ? A GLU 8    ? 1_555 CA ? D CA . ? A CA 1132 ? 1_555 OE1 ? A GLU 10  ? A GLU 10   ? 1_555 106.0 ? 
2  OE1 ? A GLU 8   ? A GLU 8    ? 1_555 CA ? D CA . ? A CA 1132 ? 1_555 OE2 ? A GLU 10  ? A GLU 10   ? 1_555 83.3  ? 
3  OE1 ? A GLU 10  ? A GLU 10   ? 1_555 CA ? D CA . ? A CA 1132 ? 1_555 OE2 ? A GLU 10  ? A GLU 10   ? 1_555 48.0  ? 
4  OE1 ? A GLU 8   ? A GLU 8    ? 1_555 CA ? D CA . ? A CA 1132 ? 1_555 O   ? A SER 30  ? A SER 30   ? 1_555 151.5 ? 
5  OE1 ? A GLU 10  ? A GLU 10   ? 1_555 CA ? D CA . ? A CA 1132 ? 1_555 O   ? A SER 30  ? A SER 30   ? 1_555 87.1  ? 
6  OE2 ? A GLU 10  ? A GLU 10   ? 1_555 CA ? D CA . ? A CA 1132 ? 1_555 O   ? A SER 30  ? A SER 30   ? 1_555 87.4  ? 
7  OE1 ? A GLU 8   ? A GLU 8    ? 1_555 CA ? D CA . ? A CA 1132 ? 1_555 O   ? A ASP 122 ? A ASP 122  ? 1_555 96.3  ? 
8  OE1 ? A GLU 10  ? A GLU 10   ? 1_555 CA ? D CA . ? A CA 1132 ? 1_555 O   ? A ASP 122 ? A ASP 122  ? 1_555 87.9  ? 
9  OE2 ? A GLU 10  ? A GLU 10   ? 1_555 CA ? D CA . ? A CA 1132 ? 1_555 O   ? A ASP 122 ? A ASP 122  ? 1_555 132.8 ? 
10 O   ? A SER 30  ? A SER 30   ? 1_555 CA ? D CA . ? A CA 1132 ? 1_555 O   ? A ASP 122 ? A ASP 122  ? 1_555 109.7 ? 
11 OE1 ? A GLU 8   ? A GLU 8    ? 1_555 CA ? D CA . ? A CA 1132 ? 1_555 OD1 ? A ASP 122 ? A ASP 122  ? 1_555 94.3  ? 
12 OE1 ? A GLU 10  ? A GLU 10   ? 1_555 CA ? D CA . ? A CA 1132 ? 1_555 OD1 ? A ASP 122 ? A ASP 122  ? 1_555 153.4 ? 
13 OE2 ? A GLU 10  ? A GLU 10   ? 1_555 CA ? D CA . ? A CA 1132 ? 1_555 OD1 ? A ASP 122 ? A ASP 122  ? 1_555 154.6 ? 
14 O   ? A SER 30  ? A SER 30   ? 1_555 CA ? D CA . ? A CA 1132 ? 1_555 OD1 ? A ASP 122 ? A ASP 122  ? 1_555 82.7  ? 
15 O   ? A ASP 122 ? A ASP 122  ? 1_555 CA ? D CA . ? A CA 1132 ? 1_555 OD1 ? A ASP 122 ? A ASP 122  ? 1_555 72.6  ? 
16 OE1 ? A GLU 8   ? A GLU 8    ? 1_555 CA ? D CA . ? A CA 1132 ? 1_555 O   ? E HOH .   ? A HOH 2018 ? 1_555 126.8 ? 
17 OE1 ? A GLU 10  ? A GLU 10   ? 1_555 CA ? D CA . ? A CA 1132 ? 1_555 O   ? E HOH .   ? A HOH 2018 ? 1_555 54.8  ? 
18 OE2 ? A GLU 10  ? A GLU 10   ? 1_555 CA ? D CA . ? A CA 1132 ? 1_555 O   ? E HOH .   ? A HOH 2018 ? 1_555 102.3 ? 
19 O   ? A SER 30  ? A SER 30   ? 1_555 CA ? D CA . ? A CA 1132 ? 1_555 O   ? E HOH .   ? A HOH 2018 ? 1_555 81.5  ? 
20 O   ? A ASP 122 ? A ASP 122  ? 1_555 CA ? D CA . ? A CA 1132 ? 1_555 O   ? E HOH .   ? A HOH 2018 ? 1_555 42.2  ? 
21 OD1 ? A ASP 122 ? A ASP 122  ? 1_555 CA ? D CA . ? A CA 1132 ? 1_555 O   ? E HOH .   ? A HOH 2018 ? 1_555 99.3  ? 
22 OE1 ? A GLU 8   ? A GLU 8    ? 1_555 CA ? D CA . ? A CA 1132 ? 1_555 O   ? E HOH .   ? A HOH 2019 ? 1_555 74.3  ? 
23 OE1 ? A GLU 10  ? A GLU 10   ? 1_555 CA ? D CA . ? A CA 1132 ? 1_555 O   ? E HOH .   ? A HOH 2019 ? 1_555 100.4 ? 
24 OE2 ? A GLU 10  ? A GLU 10   ? 1_555 CA ? D CA . ? A CA 1132 ? 1_555 O   ? E HOH .   ? A HOH 2019 ? 1_555 53.4  ? 
25 O   ? A SER 30  ? A SER 30   ? 1_555 CA ? D CA . ? A CA 1132 ? 1_555 O   ? E HOH .   ? A HOH 2019 ? 1_555 78.5  ? 
26 O   ? A ASP 122 ? A ASP 122  ? 1_555 CA ? D CA . ? A CA 1132 ? 1_555 O   ? E HOH .   ? A HOH 2019 ? 1_555 168.8 ? 
27 OD1 ? A ASP 122 ? A ASP 122  ? 1_555 CA ? D CA . ? A CA 1132 ? 1_555 O   ? E HOH .   ? A HOH 2019 ? 1_555 101.6 ? 
28 O   ? E HOH .   ? A HOH 2018 ? 1_555 CA ? D CA . ? A CA 1132 ? 1_555 O   ? E HOH .   ? A HOH 2019 ? 1_555 148.9 ? 
# 
loop_
_struct_sheet.id 
_struct_sheet.type 
_struct_sheet.number_strands 
_struct_sheet.details 
AA ? 4 ? 
AB ? 5 ? 
AC ? 2 ? 
# 
loop_
_struct_sheet_order.sheet_id 
_struct_sheet_order.range_id_1 
_struct_sheet_order.range_id_2 
_struct_sheet_order.offset 
_struct_sheet_order.sense 
AA 1 2 ? anti-parallel 
AA 2 3 ? anti-parallel 
AA 3 4 ? anti-parallel 
AB 1 2 ? anti-parallel 
AB 2 3 ? anti-parallel 
AB 3 4 ? anti-parallel 
AB 4 5 ? anti-parallel 
AC 1 2 ? anti-parallel 
# 
loop_
_struct_sheet_range.sheet_id 
_struct_sheet_range.id 
_struct_sheet_range.beg_label_comp_id 
_struct_sheet_range.beg_label_asym_id 
_struct_sheet_range.beg_label_seq_id 
_struct_sheet_range.pdbx_beg_PDB_ins_code 
_struct_sheet_range.end_label_comp_id 
_struct_sheet_range.end_label_asym_id 
_struct_sheet_range.end_label_seq_id 
_struct_sheet_range.pdbx_end_PDB_ins_code 
_struct_sheet_range.beg_auth_comp_id 
_struct_sheet_range.beg_auth_asym_id 
_struct_sheet_range.beg_auth_seq_id 
_struct_sheet_range.end_auth_comp_id 
_struct_sheet_range.end_auth_asym_id 
_struct_sheet_range.end_auth_seq_id 
AA 1 LYS A 6   ? GLU A 8   ? LYS A 6   GLU A 8   
AA 2 ASN A 120 ? ASP A 127 ? ASN A 120 ASP A 127 
AA 3 ALA A 52  ? SER A 61  ? ALA A 52  SER A 61  
AA 4 GLY A 91  ? THR A 105 ? GLY A 91  THR A 105 
AB 1 SER A 14  ? LYS A 16  ? SER A 14  LYS A 16  
AB 2 TYR A 40  ? ASN A 47  ? TYR A 40  ASN A 47  
AB 3 GLN A 108 ? PHE A 115 ? GLN A 108 PHE A 115 
AB 4 THR A 67  ? LEU A 73  ? THR A 67  LEU A 73  
AB 5 THR A 79  ? VAL A 86  ? THR A 79  VAL A 86  
AC 1 GLN A 21  ? GLY A 24  ? GLN A 21  GLY A 24  
AC 2 SER A 30  ? GLY A 33  ? SER A 30  GLY A 33  
# 
loop_
_pdbx_struct_sheet_hbond.sheet_id 
_pdbx_struct_sheet_hbond.range_id_1 
_pdbx_struct_sheet_hbond.range_id_2 
_pdbx_struct_sheet_hbond.range_1_label_atom_id 
_pdbx_struct_sheet_hbond.range_1_label_comp_id 
_pdbx_struct_sheet_hbond.range_1_label_asym_id 
_pdbx_struct_sheet_hbond.range_1_label_seq_id 
_pdbx_struct_sheet_hbond.range_1_PDB_ins_code 
_pdbx_struct_sheet_hbond.range_1_auth_atom_id 
_pdbx_struct_sheet_hbond.range_1_auth_comp_id 
_pdbx_struct_sheet_hbond.range_1_auth_asym_id 
_pdbx_struct_sheet_hbond.range_1_auth_seq_id 
_pdbx_struct_sheet_hbond.range_2_label_atom_id 
_pdbx_struct_sheet_hbond.range_2_label_comp_id 
_pdbx_struct_sheet_hbond.range_2_label_asym_id 
_pdbx_struct_sheet_hbond.range_2_label_seq_id 
_pdbx_struct_sheet_hbond.range_2_PDB_ins_code 
_pdbx_struct_sheet_hbond.range_2_auth_atom_id 
_pdbx_struct_sheet_hbond.range_2_auth_comp_id 
_pdbx_struct_sheet_hbond.range_2_auth_asym_id 
_pdbx_struct_sheet_hbond.range_2_auth_seq_id 
AA 1 2 N ILE A 7   ? N ILE A 7   O PHE A 124 ? O PHE A 124 
AA 2 3 O ASP A 127 ? O ASP A 127 N ASN A 53  ? N ASN A 53  
AA 3 4 O SER A 61  ? O SER A 61  N GLY A 91  ? N GLY A 91  
AB 1 2 N LYS A 16  ? N LYS A 16  O TYR A 40  ? O TYR A 40  
AB 2 3 N ILE A 46  ? N ILE A 46  O HIS A 109 ? O HIS A 109 
AB 3 4 N VAL A 114 ? N VAL A 114 O GLN A 70  ? O GLN A 70  
AB 4 5 N LEU A 73  ? N LEU A 73  O THR A 79  ? O THR A 79  
AC 1 2 N ILE A 23  ? N ILE A 23  O GLY A 31  ? O GLY A 31  
# 
loop_
_struct_site.id 
_struct_site.pdbx_evidence_code 
_struct_site.pdbx_auth_asym_id 
_struct_site.pdbx_auth_comp_id 
_struct_site.pdbx_auth_seq_id 
_struct_site.pdbx_auth_ins_code 
_struct_site.pdbx_num_residues 
_struct_site.details 
AC1 Software ? ? ? ? 7 'BINDING SITE FOR RESIDUE SO4 A1130' 
AC2 Software ? ? ? ? 6 'BINDING SITE FOR RESIDUE NA A1131'  
AC3 Software ? ? ? ? 5 'BINDING SITE FOR RESIDUE CA A1132'  
# 
loop_
_struct_site_gen.id 
_struct_site_gen.site_id 
_struct_site_gen.pdbx_num_res 
_struct_site_gen.label_comp_id 
_struct_site_gen.label_asym_id 
_struct_site_gen.label_seq_id 
_struct_site_gen.pdbx_auth_ins_code 
_struct_site_gen.auth_comp_id 
_struct_site_gen.auth_asym_id 
_struct_site_gen.auth_seq_id 
_struct_site_gen.label_atom_id 
_struct_site_gen.label_alt_id 
_struct_site_gen.symmetry 
_struct_site_gen.details 
1  AC1 7 GLY A 91  ? GLY A 91   . ? 1_555 ? 
2  AC1 7 TRP A 92  ? TRP A 92   . ? 1_555 ? 
3  AC1 7 ASN A 93  ? ASN A 93   . ? 1_555 ? 
4  AC1 7 SER A 101 ? SER A 101  . ? 1_555 ? 
5  AC1 7 HOH E .   ? HOH A 2178 . ? 1_555 ? 
6  AC1 7 HOH E .   ? HOH A 2179 . ? 1_555 ? 
7  AC1 7 HOH E .   ? HOH A 2180 . ? 1_555 ? 
8  AC2 6 TYR A 34  ? TYR A 34   . ? 1_555 ? 
9  AC2 6 ILE A 35  ? ILE A 35   . ? 1_555 ? 
10 AC2 6 ASP A 64  ? ASP A 64   . ? 1_555 ? 
11 AC2 6 PRO A 118 ? PRO A 118  . ? 1_555 ? 
12 AC2 6 VAL A 119 ? VAL A 119  . ? 1_555 ? 
13 AC2 6 ASN A 120 ? ASN A 120  . ? 1_555 ? 
14 AC3 5 GLU A 8   ? GLU A 8    . ? 1_555 ? 
15 AC3 5 GLU A 10  ? GLU A 10   . ? 1_555 ? 
16 AC3 5 SER A 30  ? SER A 30   . ? 1_555 ? 
17 AC3 5 ASP A 122 ? ASP A 122  . ? 1_555 ? 
18 AC3 5 HOH E .   ? HOH A 2019 . ? 1_555 ? 
# 
_pdbx_validate_close_contact.id               1 
_pdbx_validate_close_contact.PDB_model_num    1 
_pdbx_validate_close_contact.auth_atom_id_1   OG 
_pdbx_validate_close_contact.auth_asym_id_1   A 
_pdbx_validate_close_contact.auth_comp_id_1   SER 
_pdbx_validate_close_contact.auth_seq_id_1    9 
_pdbx_validate_close_contact.PDB_ins_code_1   ? 
_pdbx_validate_close_contact.label_alt_id_1   ? 
_pdbx_validate_close_contact.auth_atom_id_2   O 
_pdbx_validate_close_contact.auth_asym_id_2   A 
_pdbx_validate_close_contact.auth_comp_id_2   HOH 
_pdbx_validate_close_contact.auth_seq_id_2    2018 
_pdbx_validate_close_contact.PDB_ins_code_2   ? 
_pdbx_validate_close_contact.label_alt_id_2   ? 
_pdbx_validate_close_contact.dist             1.97 
# 
loop_
_pdbx_validate_torsion.id 
_pdbx_validate_torsion.PDB_model_num 
_pdbx_validate_torsion.auth_comp_id 
_pdbx_validate_torsion.auth_asym_id 
_pdbx_validate_torsion.auth_seq_id 
_pdbx_validate_torsion.PDB_ins_code 
_pdbx_validate_torsion.label_alt_id 
_pdbx_validate_torsion.phi 
_pdbx_validate_torsion.psi 
1 1 SER A 5  ? ? -50.50  -108.77 
2 1 GLU A 11 ? ? -94.87  31.61   
3 1 SER A 17 ? ? 179.54  155.02  
4 1 THR A 19 ? ? -134.71 -31.08  
5 1 LYS A 45 ? ? 38.80   60.39   
# 
loop_
_pdbx_distant_solvent_atoms.id 
_pdbx_distant_solvent_atoms.PDB_model_num 
_pdbx_distant_solvent_atoms.auth_atom_id 
_pdbx_distant_solvent_atoms.label_alt_id 
_pdbx_distant_solvent_atoms.auth_asym_id 
_pdbx_distant_solvent_atoms.auth_comp_id 
_pdbx_distant_solvent_atoms.auth_seq_id 
_pdbx_distant_solvent_atoms.PDB_ins_code 
_pdbx_distant_solvent_atoms.neighbor_macromolecule_distance 
_pdbx_distant_solvent_atoms.neighbor_ligand_distance 
1 1 O ? A HOH 2004 ? 6.22 . 
2 1 O ? A HOH 2005 ? 5.84 . 
3 1 O ? A HOH 2041 ? 6.85 . 
4 1 O ? A HOH 2042 ? 5.84 . 
5 1 O ? A HOH 2044 ? 6.99 . 
# 
loop_
_pdbx_unobs_or_zero_occ_residues.id 
_pdbx_unobs_or_zero_occ_residues.PDB_model_num 
_pdbx_unobs_or_zero_occ_residues.polymer_flag 
_pdbx_unobs_or_zero_occ_residues.occupancy_flag 
_pdbx_unobs_or_zero_occ_residues.auth_asym_id 
_pdbx_unobs_or_zero_occ_residues.auth_comp_id 
_pdbx_unobs_or_zero_occ_residues.auth_seq_id 
_pdbx_unobs_or_zero_occ_residues.PDB_ins_code 
_pdbx_unobs_or_zero_occ_residues.label_asym_id 
_pdbx_unobs_or_zero_occ_residues.label_comp_id 
_pdbx_unobs_or_zero_occ_residues.label_seq_id 
1 1 Y 1 A ARG 1   ? A ARG 1   
2 1 Y 1 A SER 2   ? A SER 2   
3 1 Y 1 A ALA 3   ? A ALA 3   
4 1 Y 1 A GLY 130 ? A GLY 130 
5 1 Y 1 A VAL 131 ? A VAL 131 
6 1 Y 1 A ASN 132 ? A ASN 132 
7 1 Y 1 A PRO 133 ? A PRO 133 
# 
loop_
_chem_comp_atom.comp_id 
_chem_comp_atom.atom_id 
_chem_comp_atom.type_symbol 
_chem_comp_atom.pdbx_aromatic_flag 
_chem_comp_atom.pdbx_stereo_config 
_chem_comp_atom.pdbx_ordinal 
ALA N    N  N N 1   
ALA CA   C  N S 2   
ALA C    C  N N 3   
ALA O    O  N N 4   
ALA CB   C  N N 5   
ALA OXT  O  N N 6   
ALA H    H  N N 7   
ALA H2   H  N N 8   
ALA HA   H  N N 9   
ALA HB1  H  N N 10  
ALA HB2  H  N N 11  
ALA HB3  H  N N 12  
ALA HXT  H  N N 13  
ARG N    N  N N 14  
ARG CA   C  N S 15  
ARG C    C  N N 16  
ARG O    O  N N 17  
ARG CB   C  N N 18  
ARG CG   C  N N 19  
ARG CD   C  N N 20  
ARG NE   N  N N 21  
ARG CZ   C  N N 22  
ARG NH1  N  N N 23  
ARG NH2  N  N N 24  
ARG OXT  O  N N 25  
ARG H    H  N N 26  
ARG H2   H  N N 27  
ARG HA   H  N N 28  
ARG HB2  H  N N 29  
ARG HB3  H  N N 30  
ARG HG2  H  N N 31  
ARG HG3  H  N N 32  
ARG HD2  H  N N 33  
ARG HD3  H  N N 34  
ARG HE   H  N N 35  
ARG HH11 H  N N 36  
ARG HH12 H  N N 37  
ARG HH21 H  N N 38  
ARG HH22 H  N N 39  
ARG HXT  H  N N 40  
ASN N    N  N N 41  
ASN CA   C  N S 42  
ASN C    C  N N 43  
ASN O    O  N N 44  
ASN CB   C  N N 45  
ASN CG   C  N N 46  
ASN OD1  O  N N 47  
ASN ND2  N  N N 48  
ASN OXT  O  N N 49  
ASN H    H  N N 50  
ASN H2   H  N N 51  
ASN HA   H  N N 52  
ASN HB2  H  N N 53  
ASN HB3  H  N N 54  
ASN HD21 H  N N 55  
ASN HD22 H  N N 56  
ASN HXT  H  N N 57  
ASP N    N  N N 58  
ASP CA   C  N S 59  
ASP C    C  N N 60  
ASP O    O  N N 61  
ASP CB   C  N N 62  
ASP CG   C  N N 63  
ASP OD1  O  N N 64  
ASP OD2  O  N N 65  
ASP OXT  O  N N 66  
ASP H    H  N N 67  
ASP H2   H  N N 68  
ASP HA   H  N N 69  
ASP HB2  H  N N 70  
ASP HB3  H  N N 71  
ASP HD2  H  N N 72  
ASP HXT  H  N N 73  
CA  CA   CA N N 74  
CYS N    N  N N 75  
CYS CA   C  N R 76  
CYS C    C  N N 77  
CYS O    O  N N 78  
CYS CB   C  N N 79  
CYS SG   S  N N 80  
CYS OXT  O  N N 81  
CYS H    H  N N 82  
CYS H2   H  N N 83  
CYS HA   H  N N 84  
CYS HB2  H  N N 85  
CYS HB3  H  N N 86  
CYS HG   H  N N 87  
CYS HXT  H  N N 88  
GLN N    N  N N 89  
GLN CA   C  N S 90  
GLN C    C  N N 91  
GLN O    O  N N 92  
GLN CB   C  N N 93  
GLN CG   C  N N 94  
GLN CD   C  N N 95  
GLN OE1  O  N N 96  
GLN NE2  N  N N 97  
GLN OXT  O  N N 98  
GLN H    H  N N 99  
GLN H2   H  N N 100 
GLN HA   H  N N 101 
GLN HB2  H  N N 102 
GLN HB3  H  N N 103 
GLN HG2  H  N N 104 
GLN HG3  H  N N 105 
GLN HE21 H  N N 106 
GLN HE22 H  N N 107 
GLN HXT  H  N N 108 
GLU N    N  N N 109 
GLU CA   C  N S 110 
GLU C    C  N N 111 
GLU O    O  N N 112 
GLU CB   C  N N 113 
GLU CG   C  N N 114 
GLU CD   C  N N 115 
GLU OE1  O  N N 116 
GLU OE2  O  N N 117 
GLU OXT  O  N N 118 
GLU H    H  N N 119 
GLU H2   H  N N 120 
GLU HA   H  N N 121 
GLU HB2  H  N N 122 
GLU HB3  H  N N 123 
GLU HG2  H  N N 124 
GLU HG3  H  N N 125 
GLU HE2  H  N N 126 
GLU HXT  H  N N 127 
GLY N    N  N N 128 
GLY CA   C  N N 129 
GLY C    C  N N 130 
GLY O    O  N N 131 
GLY OXT  O  N N 132 
GLY H    H  N N 133 
GLY H2   H  N N 134 
GLY HA2  H  N N 135 
GLY HA3  H  N N 136 
GLY HXT  H  N N 137 
HIS N    N  N N 138 
HIS CA   C  N S 139 
HIS C    C  N N 140 
HIS O    O  N N 141 
HIS CB   C  N N 142 
HIS CG   C  Y N 143 
HIS ND1  N  Y N 144 
HIS CD2  C  Y N 145 
HIS CE1  C  Y N 146 
HIS NE2  N  Y N 147 
HIS OXT  O  N N 148 
HIS H    H  N N 149 
HIS H2   H  N N 150 
HIS HA   H  N N 151 
HIS HB2  H  N N 152 
HIS HB3  H  N N 153 
HIS HD1  H  N N 154 
HIS HD2  H  N N 155 
HIS HE1  H  N N 156 
HIS HE2  H  N N 157 
HIS HXT  H  N N 158 
HOH O    O  N N 159 
HOH H1   H  N N 160 
HOH H2   H  N N 161 
ILE N    N  N N 162 
ILE CA   C  N S 163 
ILE C    C  N N 164 
ILE O    O  N N 165 
ILE CB   C  N S 166 
ILE CG1  C  N N 167 
ILE CG2  C  N N 168 
ILE CD1  C  N N 169 
ILE OXT  O  N N 170 
ILE H    H  N N 171 
ILE H2   H  N N 172 
ILE HA   H  N N 173 
ILE HB   H  N N 174 
ILE HG12 H  N N 175 
ILE HG13 H  N N 176 
ILE HG21 H  N N 177 
ILE HG22 H  N N 178 
ILE HG23 H  N N 179 
ILE HD11 H  N N 180 
ILE HD12 H  N N 181 
ILE HD13 H  N N 182 
ILE HXT  H  N N 183 
LEU N    N  N N 184 
LEU CA   C  N S 185 
LEU C    C  N N 186 
LEU O    O  N N 187 
LEU CB   C  N N 188 
LEU CG   C  N N 189 
LEU CD1  C  N N 190 
LEU CD2  C  N N 191 
LEU OXT  O  N N 192 
LEU H    H  N N 193 
LEU H2   H  N N 194 
LEU HA   H  N N 195 
LEU HB2  H  N N 196 
LEU HB3  H  N N 197 
LEU HG   H  N N 198 
LEU HD11 H  N N 199 
LEU HD12 H  N N 200 
LEU HD13 H  N N 201 
LEU HD21 H  N N 202 
LEU HD22 H  N N 203 
LEU HD23 H  N N 204 
LEU HXT  H  N N 205 
LYS N    N  N N 206 
LYS CA   C  N S 207 
LYS C    C  N N 208 
LYS O    O  N N 209 
LYS CB   C  N N 210 
LYS CG   C  N N 211 
LYS CD   C  N N 212 
LYS CE   C  N N 213 
LYS NZ   N  N N 214 
LYS OXT  O  N N 215 
LYS H    H  N N 216 
LYS H2   H  N N 217 
LYS HA   H  N N 218 
LYS HB2  H  N N 219 
LYS HB3  H  N N 220 
LYS HG2  H  N N 221 
LYS HG3  H  N N 222 
LYS HD2  H  N N 223 
LYS HD3  H  N N 224 
LYS HE2  H  N N 225 
LYS HE3  H  N N 226 
LYS HZ1  H  N N 227 
LYS HZ2  H  N N 228 
LYS HZ3  H  N N 229 
LYS HXT  H  N N 230 
NA  NA   NA N N 231 
PHE N    N  N N 232 
PHE CA   C  N S 233 
PHE C    C  N N 234 
PHE O    O  N N 235 
PHE CB   C  N N 236 
PHE CG   C  Y N 237 
PHE CD1  C  Y N 238 
PHE CD2  C  Y N 239 
PHE CE1  C  Y N 240 
PHE CE2  C  Y N 241 
PHE CZ   C  Y N 242 
PHE OXT  O  N N 243 
PHE H    H  N N 244 
PHE H2   H  N N 245 
PHE HA   H  N N 246 
PHE HB2  H  N N 247 
PHE HB3  H  N N 248 
PHE HD1  H  N N 249 
PHE HD2  H  N N 250 
PHE HE1  H  N N 251 
PHE HE2  H  N N 252 
PHE HZ   H  N N 253 
PHE HXT  H  N N 254 
PRO N    N  N N 255 
PRO CA   C  N S 256 
PRO C    C  N N 257 
PRO O    O  N N 258 
PRO CB   C  N N 259 
PRO CG   C  N N 260 
PRO CD   C  N N 261 
PRO OXT  O  N N 262 
PRO H    H  N N 263 
PRO HA   H  N N 264 
PRO HB2  H  N N 265 
PRO HB3  H  N N 266 
PRO HG2  H  N N 267 
PRO HG3  H  N N 268 
PRO HD2  H  N N 269 
PRO HD3  H  N N 270 
PRO HXT  H  N N 271 
SER N    N  N N 272 
SER CA   C  N S 273 
SER C    C  N N 274 
SER O    O  N N 275 
SER CB   C  N N 276 
SER OG   O  N N 277 
SER OXT  O  N N 278 
SER H    H  N N 279 
SER H2   H  N N 280 
SER HA   H  N N 281 
SER HB2  H  N N 282 
SER HB3  H  N N 283 
SER HG   H  N N 284 
SER HXT  H  N N 285 
SO4 S    S  N N 286 
SO4 O1   O  N N 287 
SO4 O2   O  N N 288 
SO4 O3   O  N N 289 
SO4 O4   O  N N 290 
THR N    N  N N 291 
THR CA   C  N S 292 
THR C    C  N N 293 
THR O    O  N N 294 
THR CB   C  N R 295 
THR OG1  O  N N 296 
THR CG2  C  N N 297 
THR OXT  O  N N 298 
THR H    H  N N 299 
THR H2   H  N N 300 
THR HA   H  N N 301 
THR HB   H  N N 302 
THR HG1  H  N N 303 
THR HG21 H  N N 304 
THR HG22 H  N N 305 
THR HG23 H  N N 306 
THR HXT  H  N N 307 
TRP N    N  N N 308 
TRP CA   C  N S 309 
TRP C    C  N N 310 
TRP O    O  N N 311 
TRP CB   C  N N 312 
TRP CG   C  Y N 313 
TRP CD1  C  Y N 314 
TRP CD2  C  Y N 315 
TRP NE1  N  Y N 316 
TRP CE2  C  Y N 317 
TRP CE3  C  Y N 318 
TRP CZ2  C  Y N 319 
TRP CZ3  C  Y N 320 
TRP CH2  C  Y N 321 
TRP OXT  O  N N 322 
TRP H    H  N N 323 
TRP H2   H  N N 324 
TRP HA   H  N N 325 
TRP HB2  H  N N 326 
TRP HB3  H  N N 327 
TRP HD1  H  N N 328 
TRP HE1  H  N N 329 
TRP HE3  H  N N 330 
TRP HZ2  H  N N 331 
TRP HZ3  H  N N 332 
TRP HH2  H  N N 333 
TRP HXT  H  N N 334 
TYR N    N  N N 335 
TYR CA   C  N S 336 
TYR C    C  N N 337 
TYR O    O  N N 338 
TYR CB   C  N N 339 
TYR CG   C  Y N 340 
TYR CD1  C  Y N 341 
TYR CD2  C  Y N 342 
TYR CE1  C  Y N 343 
TYR CE2  C  Y N 344 
TYR CZ   C  Y N 345 
TYR OH   O  N N 346 
TYR OXT  O  N N 347 
TYR H    H  N N 348 
TYR H2   H  N N 349 
TYR HA   H  N N 350 
TYR HB2  H  N N 351 
TYR HB3  H  N N 352 
TYR HD1  H  N N 353 
TYR HD2  H  N N 354 
TYR HE1  H  N N 355 
TYR HE2  H  N N 356 
TYR HH   H  N N 357 
TYR HXT  H  N N 358 
VAL N    N  N N 359 
VAL CA   C  N S 360 
VAL C    C  N N 361 
VAL O    O  N N 362 
VAL CB   C  N N 363 
VAL CG1  C  N N 364 
VAL CG2  C  N N 365 
VAL OXT  O  N N 366 
VAL H    H  N N 367 
VAL H2   H  N N 368 
VAL HA   H  N N 369 
VAL HB   H  N N 370 
VAL HG11 H  N N 371 
VAL HG12 H  N N 372 
VAL HG13 H  N N 373 
VAL HG21 H  N N 374 
VAL HG22 H  N N 375 
VAL HG23 H  N N 376 
VAL HXT  H  N N 377 
# 
loop_
_chem_comp_bond.comp_id 
_chem_comp_bond.atom_id_1 
_chem_comp_bond.atom_id_2 
_chem_comp_bond.value_order 
_chem_comp_bond.pdbx_aromatic_flag 
_chem_comp_bond.pdbx_stereo_config 
_chem_comp_bond.pdbx_ordinal 
ALA N   CA   sing N N 1   
ALA N   H    sing N N 2   
ALA N   H2   sing N N 3   
ALA CA  C    sing N N 4   
ALA CA  CB   sing N N 5   
ALA CA  HA   sing N N 6   
ALA C   O    doub N N 7   
ALA C   OXT  sing N N 8   
ALA CB  HB1  sing N N 9   
ALA CB  HB2  sing N N 10  
ALA CB  HB3  sing N N 11  
ALA OXT HXT  sing N N 12  
ARG N   CA   sing N N 13  
ARG N   H    sing N N 14  
ARG N   H2   sing N N 15  
ARG CA  C    sing N N 16  
ARG CA  CB   sing N N 17  
ARG CA  HA   sing N N 18  
ARG C   O    doub N N 19  
ARG C   OXT  sing N N 20  
ARG CB  CG   sing N N 21  
ARG CB  HB2  sing N N 22  
ARG CB  HB3  sing N N 23  
ARG CG  CD   sing N N 24  
ARG CG  HG2  sing N N 25  
ARG CG  HG3  sing N N 26  
ARG CD  NE   sing N N 27  
ARG CD  HD2  sing N N 28  
ARG CD  HD3  sing N N 29  
ARG NE  CZ   sing N N 30  
ARG NE  HE   sing N N 31  
ARG CZ  NH1  sing N N 32  
ARG CZ  NH2  doub N N 33  
ARG NH1 HH11 sing N N 34  
ARG NH1 HH12 sing N N 35  
ARG NH2 HH21 sing N N 36  
ARG NH2 HH22 sing N N 37  
ARG OXT HXT  sing N N 38  
ASN N   CA   sing N N 39  
ASN N   H    sing N N 40  
ASN N   H2   sing N N 41  
ASN CA  C    sing N N 42  
ASN CA  CB   sing N N 43  
ASN CA  HA   sing N N 44  
ASN C   O    doub N N 45  
ASN C   OXT  sing N N 46  
ASN CB  CG   sing N N 47  
ASN CB  HB2  sing N N 48  
ASN CB  HB3  sing N N 49  
ASN CG  OD1  doub N N 50  
ASN CG  ND2  sing N N 51  
ASN ND2 HD21 sing N N 52  
ASN ND2 HD22 sing N N 53  
ASN OXT HXT  sing N N 54  
ASP N   CA   sing N N 55  
ASP N   H    sing N N 56  
ASP N   H2   sing N N 57  
ASP CA  C    sing N N 58  
ASP CA  CB   sing N N 59  
ASP CA  HA   sing N N 60  
ASP C   O    doub N N 61  
ASP C   OXT  sing N N 62  
ASP CB  CG   sing N N 63  
ASP CB  HB2  sing N N 64  
ASP CB  HB3  sing N N 65  
ASP CG  OD1  doub N N 66  
ASP CG  OD2  sing N N 67  
ASP OD2 HD2  sing N N 68  
ASP OXT HXT  sing N N 69  
CYS N   CA   sing N N 70  
CYS N   H    sing N N 71  
CYS N   H2   sing N N 72  
CYS CA  C    sing N N 73  
CYS CA  CB   sing N N 74  
CYS CA  HA   sing N N 75  
CYS C   O    doub N N 76  
CYS C   OXT  sing N N 77  
CYS CB  SG   sing N N 78  
CYS CB  HB2  sing N N 79  
CYS CB  HB3  sing N N 80  
CYS SG  HG   sing N N 81  
CYS OXT HXT  sing N N 82  
GLN N   CA   sing N N 83  
GLN N   H    sing N N 84  
GLN N   H2   sing N N 85  
GLN CA  C    sing N N 86  
GLN CA  CB   sing N N 87  
GLN CA  HA   sing N N 88  
GLN C   O    doub N N 89  
GLN C   OXT  sing N N 90  
GLN CB  CG   sing N N 91  
GLN CB  HB2  sing N N 92  
GLN CB  HB3  sing N N 93  
GLN CG  CD   sing N N 94  
GLN CG  HG2  sing N N 95  
GLN CG  HG3  sing N N 96  
GLN CD  OE1  doub N N 97  
GLN CD  NE2  sing N N 98  
GLN NE2 HE21 sing N N 99  
GLN NE2 HE22 sing N N 100 
GLN OXT HXT  sing N N 101 
GLU N   CA   sing N N 102 
GLU N   H    sing N N 103 
GLU N   H2   sing N N 104 
GLU CA  C    sing N N 105 
GLU CA  CB   sing N N 106 
GLU CA  HA   sing N N 107 
GLU C   O    doub N N 108 
GLU C   OXT  sing N N 109 
GLU CB  CG   sing N N 110 
GLU CB  HB2  sing N N 111 
GLU CB  HB3  sing N N 112 
GLU CG  CD   sing N N 113 
GLU CG  HG2  sing N N 114 
GLU CG  HG3  sing N N 115 
GLU CD  OE1  doub N N 116 
GLU CD  OE2  sing N N 117 
GLU OE2 HE2  sing N N 118 
GLU OXT HXT  sing N N 119 
GLY N   CA   sing N N 120 
GLY N   H    sing N N 121 
GLY N   H2   sing N N 122 
GLY CA  C    sing N N 123 
GLY CA  HA2  sing N N 124 
GLY CA  HA3  sing N N 125 
GLY C   O    doub N N 126 
GLY C   OXT  sing N N 127 
GLY OXT HXT  sing N N 128 
HIS N   CA   sing N N 129 
HIS N   H    sing N N 130 
HIS N   H2   sing N N 131 
HIS CA  C    sing N N 132 
HIS CA  CB   sing N N 133 
HIS CA  HA   sing N N 134 
HIS C   O    doub N N 135 
HIS C   OXT  sing N N 136 
HIS CB  CG   sing N N 137 
HIS CB  HB2  sing N N 138 
HIS CB  HB3  sing N N 139 
HIS CG  ND1  sing Y N 140 
HIS CG  CD2  doub Y N 141 
HIS ND1 CE1  doub Y N 142 
HIS ND1 HD1  sing N N 143 
HIS CD2 NE2  sing Y N 144 
HIS CD2 HD2  sing N N 145 
HIS CE1 NE2  sing Y N 146 
HIS CE1 HE1  sing N N 147 
HIS NE2 HE2  sing N N 148 
HIS OXT HXT  sing N N 149 
HOH O   H1   sing N N 150 
HOH O   H2   sing N N 151 
ILE N   CA   sing N N 152 
ILE N   H    sing N N 153 
ILE N   H2   sing N N 154 
ILE CA  C    sing N N 155 
ILE CA  CB   sing N N 156 
ILE CA  HA   sing N N 157 
ILE C   O    doub N N 158 
ILE C   OXT  sing N N 159 
ILE CB  CG1  sing N N 160 
ILE CB  CG2  sing N N 161 
ILE CB  HB   sing N N 162 
ILE CG1 CD1  sing N N 163 
ILE CG1 HG12 sing N N 164 
ILE CG1 HG13 sing N N 165 
ILE CG2 HG21 sing N N 166 
ILE CG2 HG22 sing N N 167 
ILE CG2 HG23 sing N N 168 
ILE CD1 HD11 sing N N 169 
ILE CD1 HD12 sing N N 170 
ILE CD1 HD13 sing N N 171 
ILE OXT HXT  sing N N 172 
LEU N   CA   sing N N 173 
LEU N   H    sing N N 174 
LEU N   H2   sing N N 175 
LEU CA  C    sing N N 176 
LEU CA  CB   sing N N 177 
LEU CA  HA   sing N N 178 
LEU C   O    doub N N 179 
LEU C   OXT  sing N N 180 
LEU CB  CG   sing N N 181 
LEU CB  HB2  sing N N 182 
LEU CB  HB3  sing N N 183 
LEU CG  CD1  sing N N 184 
LEU CG  CD2  sing N N 185 
LEU CG  HG   sing N N 186 
LEU CD1 HD11 sing N N 187 
LEU CD1 HD12 sing N N 188 
LEU CD1 HD13 sing N N 189 
LEU CD2 HD21 sing N N 190 
LEU CD2 HD22 sing N N 191 
LEU CD2 HD23 sing N N 192 
LEU OXT HXT  sing N N 193 
LYS N   CA   sing N N 194 
LYS N   H    sing N N 195 
LYS N   H2   sing N N 196 
LYS CA  C    sing N N 197 
LYS CA  CB   sing N N 198 
LYS CA  HA   sing N N 199 
LYS C   O    doub N N 200 
LYS C   OXT  sing N N 201 
LYS CB  CG   sing N N 202 
LYS CB  HB2  sing N N 203 
LYS CB  HB3  sing N N 204 
LYS CG  CD   sing N N 205 
LYS CG  HG2  sing N N 206 
LYS CG  HG3  sing N N 207 
LYS CD  CE   sing N N 208 
LYS CD  HD2  sing N N 209 
LYS CD  HD3  sing N N 210 
LYS CE  NZ   sing N N 211 
LYS CE  HE2  sing N N 212 
LYS CE  HE3  sing N N 213 
LYS NZ  HZ1  sing N N 214 
LYS NZ  HZ2  sing N N 215 
LYS NZ  HZ3  sing N N 216 
LYS OXT HXT  sing N N 217 
PHE N   CA   sing N N 218 
PHE N   H    sing N N 219 
PHE N   H2   sing N N 220 
PHE CA  C    sing N N 221 
PHE CA  CB   sing N N 222 
PHE CA  HA   sing N N 223 
PHE C   O    doub N N 224 
PHE C   OXT  sing N N 225 
PHE CB  CG   sing N N 226 
PHE CB  HB2  sing N N 227 
PHE CB  HB3  sing N N 228 
PHE CG  CD1  doub Y N 229 
PHE CG  CD2  sing Y N 230 
PHE CD1 CE1  sing Y N 231 
PHE CD1 HD1  sing N N 232 
PHE CD2 CE2  doub Y N 233 
PHE CD2 HD2  sing N N 234 
PHE CE1 CZ   doub Y N 235 
PHE CE1 HE1  sing N N 236 
PHE CE2 CZ   sing Y N 237 
PHE CE2 HE2  sing N N 238 
PHE CZ  HZ   sing N N 239 
PHE OXT HXT  sing N N 240 
PRO N   CA   sing N N 241 
PRO N   CD   sing N N 242 
PRO N   H    sing N N 243 
PRO CA  C    sing N N 244 
PRO CA  CB   sing N N 245 
PRO CA  HA   sing N N 246 
PRO C   O    doub N N 247 
PRO C   OXT  sing N N 248 
PRO CB  CG   sing N N 249 
PRO CB  HB2  sing N N 250 
PRO CB  HB3  sing N N 251 
PRO CG  CD   sing N N 252 
PRO CG  HG2  sing N N 253 
PRO CG  HG3  sing N N 254 
PRO CD  HD2  sing N N 255 
PRO CD  HD3  sing N N 256 
PRO OXT HXT  sing N N 257 
SER N   CA   sing N N 258 
SER N   H    sing N N 259 
SER N   H2   sing N N 260 
SER CA  C    sing N N 261 
SER CA  CB   sing N N 262 
SER CA  HA   sing N N 263 
SER C   O    doub N N 264 
SER C   OXT  sing N N 265 
SER CB  OG   sing N N 266 
SER CB  HB2  sing N N 267 
SER CB  HB3  sing N N 268 
SER OG  HG   sing N N 269 
SER OXT HXT  sing N N 270 
SO4 S   O1   doub N N 271 
SO4 S   O2   doub N N 272 
SO4 S   O3   sing N N 273 
SO4 S   O4   sing N N 274 
THR N   CA   sing N N 275 
THR N   H    sing N N 276 
THR N   H2   sing N N 277 
THR CA  C    sing N N 278 
THR CA  CB   sing N N 279 
THR CA  HA   sing N N 280 
THR C   O    doub N N 281 
THR C   OXT  sing N N 282 
THR CB  OG1  sing N N 283 
THR CB  CG2  sing N N 284 
THR CB  HB   sing N N 285 
THR OG1 HG1  sing N N 286 
THR CG2 HG21 sing N N 287 
THR CG2 HG22 sing N N 288 
THR CG2 HG23 sing N N 289 
THR OXT HXT  sing N N 290 
TRP N   CA   sing N N 291 
TRP N   H    sing N N 292 
TRP N   H2   sing N N 293 
TRP CA  C    sing N N 294 
TRP CA  CB   sing N N 295 
TRP CA  HA   sing N N 296 
TRP C   O    doub N N 297 
TRP C   OXT  sing N N 298 
TRP CB  CG   sing N N 299 
TRP CB  HB2  sing N N 300 
TRP CB  HB3  sing N N 301 
TRP CG  CD1  doub Y N 302 
TRP CG  CD2  sing Y N 303 
TRP CD1 NE1  sing Y N 304 
TRP CD1 HD1  sing N N 305 
TRP CD2 CE2  doub Y N 306 
TRP CD2 CE3  sing Y N 307 
TRP NE1 CE2  sing Y N 308 
TRP NE1 HE1  sing N N 309 
TRP CE2 CZ2  sing Y N 310 
TRP CE3 CZ3  doub Y N 311 
TRP CE3 HE3  sing N N 312 
TRP CZ2 CH2  doub Y N 313 
TRP CZ2 HZ2  sing N N 314 
TRP CZ3 CH2  sing Y N 315 
TRP CZ3 HZ3  sing N N 316 
TRP CH2 HH2  sing N N 317 
TRP OXT HXT  sing N N 318 
TYR N   CA   sing N N 319 
TYR N   H    sing N N 320 
TYR N   H2   sing N N 321 
TYR CA  C    sing N N 322 
TYR CA  CB   sing N N 323 
TYR CA  HA   sing N N 324 
TYR C   O    doub N N 325 
TYR C   OXT  sing N N 326 
TYR CB  CG   sing N N 327 
TYR CB  HB2  sing N N 328 
TYR CB  HB3  sing N N 329 
TYR CG  CD1  doub Y N 330 
TYR CG  CD2  sing Y N 331 
TYR CD1 CE1  sing Y N 332 
TYR CD1 HD1  sing N N 333 
TYR CD2 CE2  doub Y N 334 
TYR CD2 HD2  sing N N 335 
TYR CE1 CZ   doub Y N 336 
TYR CE1 HE1  sing N N 337 
TYR CE2 CZ   sing Y N 338 
TYR CE2 HE2  sing N N 339 
TYR CZ  OH   sing N N 340 
TYR OH  HH   sing N N 341 
TYR OXT HXT  sing N N 342 
VAL N   CA   sing N N 343 
VAL N   H    sing N N 344 
VAL N   H2   sing N N 345 
VAL CA  C    sing N N 346 
VAL CA  CB   sing N N 347 
VAL CA  HA   sing N N 348 
VAL C   O    doub N N 349 
VAL C   OXT  sing N N 350 
VAL CB  CG1  sing N N 351 
VAL CB  CG2  sing N N 352 
VAL CB  HB   sing N N 353 
VAL CG1 HG11 sing N N 354 
VAL CG1 HG12 sing N N 355 
VAL CG1 HG13 sing N N 356 
VAL CG2 HG21 sing N N 357 
VAL CG2 HG22 sing N N 358 
VAL CG2 HG23 sing N N 359 
VAL OXT HXT  sing N N 360 
# 
_atom_sites.entry_id                    1GMM 
_atom_sites.fract_transf_matrix[1][1]   -0.01542419 
_atom_sites.fract_transf_matrix[1][2]   -0.00320930 
_atom_sites.fract_transf_matrix[1][3]   -0.01124765 
_atom_sites.fract_transf_matrix[2][1]   -0.00383547 
_atom_sites.fract_transf_matrix[2][2]   -0.01790102 
_atom_sites.fract_transf_matrix[2][3]   -0.00629085 
_atom_sites.fract_transf_matrix[3][1]   -0.00354531 
_atom_sites.fract_transf_matrix[3][2]   -0.00105468 
_atom_sites.fract_transf_matrix[3][3]   0.00516271 
_atom_sites.fract_transf_vector[1]      0.316421 
_atom_sites.fract_transf_vector[2]      0.059290 
_atom_sites.fract_transf_vector[3]      0.135650 
# 
loop_
_atom_type.symbol 
C  
CA 
N  
NA 
O  
S  
# 
loop_
_atom_site.group_PDB 
_atom_site.id 
_atom_site.type_symbol 
_atom_site.label_atom_id 
_atom_site.label_alt_id 
_atom_site.label_comp_id 
_atom_site.label_asym_id 
_atom_site.label_entity_id 
_atom_site.label_seq_id 
_atom_site.pdbx_PDB_ins_code 
_atom_site.Cartn_x 
_atom_site.Cartn_y 
_atom_site.Cartn_z 
_atom_site.occupancy 
_atom_site.B_iso_or_equiv 
_atom_site.pdbx_formal_charge 
_atom_site.auth_seq_id 
_atom_site.auth_comp_id 
_atom_site.auth_asym_id 
_atom_site.auth_atom_id 
_atom_site.pdbx_PDB_model_num 
ATOM   1    N  N   . PHE A 1 4   ? -10.237 -1.588  -9.422  1.00 23.92 ? 4    PHE A N   1 
ATOM   2    C  CA  . PHE A 1 4   ? -8.812  -1.229  -9.289  1.00 25.67 ? 4    PHE A CA  1 
ATOM   3    C  C   . PHE A 1 4   ? -8.643  0.237   -8.945  1.00 26.27 ? 4    PHE A C   1 
ATOM   4    O  O   . PHE A 1 4   ? -7.580  0.648   -8.486  1.00 27.23 ? 4    PHE A O   1 
ATOM   5    C  CB  . PHE A 1 4   ? -8.081  -1.540  -10.577 1.00 26.29 ? 4    PHE A CB  1 
ATOM   6    N  N   . SER A 1 5   ? -9.685  1.019   -9.158  1.00 26.00 ? 5    SER A N   1 
ATOM   7    C  CA  . SER A 1 5   ? -9.659  2.445   -8.885  1.00 25.44 ? 5    SER A CA  1 
ATOM   8    C  C   . SER A 1 5   ? -9.150  2.790   -7.490  1.00 23.78 ? 5    SER A C   1 
ATOM   9    O  O   . SER A 1 5   ? -7.968  2.657   -7.220  1.00 23.50 ? 5    SER A O   1 
ATOM   10   C  CB  . SER A 1 5   ? -11.045 3.037   -9.075  1.00 25.99 ? 5    SER A CB  1 
ATOM   11   O  OG  . SER A 1 5   ? -11.051 4.420   -8.803  1.00 29.71 ? 5    SER A OG  1 
ATOM   12   N  N   . LYS A 1 6   ? -10.042 3.242   -6.611  1.00 22.24 ? 6    LYS A N   1 
ATOM   13   C  CA  . LYS A 1 6   ? -9.657  3.609   -5.255  1.00 21.16 ? 6    LYS A CA  1 
ATOM   14   C  C   . LYS A 1 6   ? -10.033 2.557   -4.218  1.00 20.29 ? 6    LYS A C   1 
ATOM   15   O  O   . LYS A 1 6   ? -11.176 2.112   -4.143  1.00 19.55 ? 6    LYS A O   1 
ATOM   16   C  CB  . LYS A 1 6   ? -10.283 4.938   -4.873  1.00 21.33 ? 6    LYS A CB  1 
ATOM   17   C  CG  . LYS A 1 6   ? -9.874  5.449   -3.509  1.00 21.86 ? 6    LYS A CG  1 
ATOM   18   C  CD  . LYS A 1 6   ? -10.406 6.834   -3.282  1.00 21.33 ? 6    LYS A CD  1 
ATOM   19   C  CE  . LYS A 1 6   ? -10.041 7.364   -1.918  1.00 22.01 ? 6    LYS A CE  1 
ATOM   20   N  NZ  . LYS A 1 6   ? -10.564 8.731   -1.730  1.00 20.03 ? 6    LYS A NZ  1 
ATOM   21   N  N   . ILE A 1 7   ? -9.059  2.171   -3.414  1.00 18.29 ? 7    ILE A N   1 
ATOM   22   C  CA  . ILE A 1 7   ? -9.260  1.163   -2.388  1.00 17.47 ? 7    ILE A CA  1 
ATOM   23   C  C   . ILE A 1 7   ? -8.793  1.648   -1.022  1.00 17.03 ? 7    ILE A C   1 
ATOM   24   O  O   . ILE A 1 7   ? -7.674  2.128   -0.892  1.00 15.47 ? 7    ILE A O   1 
ATOM   25   C  CB  . ILE A 1 7   ? -8.494  -0.112  -2.743  1.00 16.95 ? 7    ILE A CB  1 
ATOM   26   C  CG1 . ILE A 1 7   ? -8.951  -0.630  -4.099  1.00 19.69 ? 7    ILE A CG1 1 
ATOM   27   C  CG2 . ILE A 1 7   ? -8.707  -1.163  -1.664  1.00 18.54 ? 7    ILE A CG2 1 
ATOM   28   C  CD1 . ILE A 1 7   ? -8.237  -1.869  -4.550  1.00 20.34 ? 7    ILE A CD1 1 
ATOM   29   N  N   . GLU A 1 8   ? -9.659  1.526   -0.018  1.00 16.49 ? 8    GLU A N   1 
ATOM   30   C  CA  . GLU A 1 8   ? -9.336  1.927   1.343   1.00 16.32 ? 8    GLU A CA  1 
ATOM   31   C  C   . GLU A 1 8   ? -8.593  0.759   1.944   1.00 16.21 ? 8    GLU A C   1 
ATOM   32   O  O   . GLU A 1 8   ? -9.080  -0.366  1.910   1.00 15.59 ? 8    GLU A O   1 
ATOM   33   C  CB  . GLU A 1 8   ? -10.605 2.176   2.158   1.00 16.74 ? 8    GLU A CB  1 
ATOM   34   C  CG  . GLU A 1 8   ? -11.548 3.213   1.595   1.00 17.24 ? 8    GLU A CG  1 
ATOM   35   C  CD  . GLU A 1 8   ? -10.986 4.609   1.631   1.00 19.00 ? 8    GLU A CD  1 
ATOM   36   O  OE1 . GLU A 1 8   ? -10.148 4.888   2.502   1.00 18.17 ? 8    GLU A OE1 1 
ATOM   37   O  OE2 . GLU A 1 8   ? -11.396 5.435   0.798   1.00 21.30 ? 8    GLU A OE2 1 
ATOM   38   N  N   . SER A 1 9   ? -7.421  1.007   2.499   1.00 15.84 ? 9    SER A N   1 
ATOM   39   C  CA  . SER A 1 9   ? -6.650  -0.082  3.066   1.00 16.26 ? 9    SER A CA  1 
ATOM   40   C  C   . SER A 1 9   ? -7.297  -0.722  4.292   1.00 16.33 ? 9    SER A C   1 
ATOM   41   O  O   . SER A 1 9   ? -7.033  -1.874  4.587   1.00 16.52 ? 9    SER A O   1 
ATOM   42   C  CB  . SER A 1 9   ? -5.235  0.376   3.402   1.00 16.47 ? 9    SER A CB  1 
ATOM   43   O  OG  . SER A 1 9   ? -5.212  1.122   4.596   1.00 18.41 ? 9    SER A OG  1 
ATOM   44   N  N   . GLU A 1 10  ? -8.146  0.006   5.001   1.00 16.41 ? 10   GLU A N   1 
ATOM   45   C  CA  . GLU A 1 10  ? -8.798  -0.564  6.184   1.00 18.14 ? 10   GLU A CA  1 
ATOM   46   C  C   . GLU A 1 10  ? -9.799  -1.625  5.780   1.00 18.72 ? 10   GLU A C   1 
ATOM   47   O  O   . GLU A 1 10  ? -10.227 -2.440  6.596   1.00 18.17 ? 10   GLU A O   1 
ATOM   48   C  CB  . GLU A 1 10  ? -9.523  0.510   6.989   1.00 18.14 ? 10   GLU A CB  1 
ATOM   49   C  CG  . GLU A 1 10  ? -10.647 1.187   6.243   1.00 18.85 ? 10   GLU A CG  1 
ATOM   50   C  CD  . GLU A 1 10  ? -10.239 2.500   5.636   1.00 21.71 ? 10   GLU A CD  1 
ATOM   51   O  OE1 . GLU A 1 10  ? -9.056  2.651   5.260   1.00 20.53 ? 10   GLU A OE1 1 
ATOM   52   O  OE2 . GLU A 1 10  ? -11.105 3.382   5.520   1.00 22.64 ? 10   GLU A OE2 1 
ATOM   53   N  N   . GLU A 1 11  ? -10.163 -1.617  4.509   1.00 18.90 ? 11   GLU A N   1 
ATOM   54   C  CA  . GLU A 1 11  ? -11.120 -2.571  4.004   1.00 20.10 ? 11   GLU A CA  1 
ATOM   55   C  C   . GLU A 1 11  ? -10.488 -3.797  3.384   1.00 20.09 ? 11   GLU A C   1 
ATOM   56   O  O   . GLU A 1 11  ? -11.034 -4.381  2.463   1.00 19.18 ? 11   GLU A O   1 
ATOM   57   C  CB  . GLU A 1 11  ? -12.031 -1.885  3.002   1.00 20.09 ? 11   GLU A CB  1 
ATOM   58   C  CG  . GLU A 1 11  ? -13.092 -1.032  3.659   1.00 23.07 ? 11   GLU A CG  1 
ATOM   59   C  CD  . GLU A 1 11  ? -13.818 -0.156  2.675   1.00 26.90 ? 11   GLU A CD  1 
ATOM   60   O  OE1 . GLU A 1 11  ? -14.115 -0.625  1.566   1.00 27.08 ? 11   GLU A OE1 1 
ATOM   61   O  OE2 . GLU A 1 11  ? -14.103 1.000   3.015   1.00 30.90 ? 11   GLU A OE2 1 
ATOM   62   N  N   . TYR A 1 12  ? -9.339  -4.189  3.895   1.00 19.50 ? 12   TYR A N   1 
ATOM   63   C  CA  . TYR A 1 12  ? -8.656  -5.367  3.396   1.00 19.26 ? 12   TYR A CA  1 
ATOM   64   C  C   . TYR A 1 12  ? -9.534  -6.584  3.644   1.00 19.66 ? 12   TYR A C   1 
ATOM   65   O  O   . TYR A 1 12  ? -10.469 -6.531  4.443   1.00 19.37 ? 12   TYR A O   1 
ATOM   66   C  CB  . TYR A 1 12  ? -7.342  -5.559  4.123   1.00 19.19 ? 12   TYR A CB  1 
ATOM   67   C  CG  . TYR A 1 12  ? -7.511  -5.639  5.619   1.00 20.01 ? 12   TYR A CG  1 
ATOM   68   C  CD1 . TYR A 1 12  ? -7.593  -4.489  6.389   1.00 20.77 ? 12   TYR A CD1 1 
ATOM   69   C  CD2 . TYR A 1 12  ? -7.632  -6.862  6.263   1.00 19.96 ? 12   TYR A CD2 1 
ATOM   70   C  CE1 . TYR A 1 12  ? -7.793  -4.552  7.761   1.00 21.39 ? 12   TYR A CE1 1 
ATOM   71   C  CE2 . TYR A 1 12  ? -7.838  -6.937  7.638   1.00 20.52 ? 12   TYR A CE2 1 
ATOM   72   C  CZ  . TYR A 1 12  ? -7.918  -5.778  8.379   1.00 22.01 ? 12   TYR A CZ  1 
ATOM   73   O  OH  . TYR A 1 12  ? -8.124  -5.844  9.735   1.00 21.52 ? 12   TYR A OH  1 
ATOM   74   N  N   . ASN A 1 13  ? -9.227  -7.677  2.966   1.00 19.68 ? 13   ASN A N   1 
ATOM   75   C  CA  . ASN A 1 13  ? -9.989  -8.902  3.133   1.00 19.96 ? 13   ASN A CA  1 
ATOM   76   C  C   . ASN A 1 13  ? -9.306  -9.795  4.144   1.00 19.92 ? 13   ASN A C   1 
ATOM   77   O  O   . ASN A 1 13  ? -9.950  -10.579 4.842   1.00 19.40 ? 13   ASN A O   1 
ATOM   78   C  CB  . ASN A 1 13  ? -10.101 -9.652  1.808   1.00 20.21 ? 13   ASN A CB  1 
ATOM   79   C  CG  . ASN A 1 13  ? -10.865 -8.887  0.763   1.00 21.92 ? 13   ASN A CG  1 
ATOM   80   O  OD1 . ASN A 1 13  ? -10.303 -8.465  -0.246  1.00 22.10 ? 13   ASN A OD1 1 
ATOM   81   N  ND2 . ASN A 1 13  ? -12.154 -8.703  0.999   1.00 21.95 ? 13   ASN A ND2 1 
ATOM   82   N  N   . SER A 1 14  ? -7.994  -9.664  4.216   1.00 19.51 ? 14   SER A N   1 
ATOM   83   C  CA  . SER A 1 14  ? -7.197  -10.460 5.116   1.00 20.03 ? 14   SER A CA  1 
ATOM   84   C  C   . SER A 1 14  ? -5.884  -9.742  5.378   1.00 19.24 ? 14   SER A C   1 
ATOM   85   O  O   . SER A 1 14  ? -5.605  -8.717  4.765   1.00 19.11 ? 14   SER A O   1 
ATOM   86   C  CB  . SER A 1 14  ? -6.928  -11.813 4.477   1.00 20.55 ? 14   SER A CB  1 
ATOM   87   O  OG  . SER A 1 14  ? -6.103  -12.616 5.284   1.00 24.53 ? 14   SER A OG  1 
ATOM   88   N  N   . LEU A 1 15  ? -5.084  -10.280 6.281   1.00 19.12 ? 15   LEU A N   1 
ATOM   89   C  CA  . LEU A 1 15  ? -3.801  -9.678  6.596   1.00 18.70 ? 15   LEU A CA  1 
ATOM   90   C  C   . LEU A 1 15  ? -2.942  -10.580 7.445   1.00 18.33 ? 15   LEU A C   1 
ATOM   91   O  O   . LEU A 1 15  ? -3.419  -11.560 8.002   1.00 18.10 ? 15   LEU A O   1 
ATOM   92   C  CB  . LEU A 1 15  ? -4.003  -8.354  7.326   1.00 18.01 ? 15   LEU A CB  1 
ATOM   93   C  CG  . LEU A 1 15  ? -4.664  -8.306  8.714   1.00 20.02 ? 15   LEU A CG  1 
ATOM   94   C  CD1 . LEU A 1 15  ? -3.881  -9.117  9.728   1.00 18.80 ? 15   LEU A CD1 1 
ATOM   95   C  CD2 . LEU A 1 15  ? -4.739  -6.869  9.167   1.00 19.78 ? 15   LEU A CD2 1 
ATOM   96   N  N   . LYS A 1 16  ? -1.668  -10.245 7.535   1.00 18.22 ? 16   LYS A N   1 
ATOM   97   C  CA  . LYS A 1 16  ? -0.753  -10.998 8.361   1.00 18.02 ? 16   LYS A CA  1 
ATOM   98   C  C   . LYS A 1 16  ? 0.028   -9.987  9.162   1.00 17.15 ? 16   LYS A C   1 
ATOM   99   O  O   . LYS A 1 16  ? 0.788   -9.200  8.597   1.00 16.27 ? 16   LYS A O   1 
ATOM   100  C  CB  . LYS A 1 16  ? 0.216   -11.816 7.527   1.00 18.04 ? 16   LYS A CB  1 
ATOM   101  C  CG  . LYS A 1 16  ? 0.978   -12.821 8.361   1.00 21.24 ? 16   LYS A CG  1 
ATOM   102  C  CD  . LYS A 1 16  ? 2.373   -13.068 7.822   1.00 26.17 ? 16   LYS A CD  1 
ATOM   103  C  CE  . LYS A 1 16  ? 3.235   -11.829 7.960   1.00 28.26 ? 16   LYS A CE  1 
ATOM   104  N  NZ  . LYS A 1 16  ? 4.639   -12.080 7.565   1.00 32.37 ? 16   LYS A NZ  1 
ATOM   105  N  N   . SER A 1 17  ? -0.163  -10.014 10.474  1.00 16.31 ? 17   SER A N   1 
ATOM   106  C  CA  . SER A 1 17  ? 0.504   -9.091  11.369  1.00 16.17 ? 17   SER A CA  1 
ATOM   107  C  C   . SER A 1 17  ? 0.082   -9.355  12.803  1.00 16.53 ? 17   SER A C   1 
ATOM   108  O  O   . SER A 1 17  ? -0.993  -9.886  13.064  1.00 16.22 ? 17   SER A O   1 
ATOM   109  C  CB  . SER A 1 17  ? 0.143   -7.659  11.011  1.00 15.99 ? 17   SER A CB  1 
ATOM   110  O  OG  . SER A 1 17  ? 0.606   -6.749  11.986  1.00 14.52 ? 17   SER A OG  1 
ATOM   111  N  N   . SER A 1 18  ? 0.935   -8.981  13.732  1.00 16.81 ? 18   SER A N   1 
ATOM   112  C  CA  . SER A 1 18  ? 0.630   -9.150  15.141  1.00 17.50 ? 18   SER A CA  1 
ATOM   113  C  C   . SER A 1 18  ? 0.575   -7.780  15.785  1.00 16.97 ? 18   SER A C   1 
ATOM   114  O  O   . SER A 1 18  ? 0.528   -7.667  17.007  1.00 17.98 ? 18   SER A O   1 
ATOM   115  C  CB  . SER A 1 18  ? 1.692   -10.006 15.815  1.00 17.76 ? 18   SER A CB  1 
ATOM   116  O  OG  . SER A 1 18  ? 2.962   -9.392  15.767  1.00 17.69 ? 18   SER A OG  1 
ATOM   117  N  N   . THR A 1 19  ? 0.557   -6.744  14.958  1.00 15.91 ? 19   THR A N   1 
ATOM   118  C  CA  . THR A 1 19  ? 0.536   -5.380  15.462  1.00 15.29 ? 19   THR A CA  1 
ATOM   119  C  C   . THR A 1 19  ? -0.448  -4.440  14.795  1.00 14.83 ? 19   THR A C   1 
ATOM   120  O  O   . THR A 1 19  ? -0.956  -3.527  15.429  1.00 13.87 ? 19   THR A O   1 
ATOM   121  C  CB  . THR A 1 19  ? 1.929   -4.749  15.348  1.00 15.02 ? 19   THR A CB  1 
ATOM   122  O  OG1 . THR A 1 19  ? 2.395   -4.843  13.996  1.00 13.56 ? 19   THR A OG1 1 
ATOM   123  C  CG2 . THR A 1 19  ? 2.902   -5.453  16.260  1.00 15.97 ? 19   THR A CG2 1 
ATOM   124  N  N   . ILE A 1 20  ? -0.717  -4.658  13.518  1.00 13.94 ? 20   ILE A N   1 
ATOM   125  C  CA  . ILE A 1 20  ? -1.621  -3.797  12.780  1.00 13.84 ? 20   ILE A CA  1 
ATOM   126  C  C   . ILE A 1 20  ? -2.943  -3.501  13.473  1.00 14.62 ? 20   ILE A C   1 
ATOM   127  O  O   . ILE A 1 20  ? -3.540  -4.364  14.115  1.00 14.10 ? 20   ILE A O   1 
ATOM   128  C  CB  . ILE A 1 20  ? -1.923  -4.379  11.371  1.00 14.15 ? 20   ILE A CB  1 
ATOM   129  C  CG1 . ILE A 1 20  ? -0.764  -4.078  10.420  1.00 11.82 ? 20   ILE A CG1 1 
ATOM   130  C  CG2 . ILE A 1 20  ? -3.205  -3.798  10.816  1.00 12.62 ? 20   ILE A CG2 1 
ATOM   131  C  CD1 . ILE A 1 20  ? -0.954  -4.617  9.024   1.00 13.25 ? 20   ILE A CD1 1 
ATOM   132  N  N   . GLN A 1 21  ? -3.385  -2.268  13.335  1.00 13.93 ? 21   GLN A N   1 
ATOM   133  C  CA  . GLN A 1 21  ? -4.658  -1.841  13.888  1.00 14.55 ? 21   GLN A CA  1 
ATOM   134  C  C   . GLN A 1 21  ? -5.246  -0.818  12.941  1.00 14.10 ? 21   GLN A C   1 
ATOM   135  O  O   . GLN A 1 21  ? -4.530  -0.191  12.164  1.00 13.01 ? 21   GLN A O   1 
ATOM   136  C  CB  . GLN A 1 21  ? -4.504  -1.203  15.264  1.00 15.20 ? 21   GLN A CB  1 
ATOM   137  C  CG  . GLN A 1 21  ? -3.915  -2.068  16.336  1.00 18.49 ? 21   GLN A CG  1 
ATOM   138  C  CD  . GLN A 1 21  ? -4.080  -1.449  17.701  1.00 24.49 ? 21   GLN A CD  1 
ATOM   139  O  OE1 . GLN A 1 21  ? -5.195  -1.304  18.199  1.00 27.74 ? 21   GLN A OE1 1 
ATOM   140  N  NE2 . GLN A 1 21  ? -2.973  -1.068  18.310  1.00 27.39 ? 21   GLN A NE2 1 
ATOM   141  N  N   . THR A 1 22  ? -6.556  -0.660  12.997  1.00 12.24 ? 22   THR A N   1 
ATOM   142  C  CA  . THR A 1 22  ? -7.218  0.317   12.167  1.00 12.13 ? 22   THR A CA  1 
ATOM   143  C  C   . THR A 1 22  ? -7.110  1.631   12.910  1.00 11.68 ? 22   THR A C   1 
ATOM   144  O  O   . THR A 1 22  ? -7.478  1.718   14.075  1.00 12.21 ? 22   THR A O   1 
ATOM   145  C  CB  . THR A 1 22  ? -8.700  -0.042  11.964  1.00 12.10 ? 22   THR A CB  1 
ATOM   146  O  OG1 . THR A 1 22  ? -8.791  -1.293  11.294  1.00 14.20 ? 22   THR A OG1 1 
ATOM   147  C  CG2 . THR A 1 22  ? -9.385  1.008   11.135  1.00 12.58 ? 22   THR A CG2 1 
ATOM   148  N  N   . ILE A 1 23  ? -6.587  2.645   12.239  1.00 11.21 ? 23   ILE A N   1 
ATOM   149  C  CA  . ILE A 1 23  ? -6.409  3.939   12.852  1.00 11.32 ? 23   ILE A CA  1 
ATOM   150  C  C   . ILE A 1 23  ? -7.208  5.005   12.161  1.00 11.77 ? 23   ILE A C   1 
ATOM   151  O  O   . ILE A 1 23  ? -7.752  4.791   11.089  1.00 10.57 ? 23   ILE A O   1 
ATOM   152  C  CB  . ILE A 1 23  ? -4.936  4.398   12.798  1.00 10.97 ? 23   ILE A CB  1 
ATOM   153  C  CG1 . ILE A 1 23  ? -4.441  4.428   11.346  1.00 9.50  ? 23   ILE A CG1 1 
ATOM   154  C  CG2 . ILE A 1 23  ? -4.075  3.485   13.628  1.00 10.43 ? 23   ILE A CG2 1 
ATOM   155  C  CD1 . ILE A 1 23  ? -3.077  5.073   11.171  1.00 7.84  ? 23   ILE A CD1 1 
ATOM   156  N  N   . GLY A 1 24  ? -7.258  6.163   12.789  1.00 12.63 ? 24   GLY A N   1 
ATOM   157  C  CA  . GLY A 1 24  ? -7.942  7.277   12.203  1.00 12.86 ? 24   GLY A CA  1 
ATOM   158  C  C   . GLY A 1 24  ? -6.914  8.032   11.390  1.00 13.86 ? 24   GLY A C   1 
ATOM   159  O  O   . GLY A 1 24  ? -5.797  8.233   11.837  1.00 13.59 ? 24   GLY A O   1 
ATOM   160  N  N   . THR A 1 25  ? -7.267  8.427   10.180  1.00 14.00 ? 25   THR A N   1 
ATOM   161  C  CA  . THR A 1 25  ? -6.351  9.177   9.341   1.00 15.60 ? 25   THR A CA  1 
ATOM   162  C  C   . THR A 1 25  ? -6.903  10.578  9.248   1.00 17.68 ? 25   THR A C   1 
ATOM   163  O  O   . THR A 1 25  ? -8.013  10.834  9.695   1.00 18.63 ? 25   THR A O   1 
ATOM   164  C  CB  . THR A 1 25  ? -6.247  8.581   7.940   1.00 14.99 ? 25   THR A CB  1 
ATOM   165  O  OG1 . THR A 1 25  ? -7.533  8.601   7.329   1.00 13.88 ? 25   THR A OG1 1 
ATOM   166  C  CG2 . THR A 1 25  ? -5.754  7.150   8.019   1.00 13.39 ? 25   THR A CG2 1 
ATOM   167  N  N   . SER A 1 26  ? -6.129  11.482  8.675   1.00 19.29 ? 26   SER A N   1 
ATOM   168  C  CA  . SER A 1 26  ? -6.558  12.857  8.547   1.00 21.10 ? 26   SER A CA  1 
ATOM   169  C  C   . SER A 1 26  ? -7.898  13.003  7.857   1.00 21.50 ? 26   SER A C   1 
ATOM   170  O  O   . SER A 1 26  ? -8.284  12.175  7.048   1.00 21.72 ? 26   SER A O   1 
ATOM   171  C  CB  . SER A 1 26  ? -5.505  13.661  7.787   1.00 21.13 ? 26   SER A CB  1 
ATOM   172  O  OG  . SER A 1 26  ? -4.280  13.646  8.481   1.00 23.83 ? 26   SER A OG  1 
ATOM   173  N  N   . ASP A 1 27  ? -8.602  14.068  8.195   1.00 22.37 ? 27   ASP A N   1 
ATOM   174  C  CA  . ASP A 1 27  ? -9.900  14.370  7.627   1.00 23.32 ? 27   ASP A CA  1 
ATOM   175  C  C   . ASP A 1 27  ? -10.972 13.345  7.954   1.00 23.28 ? 27   ASP A C   1 
ATOM   176  O  O   . ASP A 1 27  ? -11.732 12.951  7.081   1.00 24.17 ? 27   ASP A O   1 
ATOM   177  C  CB  . ASP A 1 27  ? -9.780  14.530  6.111   1.00 23.85 ? 27   ASP A CB  1 
ATOM   178  C  CG  . ASP A 1 27  ? -8.751  15.554  5.709   1.00 25.45 ? 27   ASP A CG  1 
ATOM   179  O  OD1 . ASP A 1 27  ? -8.856  16.705  6.167   1.00 25.77 ? 27   ASP A OD1 1 
ATOM   180  O  OD2 . ASP A 1 27  ? -7.835  15.212  4.935   1.00 27.20 ? 27   ASP A OD2 1 
ATOM   181  N  N   . GLY A 1 28  ? -11.028 12.919  9.208   1.00 22.82 ? 28   GLY A N   1 
ATOM   182  C  CA  . GLY A 1 28  ? -12.029 11.964  9.637   1.00 22.35 ? 28   GLY A CA  1 
ATOM   183  C  C   . GLY A 1 28  ? -11.983 10.616  8.965   1.00 21.53 ? 28   GLY A C   1 
ATOM   184  O  O   . GLY A 1 28  ? -12.860 9.788   9.187   1.00 22.07 ? 28   GLY A O   1 
ATOM   185  N  N   . GLY A 1 29  ? -10.966 10.386  8.150   1.00 20.48 ? 29   GLY A N   1 
ATOM   186  C  CA  . GLY A 1 29  ? -10.852 9.120   7.472   1.00 18.48 ? 29   GLY A CA  1 
ATOM   187  C  C   . GLY A 1 29  ? -10.341 8.015   8.363   1.00 17.14 ? 29   GLY A C   1 
ATOM   188  O  O   . GLY A 1 29  ? -10.068 8.222   9.542   1.00 16.47 ? 29   GLY A O   1 
ATOM   189  N  N   . SER A 1 30  ? -10.220 6.836   7.786   1.00 16.10 ? 30   SER A N   1 
ATOM   190  C  CA  . SER A 1 30  ? -9.742  5.663   8.490   1.00 15.70 ? 30   SER A CA  1 
ATOM   191  C  C   . SER A 1 30  ? -8.563  5.091   7.712   1.00 14.87 ? 30   SER A C   1 
ATOM   192  O  O   . SER A 1 30  ? -8.337  5.455   6.556   1.00 13.85 ? 30   SER A O   1 
ATOM   193  C  CB  . SER A 1 30  ? -10.854 4.626   8.593   1.00 16.81 ? 30   SER A CB  1 
ATOM   194  O  OG  . SER A 1 30  ? -10.404 3.443   9.202   1.00 18.90 ? 30   SER A OG  1 
ATOM   195  N  N   . GLY A 1 31  ? -7.819  4.202   8.342   1.00 13.60 ? 31   GLY A N   1 
ATOM   196  C  CA  . GLY A 1 31  ? -6.676  3.618   7.677   1.00 12.27 ? 31   GLY A CA  1 
ATOM   197  C  C   . GLY A 1 31  ? -6.009  2.535   8.477   1.00 11.20 ? 31   GLY A C   1 
ATOM   198  O  O   . GLY A 1 31  ? -6.541  2.077   9.489   1.00 11.46 ? 31   GLY A O   1 
ATOM   199  N  N   . ILE A 1 32  ? -4.837  2.122   8.019   1.00 10.05 ? 32   ILE A N   1 
ATOM   200  C  CA  . ILE A 1 32  ? -4.085  1.082   8.685   1.00 9.50  ? 32   ILE A CA  1 
ATOM   201  C  C   . ILE A 1 32  ? -2.767  1.606   9.229   1.00 10.43 ? 32   ILE A C   1 
ATOM   202  O  O   . ILE A 1 32  ? -2.044  2.333   8.538   1.00 9.86  ? 32   ILE A O   1 
ATOM   203  C  CB  . ILE A 1 32  ? -3.800  -0.076  7.724   1.00 9.16  ? 32   ILE A CB  1 
ATOM   204  C  CG1 . ILE A 1 32  ? -5.111  -0.753  7.346   1.00 8.69  ? 32   ILE A CG1 1 
ATOM   205  C  CG2 . ILE A 1 32  ? -2.842  -1.057  8.357   1.00 8.59  ? 32   ILE A CG2 1 
ATOM   206  C  CD1 . ILE A 1 32  ? -5.847  -1.385  8.510   1.00 7.66  ? 32   ILE A CD1 1 
ATOM   207  N  N   . GLY A 1 33  ? -2.471  1.227   10.466  1.00 10.89 ? 33   GLY A N   1 
ATOM   208  C  CA  . GLY A 1 33  ? -1.253  1.651   11.112  1.00 10.85 ? 33   GLY A CA  1 
ATOM   209  C  C   . GLY A 1 33  ? -0.636  0.555   11.947  1.00 10.75 ? 33   GLY A C   1 
ATOM   210  O  O   . GLY A 1 33  ? -1.073  -0.586  11.904  1.00 9.77  ? 33   GLY A O   1 
ATOM   211  N  N   . TYR A 1 34  ? 0.374   0.906   12.722  1.00 9.03  ? 34   TYR A N   1 
ATOM   212  C  CA  . TYR A 1 34  ? 1.080   -0.051  13.551  1.00 9.70  ? 34   TYR A CA  1 
ATOM   213  C  C   . TYR A 1 34  ? 1.541   -1.250  12.741  1.00 10.12 ? 34   TYR A C   1 
ATOM   214  O  O   . TYR A 1 34  ? 1.362   -2.396  13.138  1.00 10.05 ? 34   TYR A O   1 
ATOM   215  C  CB  . TYR A 1 34  ? 0.220   -0.496  14.741  1.00 10.48 ? 34   TYR A CB  1 
ATOM   216  C  CG  . TYR A 1 34  ? -0.026  0.604   15.743  1.00 12.11 ? 34   TYR A CG  1 
ATOM   217  C  CD1 . TYR A 1 34  ? -0.976  1.587   15.509  1.00 12.97 ? 34   TYR A CD1 1 
ATOM   218  C  CD2 . TYR A 1 34  ? 0.737   0.701   16.893  1.00 14.90 ? 34   TYR A CD2 1 
ATOM   219  C  CE1 . TYR A 1 34  ? -1.153  2.647   16.398  1.00 14.79 ? 34   TYR A CE1 1 
ATOM   220  C  CE2 . TYR A 1 34  ? 0.569   1.753   17.785  1.00 16.29 ? 34   TYR A CE2 1 
ATOM   221  C  CZ  . TYR A 1 34  ? -0.373  2.720   17.528  1.00 16.99 ? 34   TYR A CZ  1 
ATOM   222  O  OH  . TYR A 1 34  ? -0.513  3.772   18.393  1.00 20.56 ? 34   TYR A OH  1 
ATOM   223  N  N   . ILE A 1 35  ? 2.154   -0.951  11.602  1.00 9.60  ? 35   ILE A N   1 
ATOM   224  C  CA  . ILE A 1 35  ? 2.686   -1.942  10.686  1.00 9.09  ? 35   ILE A CA  1 
ATOM   225  C  C   . ILE A 1 35  ? 4.141   -2.220  11.015  1.00 9.81  ? 35   ILE A C   1 
ATOM   226  O  O   . ILE A 1 35  ? 4.883   -1.312  11.349  1.00 9.60  ? 35   ILE A O   1 
ATOM   227  C  CB  . ILE A 1 35  ? 2.641   -1.430  9.225   1.00 9.50  ? 35   ILE A CB  1 
ATOM   228  C  CG1 . ILE A 1 35  ? 1.197   -1.254  8.789   1.00 8.66  ? 35   ILE A CG1 1 
ATOM   229  C  CG2 . ILE A 1 35  ? 3.392   -2.377  8.300   1.00 8.76  ? 35   ILE A CG2 1 
ATOM   230  C  CD1 . ILE A 1 35  ? 1.063   -0.626  7.431   1.00 10.50 ? 35   ILE A CD1 1 
ATOM   231  N  N   . GLU A 1 36  ? 4.544   -3.471  10.926  1.00 9.74  ? 36   GLU A N   1 
ATOM   232  C  CA  . GLU A 1 36  ? 5.928   -3.830  11.171  1.00 10.65 ? 36   GLU A CA  1 
ATOM   233  C  C   . GLU A 1 36  ? 6.464   -4.672  10.017  1.00 10.35 ? 36   GLU A C   1 
ATOM   234  O  O   . GLU A 1 36  ? 5.708   -5.348  9.346   1.00 9.91  ? 36   GLU A O   1 
ATOM   235  C  CB  . GLU A 1 36  ? 6.056   -4.536  12.525  1.00 11.28 ? 36   GLU A CB  1 
ATOM   236  C  CG  . GLU A 1 36  ? 6.089   -3.539  13.675  1.00 14.23 ? 36   GLU A CG  1 
ATOM   237  C  CD  . GLU A 1 36  ? 6.251   -4.167  15.043  1.00 20.70 ? 36   GLU A CD  1 
ATOM   238  O  OE1 . GLU A 1 36  ? 7.011   -5.137  15.169  1.00 22.55 ? 36   GLU A OE1 1 
ATOM   239  O  OE2 . GLU A 1 36  ? 5.629   -3.669  16.001  1.00 23.31 ? 36   GLU A OE2 1 
ATOM   240  N  N   A SER A 1 37  ? 7.768   -4.617  9.795   0.60 10.48 ? 37   SER A N   1 
ATOM   241  N  N   B SER A 1 37  ? 7.767   -4.611  9.789   0.40 24.98 ? 37   SER A N   1 
ATOM   242  C  CA  A SER A 1 37  ? 8.408   -5.350  8.711   0.60 11.25 ? 37   SER A CA  1 
ATOM   243  C  CA  B SER A 1 37  ? 8.404   -5.348  8.705   0.40 25.41 ? 37   SER A CA  1 
ATOM   244  C  C   A SER A 1 37  ? 7.871   -6.761  8.561   0.60 11.47 ? 37   SER A C   1 
ATOM   245  C  C   B SER A 1 37  ? 7.876   -6.761  8.559   0.40 25.26 ? 37   SER A C   1 
ATOM   246  O  O   A SER A 1 37  ? 7.831   -7.522  9.521   0.60 10.66 ? 37   SER A O   1 
ATOM   247  O  O   B SER A 1 37  ? 7.847   -7.524  9.519   0.40 24.51 ? 37   SER A O   1 
ATOM   248  C  CB  A SER A 1 37  ? 9.911   -5.392  8.928   0.60 11.07 ? 37   SER A CB  1 
ATOM   249  C  CB  B SER A 1 37  ? 9.912   -5.378  8.909   0.40 25.29 ? 37   SER A CB  1 
ATOM   250  O  OG  A SER A 1 37  ? 10.572  -5.975  7.824   0.60 11.58 ? 37   SER A OG  1 
ATOM   251  O  OG  B SER A 1 37  ? 10.234  -5.879  10.187  0.40 26.74 ? 37   SER A OG  1 
ATOM   252  N  N   . GLY A 1 38  ? 7.452   -7.099  7.352   1.00 11.64 ? 38   GLY A N   1 
ATOM   253  C  CA  . GLY A 1 38  ? 6.934   -8.424  7.102   1.00 12.39 ? 38   GLY A CA  1 
ATOM   254  C  C   . GLY A 1 38  ? 5.433   -8.501  6.999   1.00 12.52 ? 38   GLY A C   1 
ATOM   255  O  O   . GLY A 1 38  ? 4.895   -9.381  6.344   1.00 12.47 ? 38   GLY A O   1 
ATOM   256  N  N   . ASP A 1 39  ? 4.743   -7.583  7.654   1.00 12.33 ? 39   ASP A N   1 
ATOM   257  C  CA  . ASP A 1 39  ? 3.296   -7.564  7.615   1.00 11.98 ? 39   ASP A CA  1 
ATOM   258  C  C   . ASP A 1 39  ? 2.847   -7.341  6.187   1.00 12.13 ? 39   ASP A C   1 
ATOM   259  O  O   . ASP A 1 39  ? 3.602   -6.839  5.357   1.00 11.07 ? 39   ASP A O   1 
ATOM   260  C  CB  . ASP A 1 39  ? 2.745   -6.427  8.470   1.00 12.06 ? 39   ASP A CB  1 
ATOM   261  C  CG  . ASP A 1 39  ? 2.989   -6.619  9.951   1.00 12.01 ? 39   ASP A CG  1 
ATOM   262  O  OD1 . ASP A 1 39  ? 3.603   -7.626  10.336  1.00 13.74 ? 39   ASP A OD1 1 
ATOM   263  O  OD2 . ASP A 1 39  ? 2.561   -5.745  10.728  1.00 10.00 ? 39   ASP A OD2 1 
ATOM   264  N  N   . TYR A 1 40  ? 1.612   -7.719  5.909   1.00 12.20 ? 40   TYR A N   1 
ATOM   265  C  CA  . TYR A 1 40  ? 1.047   -7.507  4.595   1.00 11.46 ? 40   TYR A CA  1 
ATOM   266  C  C   . TYR A 1 40  ? -0.462  -7.469  4.671   1.00 11.88 ? 40   TYR A C   1 
ATOM   267  O  O   . TYR A 1 40  ? -1.065  -8.054  5.571   1.00 11.27 ? 40   TYR A O   1 
ATOM   268  C  CB  . TYR A 1 40  ? 1.527   -8.568  3.593   1.00 12.53 ? 40   TYR A CB  1 
ATOM   269  C  CG  . TYR A 1 40  ? 1.098   -9.994  3.845   1.00 12.76 ? 40   TYR A CG  1 
ATOM   270  C  CD1 . TYR A 1 40  ? -0.237  -10.364 3.823   1.00 14.14 ? 40   TYR A CD1 1 
ATOM   271  C  CD2 . TYR A 1 40  ? 2.044   -10.980 4.053   1.00 12.75 ? 40   TYR A CD2 1 
ATOM   272  C  CE1 . TYR A 1 40  ? -0.620  -11.688 4.000   1.00 16.05 ? 40   TYR A CE1 1 
ATOM   273  C  CE2 . TYR A 1 40  ? 1.678   -12.301 4.229   1.00 15.56 ? 40   TYR A CE2 1 
ATOM   274  C  CZ  . TYR A 1 40  ? 0.345   -12.648 4.203   1.00 16.17 ? 40   TYR A CZ  1 
ATOM   275  O  OH  . TYR A 1 40  ? -0.016  -13.953 4.381   1.00 15.46 ? 40   TYR A OH  1 
ATOM   276  N  N   . LEU A 1 41  ? -1.061  -6.746  3.744   1.00 11.59 ? 41   LEU A N   1 
ATOM   277  C  CA  . LEU A 1 41  ? -2.502  -6.629  3.665   1.00 12.14 ? 41   LEU A CA  1 
ATOM   278  C  C   . LEU A 1 41  ? -2.928  -7.325  2.390   1.00 12.95 ? 41   LEU A C   1 
ATOM   279  O  O   . LEU A 1 41  ? -2.209  -7.294  1.386   1.00 12.34 ? 41   LEU A O   1 
ATOM   280  C  CB  . LEU A 1 41  ? -2.922  -5.171  3.602   1.00 12.47 ? 41   LEU A CB  1 
ATOM   281  C  CG  . LEU A 1 41  ? -2.605  -4.287  4.803   1.00 12.42 ? 41   LEU A CG  1 
ATOM   282  C  CD1 . LEU A 1 41  ? -2.969  -2.856  4.477   1.00 12.09 ? 41   LEU A CD1 1 
ATOM   283  C  CD2 . LEU A 1 41  ? -3.370  -4.779  6.034   1.00 12.76 ? 41   LEU A CD2 1 
ATOM   284  N  N   . VAL A 1 42  ? -4.096  -7.944  2.427   1.00 12.99 ? 42   VAL A N   1 
ATOM   285  C  CA  . VAL A 1 42  ? -4.593  -8.659  1.264   1.00 13.61 ? 42   VAL A CA  1 
ATOM   286  C  C   . VAL A 1 42  ? -5.915  -8.116  0.765   1.00 13.93 ? 42   VAL A C   1 
ATOM   287  O  O   . VAL A 1 42  ? -6.859  -7.953  1.533   1.00 13.35 ? 42   VAL A O   1 
ATOM   288  C  CB  . VAL A 1 42  ? -4.764  -10.151 1.579   1.00 13.30 ? 42   VAL A CB  1 
ATOM   289  C  CG1 . VAL A 1 42  ? -5.125  -10.907 0.313   1.00 13.47 ? 42   VAL A CG1 1 
ATOM   290  C  CG2 . VAL A 1 42  ? -3.495  -10.695 2.165   1.00 12.47 ? 42   VAL A CG2 1 
ATOM   291  N  N   . PHE A 1 43  ? -5.966  -7.829  -0.530  1.00 14.92 ? 43   PHE A N   1 
ATOM   292  C  CA  . PHE A 1 43  ? -7.166  -7.321  -1.155  1.00 16.29 ? 43   PHE A CA  1 
ATOM   293  C  C   . PHE A 1 43  ? -7.563  -8.269  -2.272  1.00 17.70 ? 43   PHE A C   1 
ATOM   294  O  O   . PHE A 1 43  ? -7.046  -8.202  -3.389  1.00 17.03 ? 43   PHE A O   1 
ATOM   295  C  CB  . PHE A 1 43  ? -6.927  -5.922  -1.703  1.00 16.54 ? 43   PHE A CB  1 
ATOM   296  C  CG  . PHE A 1 43  ? -6.525  -4.938  -0.655  1.00 15.80 ? 43   PHE A CG  1 
ATOM   297  C  CD1 . PHE A 1 43  ? -5.211  -4.862  -0.232  1.00 16.13 ? 43   PHE A CD1 1 
ATOM   298  C  CD2 . PHE A 1 43  ? -7.472  -4.118  -0.055  1.00 16.35 ? 43   PHE A CD2 1 
ATOM   299  C  CE1 . PHE A 1 43  ? -4.841  -3.987  0.776   1.00 14.94 ? 43   PHE A CE1 1 
ATOM   300  C  CE2 . PHE A 1 43  ? -7.117  -3.240  0.954   1.00 14.44 ? 43   PHE A CE2 1 
ATOM   301  C  CZ  . PHE A 1 43  ? -5.797  -3.174  1.372   1.00 15.55 ? 43   PHE A CZ  1 
ATOM   302  N  N   . ASN A 1 44  ? -8.486  -9.156  -1.942  1.00 18.58 ? 44   ASN A N   1 
ATOM   303  C  CA  . ASN A 1 44  ? -8.970  -10.161 -2.863  1.00 20.18 ? 44   ASN A CA  1 
ATOM   304  C  C   . ASN A 1 44  ? -9.631  -9.660  -4.125  1.00 20.24 ? 44   ASN A C   1 
ATOM   305  O  O   . ASN A 1 44  ? -10.318 -8.648  -4.129  1.00 20.47 ? 44   ASN A O   1 
ATOM   306  C  CB  . ASN A 1 44  ? -9.941  -11.084 -2.134  1.00 20.96 ? 44   ASN A CB  1 
ATOM   307  C  CG  . ASN A 1 44  ? -9.267  -11.930 -1.090  1.00 23.25 ? 44   ASN A CG  1 
ATOM   308  O  OD1 . ASN A 1 44  ? -9.920  -12.457 -0.189  1.00 25.42 ? 44   ASN A OD1 1 
ATOM   309  N  ND2 . ASN A 1 44  ? -7.957  -12.084 -1.214  1.00 24.85 ? 44   ASN A ND2 1 
ATOM   310  N  N   . LYS A 1 45  ? -9.409  -10.408 -5.196  1.00 20.49 ? 45   LYS A N   1 
ATOM   311  C  CA  . LYS A 1 45  ? -9.975  -10.149 -6.506  1.00 20.97 ? 45   LYS A CA  1 
ATOM   312  C  C   . LYS A 1 45  ? -10.082 -8.714  -6.972  1.00 20.22 ? 45   LYS A C   1 
ATOM   313  O  O   . LYS A 1 45  ? -11.172 -8.234  -7.236  1.00 20.39 ? 45   LYS A O   1 
ATOM   314  C  CB  . LYS A 1 45  ? -11.353 -10.802 -6.588  1.00 21.31 ? 45   LYS A CB  1 
ATOM   315  C  CG  . LYS A 1 45  ? -11.374 -12.244 -6.122  1.00 23.29 ? 45   LYS A CG  1 
ATOM   316  C  CD  . LYS A 1 45  ? -12.700 -12.924 -6.402  1.00 28.09 ? 45   LYS A CD  1 
ATOM   317  C  CE  . LYS A 1 45  ? -13.855 -12.255 -5.686  1.00 29.88 ? 45   LYS A CE  1 
ATOM   318  N  NZ  . LYS A 1 45  ? -15.149 -12.916 -5.995  1.00 32.83 ? 45   LYS A NZ  1 
ATOM   319  N  N   . ILE A 1 46  ? -8.958  -8.024  -7.074  1.00 18.98 ? 46   ILE A N   1 
ATOM   320  C  CA  . ILE A 1 46  ? -8.989  -6.664  -7.566  1.00 18.61 ? 46   ILE A CA  1 
ATOM   321  C  C   . ILE A 1 46  ? -8.977  -6.782  -9.086  1.00 17.79 ? 46   ILE A C   1 
ATOM   322  O  O   . ILE A 1 46  ? -8.214  -7.554  -9.650  1.00 16.46 ? 46   ILE A O   1 
ATOM   323  C  CB  . ILE A 1 46  ? -7.761  -5.864  -7.127  1.00 18.75 ? 46   ILE A CB  1 
ATOM   324  C  CG1 . ILE A 1 46  ? -7.739  -5.753  -5.605  1.00 19.22 ? 46   ILE A CG1 1 
ATOM   325  C  CG2 . ILE A 1 46  ? -7.782  -4.492  -7.769  1.00 20.22 ? 46   ILE A CG2 1 
ATOM   326  C  CD1 . ILE A 1 46  ? -8.986  -5.136  -5.010  1.00 19.73 ? 46   ILE A CD1 1 
ATOM   327  N  N   . ASN A 1 47  ? -9.823  -6.025  -9.748  1.00 17.59 ? 47   ASN A N   1 
ATOM   328  C  CA  . ASN A 1 47  ? -9.883  -6.095  -11.197 1.00 17.60 ? 47   ASN A CA  1 
ATOM   329  C  C   . ASN A 1 47  ? -9.276  -4.870  -11.856 1.00 17.00 ? 47   ASN A C   1 
ATOM   330  O  O   . ASN A 1 47  ? -9.890  -3.814  -11.891 1.00 16.97 ? 47   ASN A O   1 
ATOM   331  C  CB  . ASN A 1 47  ? -11.329 -6.259  -11.644 1.00 17.76 ? 47   ASN A CB  1 
ATOM   332  C  CG  . ASN A 1 47  ? -11.437 -6.899  -13.014 1.00 18.32 ? 47   ASN A CG  1 
ATOM   333  O  OD1 . ASN A 1 47  ? -10.780 -6.482  -13.967 1.00 16.71 ? 47   ASN A OD1 1 
ATOM   334  N  ND2 . ASN A 1 47  ? -12.272 -7.918  -13.113 1.00 19.94 ? 47   ASN A ND2 1 
ATOM   335  N  N   . PHE A 1 48  ? -8.065  -5.019  -12.376 1.00 16.27 ? 48   PHE A N   1 
ATOM   336  C  CA  . PHE A 1 48  ? -7.376  -3.926  -13.039 1.00 15.83 ? 48   PHE A CA  1 
ATOM   337  C  C   . PHE A 1 48  ? -7.939  -3.675  -14.432 1.00 15.56 ? 48   PHE A C   1 
ATOM   338  O  O   . PHE A 1 48  ? -7.509  -2.761  -15.133 1.00 15.11 ? 48   PHE A O   1 
ATOM   339  C  CB  . PHE A 1 48  ? -5.887  -4.216  -13.145 1.00 16.04 ? 48   PHE A CB  1 
ATOM   340  C  CG  . PHE A 1 48  ? -5.229  -4.448  -11.819 1.00 17.23 ? 48   PHE A CG  1 
ATOM   341  C  CD1 . PHE A 1 48  ? -5.455  -5.615  -11.107 1.00 15.44 ? 48   PHE A CD1 1 
ATOM   342  C  CD2 . PHE A 1 48  ? -4.387  -3.492  -11.279 1.00 18.19 ? 48   PHE A CD2 1 
ATOM   343  C  CE1 . PHE A 1 48  ? -4.852  -5.830  -9.873  1.00 18.74 ? 48   PHE A CE1 1 
ATOM   344  C  CE2 . PHE A 1 48  ? -3.779  -3.697  -10.046 1.00 17.92 ? 48   PHE A CE2 1 
ATOM   345  C  CZ  . PHE A 1 48  ? -4.015  -4.869  -9.343  1.00 17.39 ? 48   PHE A CZ  1 
ATOM   346  N  N   . GLY A 1 49  ? -8.895  -4.500  -14.828 1.00 14.55 ? 49   GLY A N   1 
ATOM   347  C  CA  . GLY A 1 49  ? -9.522  -4.346  -16.122 1.00 14.33 ? 49   GLY A CA  1 
ATOM   348  C  C   . GLY A 1 49  ? -8.594  -4.344  -17.322 1.00 13.28 ? 49   GLY A C   1 
ATOM   349  O  O   . GLY A 1 49  ? -7.773  -5.229  -17.477 1.00 12.13 ? 49   GLY A O   1 
ATOM   350  N  N   . ASN A 1 50  ? -8.730  -3.343  -18.177 1.00 14.19 ? 50   ASN A N   1 
ATOM   351  C  CA  . ASN A 1 50  ? -7.901  -3.234  -19.371 1.00 14.75 ? 50   ASN A CA  1 
ATOM   352  C  C   . ASN A 1 50  ? -6.455  -2.987  -19.022 1.00 13.89 ? 50   ASN A C   1 
ATOM   353  O  O   . ASN A 1 50  ? -5.567  -3.199  -19.846 1.00 14.29 ? 50   ASN A O   1 
ATOM   354  C  CB  . ASN A 1 50  ? -8.403  -2.115  -20.267 1.00 15.39 ? 50   ASN A CB  1 
ATOM   355  C  CG  . ASN A 1 50  ? -9.758  -2.409  -20.839 1.00 20.01 ? 50   ASN A CG  1 
ATOM   356  O  OD1 . ASN A 1 50  ? -9.943  -3.408  -21.526 1.00 22.26 ? 50   ASN A OD1 1 
ATOM   357  N  ND2 . ASN A 1 50  ? -10.717 -1.547  -20.557 1.00 22.10 ? 50   ASN A ND2 1 
ATOM   358  N  N   . GLY A 1 51  ? -6.223  -2.530  -17.802 1.00 13.00 ? 51   GLY A N   1 
ATOM   359  C  CA  . GLY A 1 51  ? -4.873  -2.281  -17.380 1.00 12.07 ? 51   GLY A CA  1 
ATOM   360  C  C   . GLY A 1 51  ? -4.670  -1.063  -16.517 1.00 11.45 ? 51   GLY A C   1 
ATOM   361  O  O   . GLY A 1 51  ? -5.478  -0.150  -16.501 1.00 10.14 ? 51   GLY A O   1 
ATOM   362  N  N   . ALA A 1 52  ? -3.568  -1.074  -15.795 1.00 10.69 ? 52   ALA A N   1 
ATOM   363  C  CA  . ALA A 1 52  ? -3.171  0.004   -14.918 1.00 10.36 ? 52   ALA A CA  1 
ATOM   364  C  C   . ALA A 1 52  ? -1.654  -0.029  -14.899 1.00 9.75  ? 52   ALA A C   1 
ATOM   365  O  O   . ALA A 1 52  ? -1.058  -1.095  -14.860 1.00 9.36  ? 52   ALA A O   1 
ATOM   366  C  CB  . ALA A 1 52  ? -3.731  -0.219  -13.523 1.00 10.04 ? 52   ALA A CB  1 
ATOM   367  N  N   . ASN A 1 53  ? -1.026  1.134   -14.940 1.00 9.56  ? 53   ASN A N   1 
ATOM   368  C  CA  . ASN A 1 53  ? 0.420   1.193   -14.943 1.00 10.33 ? 53   ASN A CA  1 
ATOM   369  C  C   . ASN A 1 53  ? 0.951   2.152   -13.895 1.00 10.34 ? 53   ASN A C   1 
ATOM   370  O  O   . ASN A 1 53  ? 2.135   2.459   -13.880 1.00 9.43  ? 53   ASN A O   1 
ATOM   371  C  CB  . ASN A 1 53  ? 0.924   1.600   -16.329 1.00 11.15 ? 53   ASN A CB  1 
ATOM   372  C  CG  . ASN A 1 53  ? 0.368   2.924   -16.785 1.00 15.00 ? 53   ASN A CG  1 
ATOM   373  O  OD1 . ASN A 1 53  ? 0.532   3.309   -17.941 1.00 20.03 ? 53   ASN A OD1 1 
ATOM   374  N  ND2 . ASN A 1 53  ? -0.287  3.629   -15.881 1.00 15.00 ? 53   ASN A ND2 1 
ATOM   375  N  N   . SER A 1 54  ? 0.066   2.615   -13.023 1.00 9.95  ? 54   SER A N   1 
ATOM   376  C  CA  . SER A 1 54  ? 0.438   3.539   -11.974 1.00 11.46 ? 54   SER A CA  1 
ATOM   377  C  C   . SER A 1 54  ? -0.221  3.190   -10.641 1.00 10.00 ? 54   SER A C   1 
ATOM   378  O  O   . SER A 1 54  ? -1.337  2.680   -10.608 1.00 10.04 ? 54   SER A O   1 
ATOM   379  C  CB  . SER A 1 54  ? 0.044   4.947   -12.382 1.00 11.09 ? 54   SER A CB  1 
ATOM   380  O  OG  . SER A 1 54  ? 0.301   5.854   -11.344 1.00 20.28 ? 54   SER A OG  1 
ATOM   381  N  N   . PHE A 1 55  ? 0.481   3.471   -9.554  1.00 9.57  ? 55   PHE A N   1 
ATOM   382  C  CA  . PHE A 1 55  ? -0.009  3.217   -8.194  1.00 9.38  ? 55   PHE A CA  1 
ATOM   383  C  C   . PHE A 1 55  ? 0.184   4.475   -7.368  1.00 9.50  ? 55   PHE A C   1 
ATOM   384  O  O   . PHE A 1 55  ? 1.280   5.027   -7.331  1.00 8.78  ? 55   PHE A O   1 
ATOM   385  C  CB  . PHE A 1 55  ? 0.774   2.080   -7.557  1.00 8.13  ? 55   PHE A CB  1 
ATOM   386  C  CG  . PHE A 1 55  ? 0.425   1.825   -6.108  1.00 11.24 ? 55   PHE A CG  1 
ATOM   387  C  CD1 . PHE A 1 55  ? -0.757  1.189   -5.753  1.00 9.58  ? 55   PHE A CD1 1 
ATOM   388  C  CD2 . PHE A 1 55  ? 1.314   2.169   -5.102  1.00 10.22 ? 55   PHE A CD2 1 
ATOM   389  C  CE1 . PHE A 1 55  ? -1.050  0.888   -4.424  1.00 10.57 ? 55   PHE A CE1 1 
ATOM   390  C  CE2 . PHE A 1 55  ? 1.033   1.876   -3.765  1.00 11.63 ? 55   PHE A CE2 1 
ATOM   391  C  CZ  . PHE A 1 55  ? -0.153  1.227   -3.424  1.00 11.15 ? 55   PHE A CZ  1 
ATOM   392  N  N   . LYS A 1 56  ? -0.877  4.928   -6.716  1.00 8.32  ? 56   LYS A N   1 
ATOM   393  C  CA  . LYS A 1 56  ? -0.810  6.111   -5.886  1.00 8.98  ? 56   LYS A CA  1 
ATOM   394  C  C   . LYS A 1 56  ? -1.420  5.789   -4.532  1.00 8.55  ? 56   LYS A C   1 
ATOM   395  O  O   . LYS A 1 56  ? -2.499  5.216   -4.459  1.00 8.45  ? 56   LYS A O   1 
ATOM   396  C  CB  . LYS A 1 56  ? -1.565  7.260   -6.539  1.00 9.40  ? 56   LYS A CB  1 
ATOM   397  C  CG  . LYS A 1 56  ? -1.552  8.538   -5.719  1.00 11.10 ? 56   LYS A CG  1 
ATOM   398  C  CD  . LYS A 1 56  ? -1.994  9.745   -6.528  1.00 14.33 ? 56   LYS A CD  1 
ATOM   399  C  CE  . LYS A 1 56  ? -3.440  9.644   -6.955  1.00 17.69 ? 56   LYS A CE  1 
ATOM   400  N  NZ  . LYS A 1 56  ? -3.913  10.891  -7.612  1.00 18.02 ? 56   LYS A NZ  1 
ATOM   401  N  N   . ALA A 1 57  ? -0.734  6.153   -3.467  1.00 8.28  ? 57   ALA A N   1 
ATOM   402  C  CA  . ALA A 1 57  ? -1.227  5.877   -2.121  1.00 7.31  ? 57   ALA A CA  1 
ATOM   403  C  C   . ALA A 1 57  ? -1.091  7.060   -1.189  1.00 7.73  ? 57   ALA A C   1 
ATOM   404  O  O   . ALA A 1 57  ? -0.088  7.755   -1.223  1.00 7.94  ? 57   ALA A O   1 
ATOM   405  C  CB  . ALA A 1 57  ? -0.489  4.690   -1.534  1.00 7.38  ? 57   ALA A CB  1 
ATOM   406  N  N   . ARG A 1 58  ? -2.105  7.281   -0.356  1.00 6.54  ? 58   ARG A N   1 
ATOM   407  C  CA  . ARG A 1 58  ? -2.060  8.361   0.607   1.00 7.21  ? 58   ARG A CA  1 
ATOM   408  C  C   . ARG A 1 58  ? -1.466  7.733   1.851   1.00 6.59  ? 58   ARG A C   1 
ATOM   409  O  O   . ARG A 1 58  ? -2.105  6.908   2.507   1.00 6.06  ? 58   ARG A O   1 
ATOM   410  C  CB  . ARG A 1 58  ? -3.458  8.897   0.912   1.00 6.99  ? 58   ARG A CB  1 
ATOM   411  C  CG  . ARG A 1 58  ? -3.449  10.113  1.835   1.00 8.58  ? 58   ARG A CG  1 
ATOM   412  C  CD  . ARG A 1 58  ? -4.782  10.837  1.830   1.00 14.30 ? 58   ARG A CD  1 
ATOM   413  N  NE  . ARG A 1 58  ? -4.732  12.078  2.584   1.00 15.27 ? 58   ARG A NE  1 
ATOM   414  C  CZ  . ARG A 1 58  ? -5.065  12.194  3.864   1.00 18.78 ? 58   ARG A CZ  1 
ATOM   415  N  NH1 . ARG A 1 58  ? -5.483  11.145  4.553   1.00 20.60 ? 58   ARG A NH1 1 
ATOM   416  N  NH2 . ARG A 1 58  ? -4.983  13.367  4.458   1.00 19.65 ? 58   ARG A NH2 1 
ATOM   417  N  N   . VAL A 1 59  ? -0.236  8.122   2.151   1.00 6.37  ? 59   VAL A N   1 
ATOM   418  C  CA  . VAL A 1 59  ? 0.501   7.586   3.277   1.00 5.25  ? 59   VAL A CA  1 
ATOM   419  C  C   . VAL A 1 59  ? 1.139   8.638   4.176   1.00 6.08  ? 59   VAL A C   1 
ATOM   420  O  O   . VAL A 1 59  ? 1.337   9.781   3.774   1.00 5.25  ? 59   VAL A O   1 
ATOM   421  C  CB  . VAL A 1 59  ? 1.629   6.673   2.769   1.00 5.99  ? 59   VAL A CB  1 
ATOM   422  C  CG1 . VAL A 1 59  ? 1.051   5.431   2.117   1.00 5.28  ? 59   VAL A CG1 1 
ATOM   423  C  CG2 . VAL A 1 59  ? 2.487   7.437   1.754   1.00 6.80  ? 59   VAL A CG2 1 
ATOM   424  N  N   . ALA A 1 60  ? 1.481   8.219   5.386   1.00 4.33  ? 60   ALA A N   1 
ATOM   425  C  CA  . ALA A 1 60  ? 2.120   9.076   6.362   1.00 4.35  ? 60   ALA A CA  1 
ATOM   426  C  C   . ALA A 1 60  ? 3.236   8.307   7.043   1.00 4.24  ? 60   ALA A C   1 
ATOM   427  O  O   . ALA A 1 60  ? 3.103   7.117   7.308   1.00 3.41  ? 60   ALA A O   1 
ATOM   428  C  CB  . ALA A 1 60  ? 1.101   9.538   7.407   1.00 3.89  ? 60   ALA A CB  1 
ATOM   429  N  N   . SER A 1 61  ? 4.339   8.983   7.321   1.00 4.02  ? 61   SER A N   1 
ATOM   430  C  CA  . SER A 1 61  ? 5.435   8.332   7.998   1.00 4.46  ? 61   SER A CA  1 
ATOM   431  C  C   . SER A 1 61  ? 6.288   9.263   8.826   1.00 4.64  ? 61   SER A C   1 
ATOM   432  O  O   . SER A 1 61  ? 6.775   10.279  8.339   1.00 4.09  ? 61   SER A O   1 
ATOM   433  C  CB  . SER A 1 61  ? 6.326   7.610   7.001   1.00 5.23  ? 61   SER A CB  1 
ATOM   434  O  OG  . SER A 1 61  ? 7.438   7.059   7.671   1.00 6.42  ? 61   SER A OG  1 
ATOM   435  N  N   . GLY A 1 62  ? 6.455   8.904   10.087  1.00 4.41  ? 62   GLY A N   1 
ATOM   436  C  CA  . GLY A 1 62  ? 7.287   9.680   10.966  1.00 6.14  ? 62   GLY A CA  1 
ATOM   437  C  C   . GLY A 1 62  ? 8.470   8.832   11.370  1.00 6.47  ? 62   GLY A C   1 
ATOM   438  O  O   . GLY A 1 62  ? 9.105   9.108   12.376  1.00 7.39  ? 62   GLY A O   1 
ATOM   439  N  N   . ALA A 1 63  ? 8.771   7.812   10.579  1.00 7.10  ? 63   ALA A N   1 
ATOM   440  C  CA  . ALA A 1 63  ? 9.875   6.899   10.863  1.00 7.94  ? 63   ALA A CA  1 
ATOM   441  C  C   . ALA A 1 63  ? 11.243  7.526   10.634  1.00 7.67  ? 63   ALA A C   1 
ATOM   442  O  O   . ALA A 1 63  ? 11.366  8.514   9.914   1.00 7.18  ? 63   ALA A O   1 
ATOM   443  C  CB  . ALA A 1 63  ? 9.743   5.660   10.007  1.00 7.74  ? 63   ALA A CB  1 
ATOM   444  N  N   . ASP A 1 64  ? 12.272  6.961   11.247  1.00 7.93  ? 64   ASP A N   1 
ATOM   445  C  CA  . ASP A 1 64  ? 13.617  7.496   11.063  1.00 7.77  ? 64   ASP A CA  1 
ATOM   446  C  C   . ASP A 1 64  ? 14.290  6.896   9.827   1.00 7.61  ? 64   ASP A C   1 
ATOM   447  O  O   . ASP A 1 64  ? 15.425  7.228   9.494   1.00 7.67  ? 64   ASP A O   1 
ATOM   448  C  CB  . ASP A 1 64  ? 14.482  7.267   12.307  1.00 9.42  ? 64   ASP A CB  1 
ATOM   449  C  CG  . ASP A 1 64  ? 14.724  5.803   12.607  1.00 10.03 ? 64   ASP A CG  1 
ATOM   450  O  OD1 . ASP A 1 64  ? 15.655  5.514   13.379  1.00 8.69  ? 64   ASP A OD1 1 
ATOM   451  O  OD2 . ASP A 1 64  ? 13.987  4.950   12.089  1.00 11.57 ? 64   ASP A OD2 1 
ATOM   452  N  N   A THR A 1 65  ? 13.581  6.005   9.154   0.50 6.52  ? 65   THR A N   1 
ATOM   453  N  N   B THR A 1 65  ? 13.572  6.017   9.153   0.50 8.86  ? 65   THR A N   1 
ATOM   454  C  CA  A THR A 1 65  ? 14.089  5.368   7.946   0.50 6.21  ? 65   THR A CA  1 
ATOM   455  C  CA  B THR A 1 65  ? 14.075  5.360   7.961   0.50 9.69  ? 65   THR A CA  1 
ATOM   456  C  C   A THR A 1 65  ? 12.945  5.131   6.979   0.50 6.20  ? 65   THR A C   1 
ATOM   457  C  C   B THR A 1 65  ? 12.939  5.119   6.980   0.50 9.33  ? 65   THR A C   1 
ATOM   458  O  O   A THR A 1 65  ? 11.802  4.983   7.393   0.50 5.82  ? 65   THR A O   1 
ATOM   459  O  O   B THR A 1 65  ? 11.794  4.958   7.385   0.50 8.96  ? 65   THR A O   1 
ATOM   460  C  CB  A THR A 1 65  ? 14.735  4.012   8.243   0.50 6.23  ? 65   THR A CB  1 
ATOM   461  C  CB  B THR A 1 65  ? 14.711  4.016   8.315   0.50 9.83  ? 65   THR A CB  1 
ATOM   462  O  OG1 A THR A 1 65  ? 13.746  3.119   8.757   0.50 6.49  ? 65   THR A OG1 1 
ATOM   463  O  OG1 B THR A 1 65  ? 15.224  3.407   7.132   0.50 12.52 ? 65   THR A OG1 1 
ATOM   464  C  CG2 A THR A 1 65  ? 15.856  4.157   9.241   0.50 5.05  ? 65   THR A CG2 1 
ATOM   465  C  CG2 B THR A 1 65  ? 13.686  3.102   8.950   0.50 10.28 ? 65   THR A CG2 1 
ATOM   466  N  N   . PRO A 1 66  ? 13.245  5.090   5.675   1.00 6.21  ? 66   PRO A N   1 
ATOM   467  C  CA  . PRO A 1 66  ? 12.201  4.864   4.685   1.00 6.48  ? 66   PRO A CA  1 
ATOM   468  C  C   . PRO A 1 66  ? 11.596  3.474   4.741   1.00 5.83  ? 66   PRO A C   1 
ATOM   469  O  O   . PRO A 1 66  ? 12.238  2.522   5.173   1.00 5.95  ? 66   PRO A O   1 
ATOM   470  C  CB  . PRO A 1 66  ? 12.916  5.141   3.358   1.00 6.31  ? 66   PRO A CB  1 
ATOM   471  C  CG  . PRO A 1 66  ? 14.331  4.744   3.651   1.00 6.74  ? 66   PRO A CG  1 
ATOM   472  C  CD  . PRO A 1 66  ? 14.546  5.319   5.021   1.00 5.97  ? 66   PRO A CD  1 
ATOM   473  N  N   A THR A 1 67  ? 10.355  3.366   4.311   0.33 5.80  ? 67   THR A N   1 
ATOM   474  N  N   B THR A 1 67  ? 10.357  3.370   4.304   0.33 6.67  ? 67   THR A N   1 
ATOM   475  N  N   C THR A 1 67  ? 10.355  3.366   4.311   0.33 5.07  ? 67   THR A N   1 
ATOM   476  C  CA  A THR A 1 67  ? 9.654   2.096   4.295   0.33 5.68  ? 67   THR A CA  1 
ATOM   477  C  CA  B THR A 1 67  ? 9.646   2.109   4.286   0.33 6.77  ? 67   THR A CA  1 
ATOM   478  C  CA  C THR A 1 67  ? 9.654   2.096   4.295   0.33 5.14  ? 67   THR A CA  1 
ATOM   479  C  C   A THR A 1 67  ? 9.185   1.794   2.883   0.33 5.71  ? 67   THR A C   1 
ATOM   480  C  C   B THR A 1 67  ? 9.185   1.797   2.875   0.33 6.76  ? 67   THR A C   1 
ATOM   481  C  C   C THR A 1 67  ? 9.185   1.794   2.883   0.33 5.19  ? 67   THR A C   1 
ATOM   482  O  O   A THR A 1 67  ? 8.729   2.679   2.173   0.33 5.61  ? 67   THR A O   1 
ATOM   483  O  O   B THR A 1 67  ? 8.736   2.677   2.156   0.33 6.66  ? 67   THR A O   1 
ATOM   484  O  O   C THR A 1 67  ? 8.729   2.679   2.173   0.33 5.13  ? 67   THR A O   1 
ATOM   485  C  CB  A THR A 1 67  ? 8.433   2.109   5.243   0.33 5.87  ? 67   THR A CB  1 
ATOM   486  C  CB  B THR A 1 67  ? 8.418   2.147   5.216   0.33 6.95  ? 67   THR A CB  1 
ATOM   487  C  CB  C THR A 1 67  ? 8.433   2.109   5.243   0.33 5.35  ? 67   THR A CB  1 
ATOM   488  O  OG1 A THR A 1 67  ? 8.866   2.258   6.594   0.33 4.71  ? 67   THR A OG1 1 
ATOM   489  O  OG1 B THR A 1 67  ? 7.625   0.983   5.011   0.33 7.55  ? 67   THR A OG1 1 
ATOM   490  O  OG1 C THR A 1 67  ? 8.866   2.258   6.594   0.33 4.27  ? 67   THR A OG1 1 
ATOM   491  C  CG2 A THR A 1 67  ? 7.642   0.828   5.115   0.33 6.25  ? 67   THR A CG2 1 
ATOM   492  C  CG2 B THR A 1 67  ? 7.586   3.377   4.935   0.33 6.28  ? 67   THR A CG2 1 
ATOM   493  C  CG2 C THR A 1 67  ? 7.642   0.828   5.115   0.33 5.82  ? 67   THR A CG2 1 
ATOM   494  N  N   . ASN A 1 68  ? 9.305   0.546   2.475   1.00 6.85  ? 68   ASN A N   1 
ATOM   495  C  CA  . ASN A 1 68  ? 8.885   0.139   1.147   1.00 7.79  ? 68   ASN A CA  1 
ATOM   496  C  C   . ASN A 1 68  ? 7.593   -0.637  1.198   1.00 8.05  ? 68   ASN A C   1 
ATOM   497  O  O   . ASN A 1 68  ? 7.354   -1.416  2.125   1.00 7.48  ? 68   ASN A O   1 
ATOM   498  C  CB  . ASN A 1 68  ? 9.927   -0.745  0.465   1.00 8.11  ? 68   ASN A CB  1 
ATOM   499  C  CG  . ASN A 1 68  ? 11.207  -0.018  0.148   1.00 12.51 ? 68   ASN A CG  1 
ATOM   500  O  OD1 . ASN A 1 68  ? 11.209  1.170   -0.150  1.00 13.31 ? 68   ASN A OD1 1 
ATOM   501  N  ND2 . ASN A 1 68  ? 12.312  -0.739  0.186   1.00 15.70 ? 68   ASN A ND2 1 
ATOM   502  N  N   . ILE A 1 69  ? 6.756   -0.418  0.199   1.00 6.86  ? 69   ILE A N   1 
ATOM   503  C  CA  . ILE A 1 69  ? 5.514   -1.149  0.097   1.00 7.16  ? 69   ILE A CA  1 
ATOM   504  C  C   . ILE A 1 69  ? 5.584   -1.920  -1.212  1.00 7.26  ? 69   ILE A C   1 
ATOM   505  O  O   . ILE A 1 69  ? 5.429   -1.354  -2.293  1.00 5.53  ? 69   ILE A O   1 
ATOM   506  C  CB  . ILE A 1 69  ? 4.286   -0.231  0.059   1.00 6.20  ? 69   ILE A CB  1 
ATOM   507  C  CG1 . ILE A 1 69  ? 4.233   0.634   1.312   1.00 7.42  ? 69   ILE A CG1 1 
ATOM   508  C  CG2 . ILE A 1 69  ? 3.018   -1.071  -0.033  1.00 6.72  ? 69   ILE A CG2 1 
ATOM   509  C  CD1 . ILE A 1 69  ? 3.037   1.542   1.378   1.00 7.61  ? 69   ILE A CD1 1 
ATOM   510  N  N   . GLN A 1 70  ? 5.850   -3.206  -1.120  1.00 7.95  ? 70   GLN A N   1 
ATOM   511  C  CA  . GLN A 1 70  ? 5.918   -4.028  -2.313  1.00 10.24 ? 70   GLN A CA  1 
ATOM   512  C  C   . GLN A 1 70  ? 4.516   -4.406  -2.734  1.00 10.23 ? 70   GLN A C   1 
ATOM   513  O  O   . GLN A 1 70  ? 3.650   -4.679  -1.897  1.00 10.59 ? 70   GLN A O   1 
ATOM   514  C  CB  . GLN A 1 70  ? 6.708   -5.299  -2.064  1.00 9.56  ? 70   GLN A CB  1 
ATOM   515  C  CG  . GLN A 1 70  ? 8.155   -5.101  -1.702  1.00 13.35 ? 70   GLN A CG  1 
ATOM   516  C  CD  . GLN A 1 70  ? 8.913   -6.399  -1.704  1.00 16.35 ? 70   GLN A CD  1 
ATOM   517  O  OE1 . GLN A 1 70  ? 8.449   -7.386  -1.150  1.00 18.48 ? 70   GLN A OE1 1 
ATOM   518  N  NE2 . GLN A 1 70  ? 10.086  -6.403  -2.322  1.00 17.44 ? 70   GLN A NE2 1 
ATOM   519  N  N   . LEU A 1 71  ? 4.300   -4.424  -4.038  1.00 10.97 ? 71   LEU A N   1 
ATOM   520  C  CA  . LEU A 1 71  ? 3.007   -4.782  -4.576  1.00 11.73 ? 71   LEU A CA  1 
ATOM   521  C  C   . LEU A 1 71  ? 3.170   -6.098  -5.305  1.00 11.66 ? 71   LEU A C   1 
ATOM   522  O  O   . LEU A 1 71  ? 3.831   -6.158  -6.338  1.00 10.19 ? 71   LEU A O   1 
ATOM   523  C  CB  . LEU A 1 71  ? 2.532   -3.710  -5.545  1.00 11.98 ? 71   LEU A CB  1 
ATOM   524  C  CG  . LEU A 1 71  ? 2.594   -2.282  -5.025  1.00 14.80 ? 71   LEU A CG  1 
ATOM   525  C  CD1 . LEU A 1 71  ? 2.061   -1.342  -6.073  1.00 18.06 ? 71   LEU A CD1 1 
ATOM   526  C  CD2 . LEU A 1 71  ? 1.794   -2.158  -3.751  1.00 17.13 ? 71   LEU A CD2 1 
ATOM   527  N  N   . ARG A 1 72  ? 2.579   -7.148  -4.755  1.00 12.55 ? 72   ARG A N   1 
ATOM   528  C  CA  . ARG A 1 72  ? 2.665   -8.473  -5.347  1.00 13.73 ? 72   ARG A CA  1 
ATOM   529  C  C   . ARG A 1 72  ? 1.295   -9.038  -5.684  1.00 15.10 ? 72   ARG A C   1 
ATOM   530  O  O   . ARG A 1 72  ? 0.299   -8.687  -5.062  1.00 15.06 ? 72   ARG A O   1 
ATOM   531  C  CB  . ARG A 1 72  ? 3.383   -9.417  -4.397  1.00 14.08 ? 72   ARG A CB  1 
ATOM   532  C  CG  . ARG A 1 72  ? 4.862   -9.155  -4.264  1.00 12.68 ? 72   ARG A CG  1 
ATOM   533  C  CD  . ARG A 1 72  ? 5.447   -9.981  -3.140  1.00 14.00 ? 72   ARG A CD  1 
ATOM   534  N  NE  . ARG A 1 72  ? 6.839   -9.664  -2.899  1.00 13.85 ? 72   ARG A NE  1 
ATOM   535  C  CZ  . ARG A 1 72  ? 7.849   -10.084 -3.649  1.00 11.80 ? 72   ARG A CZ  1 
ATOM   536  N  NH1 . ARG A 1 72  ? 7.625   -10.851 -4.698  1.00 9.40  ? 72   ARG A NH1 1 
ATOM   537  N  NH2 . ARG A 1 72  ? 9.080   -9.729  -3.349  1.00 10.06 ? 72   ARG A NH2 1 
ATOM   538  N  N   . LEU A 1 73  ? 1.253   -9.921  -6.671  1.00 15.44 ? 73   LEU A N   1 
ATOM   539  C  CA  . LEU A 1 73  ? -0.003  -10.516 -7.091  1.00 16.27 ? 73   LEU A CA  1 
ATOM   540  C  C   . LEU A 1 73  ? -0.098  -11.995 -6.779  1.00 17.36 ? 73   LEU A C   1 
ATOM   541  O  O   . LEU A 1 73  ? 0.895   -12.711 -6.819  1.00 16.68 ? 73   LEU A O   1 
ATOM   542  C  CB  . LEU A 1 73  ? -0.194  -10.321 -8.596  1.00 16.91 ? 73   LEU A CB  1 
ATOM   543  C  CG  . LEU A 1 73  ? -0.198  -8.917  -9.178  1.00 15.45 ? 73   LEU A CG  1 
ATOM   544  C  CD1 . LEU A 1 73  ? -0.377  -8.992  -10.681 1.00 17.70 ? 73   LEU A CD1 1 
ATOM   545  C  CD2 . LEU A 1 73  ? -1.307  -8.105  -8.541  1.00 17.50 ? 73   LEU A CD2 1 
ATOM   546  N  N   . GLY A 1 74  ? -1.303  -12.448 -6.469  1.00 18.58 ? 74   GLY A N   1 
ATOM   547  C  CA  . GLY A 1 74  ? -1.515  -13.845 -6.181  1.00 20.21 ? 74   GLY A CA  1 
ATOM   548  C  C   . GLY A 1 74  ? -1.188  -14.322 -4.786  1.00 21.48 ? 74   GLY A C   1 
ATOM   549  O  O   . GLY A 1 74  ? -2.032  -14.929 -4.125  1.00 22.41 ? 74   GLY A O   1 
ATOM   550  N  N   . SER A 1 75  ? 0.030   -14.062 -4.334  1.00 21.70 ? 75   SER A N   1 
ATOM   551  C  CA  . SER A 1 75  ? 0.443   -14.500 -3.009  1.00 21.46 ? 75   SER A CA  1 
ATOM   552  C  C   . SER A 1 75  ? 1.475   -13.568 -2.412  1.00 21.40 ? 75   SER A C   1 
ATOM   553  O  O   . SER A 1 75  ? 2.003   -12.702 -3.100  1.00 21.17 ? 75   SER A O   1 
ATOM   554  C  CB  . SER A 1 75  ? 1.035   -15.891 -3.093  1.00 21.95 ? 75   SER A CB  1 
ATOM   555  O  OG  . SER A 1 75  ? 2.331   -15.849 -3.659  1.00 22.38 ? 75   SER A OG  1 
ATOM   556  N  N   . PRO A 1 76  ? 1.780   -13.744 -1.119  1.00 21.02 ? 76   PRO A N   1 
ATOM   557  C  CA  . PRO A 1 76  ? 2.758   -12.919 -0.424  1.00 21.21 ? 76   PRO A CA  1 
ATOM   558  C  C   . PRO A 1 76  ? 4.115   -12.920 -1.117  1.00 21.03 ? 76   PRO A C   1 
ATOM   559  O  O   . PRO A 1 76  ? 4.929   -12.037 -0.901  1.00 20.87 ? 76   PRO A O   1 
ATOM   560  C  CB  . PRO A 1 76  ? 2.805   -13.548 0.960   1.00 21.53 ? 76   PRO A CB  1 
ATOM   561  C  CG  . PRO A 1 76  ? 1.407   -14.009 1.157   1.00 21.07 ? 76   PRO A CG  1 
ATOM   562  C  CD  . PRO A 1 76  ? 1.107   -14.646 -0.171  1.00 21.08 ? 76   PRO A CD  1 
ATOM   563  N  N   . THR A 1 77  ? 4.355   -13.922 -1.939  1.00 20.54 ? 77   THR A N   1 
ATOM   564  C  CA  . THR A 1 77  ? 5.606   -14.030 -2.673  1.00 20.61 ? 77   THR A CA  1 
ATOM   565  C  C   . THR A 1 77  ? 5.340   -13.926 -4.166  1.00 19.94 ? 77   THR A C   1 
ATOM   566  O  O   . THR A 1 77  ? 6.239   -14.100 -4.983  1.00 20.70 ? 77   THR A O   1 
ATOM   567  C  CB  . THR A 1 77  ? 6.300   -15.363 -2.395  1.00 21.26 ? 77   THR A CB  1 
ATOM   568  O  OG1 . THR A 1 77  ? 5.394   -16.431 -2.650  1.00 21.38 ? 77   THR A OG1 1 
ATOM   569  C  CG2 . THR A 1 77  ? 6.760   -15.429 -0.956  1.00 21.42 ? 77   THR A CG2 1 
ATOM   570  N  N   . GLY A 1 78  ? 4.101   -13.627 -4.505  1.00 19.07 ? 78   GLY A N   1 
ATOM   571  C  CA  . GLY A 1 78  ? 3.713   -13.510 -5.891  1.00 17.82 ? 78   GLY A CA  1 
ATOM   572  C  C   . GLY A 1 78  ? 4.486   -12.515 -6.735  1.00 17.26 ? 78   GLY A C   1 
ATOM   573  O  O   . GLY A 1 78  ? 5.418   -11.874 -6.267  1.00 17.43 ? 78   GLY A O   1 
ATOM   574  N  N   A THR A 1 79  ? 4.074   -12.377 -7.983  0.50 15.65 ? 79   THR A N   1 
ATOM   575  N  N   B THR A 1 79  ? 4.099   -12.393 -7.995  0.50 15.26 ? 79   THR A N   1 
ATOM   576  C  CA  A THR A 1 79  ? 4.705   -11.472 -8.935  0.50 14.79 ? 79   THR A CA  1 
ATOM   577  C  CA  B THR A 1 79  ? 4.764   -11.488 -8.923  0.50 15.97 ? 79   THR A CA  1 
ATOM   578  C  C   A THR A 1 79  ? 4.814   -10.050 -8.408  0.50 13.57 ? 79   THR A C   1 
ATOM   579  C  C   B THR A 1 79  ? 4.825   -10.066 -8.406  0.50 15.60 ? 79   THR A C   1 
ATOM   580  O  O   A THR A 1 79  ? 3.812   -9.440  -8.057  0.50 13.62 ? 79   THR A O   1 
ATOM   581  O  O   B THR A 1 79  ? 3.809   -9.475  -8.061  0.50 15.75 ? 79   THR A O   1 
ATOM   582  C  CB  A THR A 1 79  ? 3.918   -11.445 -10.254 0.50 14.93 ? 79   THR A CB  1 
ATOM   583  C  CB  B THR A 1 79  ? 4.075   -11.493 -10.301 0.50 16.06 ? 79   THR A CB  1 
ATOM   584  O  OG1 A THR A 1 79  ? 3.745   -12.777 -10.731 0.50 14.57 ? 79   THR A OG1 1 
ATOM   585  O  OG1 B THR A 1 79  ? 4.738   -10.575 -11.179 0.50 16.83 ? 79   THR A OG1 1 
ATOM   586  C  CG2 A THR A 1 79  ? 4.659   -10.634 -11.308 0.50 15.34 ? 79   THR A CG2 1 
ATOM   587  C  CG2 B THR A 1 79  ? 2.623   -11.108 -10.161 0.50 15.98 ? 79   THR A CG2 1 
ATOM   588  N  N   . LEU A 1 80  ? 6.031   -9.528  -8.361  1.00 12.30 ? 80   LEU A N   1 
ATOM   589  C  CA  . LEU A 1 80  ? 6.270   -8.174  -7.887  1.00 11.26 ? 80   LEU A CA  1 
ATOM   590  C  C   . LEU A 1 80  ? 6.079   -7.194  -9.039  1.00 9.60  ? 80   LEU A C   1 
ATOM   591  O  O   . LEU A 1 80  ? 6.902   -7.134  -9.960  1.00 8.78  ? 80   LEU A O   1 
ATOM   592  C  CB  . LEU A 1 80  ? 7.697   -8.049  -7.375  1.00 11.37 ? 80   LEU A CB  1 
ATOM   593  C  CG  . LEU A 1 80  ? 8.021   -7.157  -6.182  1.00 14.88 ? 80   LEU A CG  1 
ATOM   594  C  CD1 . LEU A 1 80  ? 9.467   -6.725  -6.314  1.00 13.79 ? 80   LEU A CD1 1 
ATOM   595  C  CD2 . LEU A 1 80  ? 7.116   -5.957  -6.115  1.00 15.19 ? 80   LEU A CD2 1 
ATOM   596  N  N   . ILE A 1 81  ? 5.005   -6.422  -8.989  1.00 7.79  ? 81   ILE A N   1 
ATOM   597  C  CA  . ILE A 1 81  ? 4.730   -5.468  -10.052 1.00 7.22  ? 81   ILE A CA  1 
ATOM   598  C  C   . ILE A 1 81  ? 5.208   -4.055  -9.768  1.00 6.42  ? 81   ILE A C   1 
ATOM   599  O  O   . ILE A 1 81  ? 5.199   -3.198  -10.653 1.00 6.40  ? 81   ILE A O   1 
ATOM   600  C  CB  . ILE A 1 81  ? 3.226   -5.438  -10.372 1.00 7.86  ? 81   ILE A CB  1 
ATOM   601  C  CG1 . ILE A 1 81  ? 2.425   -4.976  -9.148  1.00 9.75  ? 81   ILE A CG1 1 
ATOM   602  C  CG2 . ILE A 1 81  ? 2.769   -6.822  -10.801 1.00 9.46  ? 81   ILE A CG2 1 
ATOM   603  C  CD1 . ILE A 1 81  ? 0.946   -4.841  -9.401  1.00 11.76 ? 81   ILE A CD1 1 
ATOM   604  N  N   . GLY A 1 82  ? 5.643   -3.816  -8.542  1.00 6.94  ? 82   GLY A N   1 
ATOM   605  C  CA  . GLY A 1 82  ? 6.127   -2.505  -8.187  1.00 6.31  ? 82   GLY A CA  1 
ATOM   606  C  C   . GLY A 1 82  ? 6.424   -2.377  -6.714  1.00 6.18  ? 82   GLY A C   1 
ATOM   607  O  O   . GLY A 1 82  ? 6.007   -3.210  -5.920  1.00 6.75  ? 82   GLY A O   1 
ATOM   608  N  N   . THR A 1 83  ? 7.149   -1.332  -6.357  1.00 6.47  ? 83   THR A N   1 
ATOM   609  C  CA  . THR A 1 83  ? 7.502   -1.076  -4.968  1.00 6.92  ? 83   THR A CA  1 
ATOM   610  C  C   . THR A 1 83  ? 7.452   0.426   -4.726  1.00 6.45  ? 83   THR A C   1 
ATOM   611  O  O   . THR A 1 83  ? 8.144   1.182   -5.406  1.00 6.91  ? 83   THR A O   1 
ATOM   612  C  CB  . THR A 1 83  ? 8.931   -1.553  -4.657  1.00 7.34  ? 83   THR A CB  1 
ATOM   613  O  OG1 . THR A 1 83  ? 9.061   -2.940  -4.950  1.00 10.10 ? 83   THR A OG1 1 
ATOM   614  C  CG2 . THR A 1 83  ? 9.251   -1.323  -3.200  1.00 9.51  ? 83   THR A CG2 1 
ATOM   615  N  N   . LEU A 1 84  ? 6.625   0.858   -3.778  1.00 5.39  ? 84   LEU A N   1 
ATOM   616  C  CA  . LEU A 1 84  ? 6.533   2.269   -3.463  1.00 4.42  ? 84   LEU A CA  1 
ATOM   617  C  C   . LEU A 1 84  ? 7.396   2.553   -2.242  1.00 4.42  ? 84   LEU A C   1 
ATOM   618  O  O   . LEU A 1 84  ? 7.171   1.990   -1.175  1.00 4.00  ? 84   LEU A O   1 
ATOM   619  C  CB  . LEU A 1 84  ? 5.092   2.676   -3.149  1.00 3.74  ? 84   LEU A CB  1 
ATOM   620  C  CG  . LEU A 1 84  ? 4.927   4.150   -2.774  1.00 5.82  ? 84   LEU A CG  1 
ATOM   621  C  CD1 . LEU A 1 84  ? 5.286   5.007   -3.974  1.00 6.93  ? 84   LEU A CD1 1 
ATOM   622  C  CD2 . LEU A 1 84  ? 3.508   4.444   -2.305  1.00 6.56  ? 84   LEU A CD2 1 
ATOM   623  N  N   . THR A 1 85  ? 8.390   3.404   -2.410  1.00 3.59  ? 85   THR A N   1 
ATOM   624  C  CA  . THR A 1 85  ? 9.249   3.752   -1.297  1.00 3.42  ? 85   THR A CA  1 
ATOM   625  C  C   . THR A 1 85  ? 8.677   4.985   -0.631  1.00 3.38  ? 85   THR A C   1 
ATOM   626  O  O   . THR A 1 85  ? 8.441   5.998   -1.280  1.00 3.41  ? 85   THR A O   1 
ATOM   627  C  CB  . THR A 1 85  ? 10.685  4.043   -1.755  1.00 3.57  ? 85   THR A CB  1 
ATOM   628  O  OG1 . THR A 1 85  ? 11.289  2.850   -2.251  1.00 3.68  ? 85   THR A OG1 1 
ATOM   629  C  CG2 . THR A 1 85  ? 11.501  4.566   -0.586  1.00 2.67  ? 85   THR A CG2 1 
ATOM   630  N  N   . VAL A 1 86  ? 8.443   4.894   0.669   1.00 2.99  ? 86   VAL A N   1 
ATOM   631  C  CA  . VAL A 1 86  ? 7.890   6.009   1.403   1.00 2.23  ? 86   VAL A CA  1 
ATOM   632  C  C   . VAL A 1 86  ? 8.895   6.626   2.349   1.00 3.00  ? 86   VAL A C   1 
ATOM   633  O  O   . VAL A 1 86  ? 9.171   6.085   3.418   1.00 3.00  ? 86   VAL A O   1 
ATOM   634  C  CB  . VAL A 1 86  ? 6.643   5.582   2.206   1.00 2.00  ? 86   VAL A CB  1 
ATOM   635  C  CG1 . VAL A 1 86  ? 6.053   6.770   2.954   1.00 2.49  ? 86   VAL A CG1 1 
ATOM   636  C  CG2 . VAL A 1 86  ? 5.606   5.006   1.253   1.00 2.23  ? 86   VAL A CG2 1 
ATOM   637  N  N   . ALA A 1 87  ? 9.451   7.750   1.937   1.00 3.46  ? 87   ALA A N   1 
ATOM   638  C  CA  . ALA A 1 87  ? 10.393  8.465   2.763   1.00 3.64  ? 87   ALA A CA  1 
ATOM   639  C  C   . ALA A 1 87  ? 9.549   9.170   3.807   1.00 4.47  ? 87   ALA A C   1 
ATOM   640  O  O   . ALA A 1 87  ? 8.354   9.353   3.613   1.00 4.08  ? 87   ALA A O   1 
ATOM   641  C  CB  . ALA A 1 87  ? 11.155  9.469   1.937   1.00 3.78  ? 87   ALA A CB  1 
ATOM   642  N  N   . SER A 1 88  ? 10.166  9.566   4.906   1.00 3.83  ? 88   SER A N   1 
ATOM   643  C  CA  . SER A 1 88  ? 9.454   10.261  5.960   1.00 5.17  ? 88   SER A CA  1 
ATOM   644  C  C   . SER A 1 88  ? 8.699   11.452  5.415   1.00 5.75  ? 88   SER A C   1 
ATOM   645  O  O   . SER A 1 88  ? 9.189   12.142  4.527   1.00 5.48  ? 88   SER A O   1 
ATOM   646  C  CB  . SER A 1 88  ? 10.426  10.759  7.015   1.00 5.12  ? 88   SER A CB  1 
ATOM   647  O  OG  . SER A 1 88  ? 9.776   11.671  7.865   1.00 9.02  ? 88   SER A OG  1 
ATOM   648  N  N   . THR A 1 89  ? 7.505   11.679  5.948   1.00 5.30  ? 89   THR A N   1 
ATOM   649  C  CA  . THR A 1 89  ? 6.701   12.811  5.542   1.00 6.72  ? 89   THR A CA  1 
ATOM   650  C  C   . THR A 1 89  ? 6.662   13.783  6.705   1.00 7.63  ? 89   THR A C   1 
ATOM   651  O  O   . THR A 1 89  ? 5.831   14.674  6.750   1.00 7.92  ? 89   THR A O   1 
ATOM   652  C  CB  . THR A 1 89  ? 5.254   12.414  5.214   1.00 6.57  ? 89   THR A CB  1 
ATOM   653  O  OG1 . THR A 1 89  ? 4.625   11.884  6.385   1.00 5.42  ? 89   THR A OG1 1 
ATOM   654  C  CG2 . THR A 1 89  ? 5.226   11.393  4.097   1.00 8.42  ? 89   THR A CG2 1 
ATOM   655  N  N   . GLY A 1 90  ? 7.555   13.581  7.662   1.00 8.32  ? 90   GLY A N   1 
ATOM   656  C  CA  . GLY A 1 90  ? 7.624   14.460  8.806   1.00 9.74  ? 90   GLY A CA  1 
ATOM   657  C  C   . GLY A 1 90  ? 6.735   14.131  9.992   1.00 9.85  ? 90   GLY A C   1 
ATOM   658  O  O   . GLY A 1 90  ? 6.791   14.808  11.015  1.00 10.29 ? 90   GLY A O   1 
ATOM   659  N  N   . GLY A 1 91  ? 5.914   13.101  9.876   1.00 8.14  ? 91   GLY A N   1 
ATOM   660  C  CA  . GLY A 1 91  ? 5.037   12.756  10.981  1.00 7.62  ? 91   GLY A CA  1 
ATOM   661  C  C   . GLY A 1 91  ? 4.041   11.684  10.626  1.00 6.59  ? 91   GLY A C   1 
ATOM   662  O  O   . GLY A 1 91  ? 3.746   11.481  9.451   1.00 6.47  ? 91   GLY A O   1 
ATOM   663  N  N   . TRP A 1 92  ? 3.514   11.007  11.642  1.00 5.88  ? 92   TRP A N   1 
ATOM   664  C  CA  . TRP A 1 92  ? 2.556   9.942   11.431  1.00 6.63  ? 92   TRP A CA  1 
ATOM   665  C  C   . TRP A 1 92  ? 1.189   10.440  11.012  1.00 6.68  ? 92   TRP A C   1 
ATOM   666  O  O   . TRP A 1 92  ? 0.328   9.653   10.623  1.00 6.77  ? 92   TRP A O   1 
ATOM   667  C  CB  . TRP A 1 92  ? 2.449   9.087   12.688  1.00 6.47  ? 92   TRP A CB  1 
ATOM   668  C  CG  . TRP A 1 92  ? 3.772   8.493   13.034  1.00 7.31  ? 92   TRP A CG  1 
ATOM   669  C  CD1 . TRP A 1 92  ? 4.629   8.909   14.005  1.00 8.20  ? 92   TRP A CD1 1 
ATOM   670  C  CD2 . TRP A 1 92  ? 4.427   7.426   12.350  1.00 6.67  ? 92   TRP A CD2 1 
ATOM   671  N  NE1 . TRP A 1 92  ? 5.782   8.166   13.964  1.00 5.65  ? 92   TRP A NE1 1 
ATOM   672  C  CE2 . TRP A 1 92  ? 5.685   7.251   12.961  1.00 7.66  ? 92   TRP A CE2 1 
ATOM   673  C  CE3 . TRP A 1 92  ? 4.079   6.607   11.283  1.00 6.62  ? 92   TRP A CE3 1 
ATOM   674  C  CZ2 . TRP A 1 92  ? 6.594   6.285   12.533  1.00 6.96  ? 92   TRP A CZ2 1 
ATOM   675  C  CZ3 . TRP A 1 92  ? 4.985   5.644   10.854  1.00 7.12  ? 92   TRP A CZ3 1 
ATOM   676  C  CH2 . TRP A 1 92  ? 6.228   5.493   11.482  1.00 7.51  ? 92   TRP A CH2 1 
ATOM   677  N  N   . ASN A 1 93  ? 0.990   11.740  11.103  1.00 7.54  ? 93   ASN A N   1 
ATOM   678  C  CA  . ASN A 1 93  ? -0.263  12.341  10.691  1.00 7.65  ? 93   ASN A CA  1 
ATOM   679  C  C   . ASN A 1 93  ? -0.080  13.341  9.560   1.00 8.42  ? 93   ASN A C   1 
ATOM   680  O  O   . ASN A 1 93  ? -0.967  14.153  9.296   1.00 8.03  ? 93   ASN A O   1 
ATOM   681  C  CB  . ASN A 1 93  ? -0.972  12.988  11.876  1.00 8.53  ? 93   ASN A CB  1 
ATOM   682  C  CG  . ASN A 1 93  ? -1.608  11.977  12.795  1.00 9.13  ? 93   ASN A CG  1 
ATOM   683  O  OD1 . ASN A 1 93  ? -1.101  11.689  13.875  1.00 12.10 ? 93   ASN A OD1 1 
ATOM   684  N  ND2 . ASN A 1 93  ? -2.721  11.422  12.367  1.00 8.80  ? 93   ASN A ND2 1 
ATOM   685  N  N   . ASN A 1 94  ? 1.075   13.289  8.901   1.00 7.60  ? 94   ASN A N   1 
ATOM   686  C  CA  . ASN A 1 94  ? 1.370   14.141  7.755   1.00 8.44  ? 94   ASN A CA  1 
ATOM   687  C  C   . ASN A 1 94  ? 1.129   13.276  6.523   1.00 8.94  ? 94   ASN A C   1 
ATOM   688  O  O   . ASN A 1 94  ? 2.066   12.710  5.974   1.00 8.40  ? 94   ASN A O   1 
ATOM   689  C  CB  . ASN A 1 94  ? 2.831   14.587  7.738   1.00 9.33  ? 94   ASN A CB  1 
ATOM   690  C  CG  . ASN A 1 94  ? 3.148   15.595  8.816   1.00 12.79 ? 94   ASN A CG  1 
ATOM   691  O  OD1 . ASN A 1 94  ? 2.265   16.069  9.519   1.00 13.35 ? 94   ASN A OD1 1 
ATOM   692  N  ND2 . ASN A 1 94  ? 4.423   15.933  8.940   1.00 16.29 ? 94   ASN A ND2 1 
ATOM   693  N  N   . TYR A 1 95  ? -0.116  13.160  6.099   1.00 7.98  ? 95   TYR A N   1 
ATOM   694  C  CA  . TYR A 1 95  ? -0.429  12.343  4.936   1.00 9.37  ? 95   TYR A CA  1 
ATOM   695  C  C   . TYR A 1 95  ? -0.238  13.035  3.600   1.00 9.41  ? 95   TYR A C   1 
ATOM   696  O  O   . TYR A 1 95  ? -0.541  14.209  3.449   1.00 9.42  ? 95   TYR A O   1 
ATOM   697  C  CB  . TYR A 1 95  ? -1.864  11.823  5.007   1.00 8.21  ? 95   TYR A CB  1 
ATOM   698  C  CG  . TYR A 1 95  ? -2.097  10.797  6.080   1.00 8.74  ? 95   TYR A CG  1 
ATOM   699  C  CD1 . TYR A 1 95  ? -2.336  11.171  7.401   1.00 5.52  ? 95   TYR A CD1 1 
ATOM   700  C  CD2 . TYR A 1 95  ? -2.024  9.452   5.788   1.00 5.41  ? 95   TYR A CD2 1 
ATOM   701  C  CE1 . TYR A 1 95  ? -2.493  10.222  8.402   1.00 6.28  ? 95   TYR A CE1 1 
ATOM   702  C  CE2 . TYR A 1 95  ? -2.175  8.496   6.781   1.00 5.82  ? 95   TYR A CE2 1 
ATOM   703  C  CZ  . TYR A 1 95  ? -2.405  8.886   8.083   1.00 6.89  ? 95   TYR A CZ  1 
ATOM   704  O  OH  . TYR A 1 95  ? -2.512  7.940   9.066   1.00 6.61  ? 95   TYR A OH  1 
ATOM   705  N  N   . GLU A 1 96  ? 0.286   12.296  2.633   1.00 10.16 ? 96   GLU A N   1 
ATOM   706  C  CA  . GLU A 1 96  ? 0.464   12.803  1.285   1.00 11.28 ? 96   GLU A CA  1 
ATOM   707  C  C   . GLU A 1 96  ? 0.375   11.682  0.267   1.00 9.27  ? 96   GLU A C   1 
ATOM   708  O  O   . GLU A 1 96  ? 0.532   10.518  0.600   1.00 6.15  ? 96   GLU A O   1 
ATOM   709  C  CB  . GLU A 1 96  ? 1.784   13.558  1.123   1.00 12.93 ? 96   GLU A CB  1 
ATOM   710  C  CG  . GLU A 1 96  ? 2.991   12.944  1.774   1.00 17.98 ? 96   GLU A CG  1 
ATOM   711  C  CD  . GLU A 1 96  ? 4.242   13.775  1.546   1.00 22.20 ? 96   GLU A CD  1 
ATOM   712  O  OE1 . GLU A 1 96  ? 4.851   13.662  0.461   1.00 26.38 ? 96   GLU A OE1 1 
ATOM   713  O  OE2 . GLU A 1 96  ? 4.608   14.547  2.442   1.00 25.37 ? 96   GLU A OE2 1 
ATOM   714  N  N   . GLU A 1 97  ? 0.094   12.034  -0.973  1.00 8.38  ? 97   GLU A N   1 
ATOM   715  C  CA  . GLU A 1 97  ? -0.005  11.028  -2.003  1.00 9.26  ? 97   GLU A CA  1 
ATOM   716  C  C   . GLU A 1 97  ? 1.337   10.819  -2.661  1.00 8.24  ? 97   GLU A C   1 
ATOM   717  O  O   . GLU A 1 97  ? 1.956   11.754  -3.134  1.00 10.02 ? 97   GLU A O   1 
ATOM   718  C  CB  . GLU A 1 97  ? -1.016  11.423  -3.068  1.00 9.98  ? 97   GLU A CB  1 
ATOM   719  C  CG  . GLU A 1 97  ? -2.442  11.506  -2.574  1.00 14.18 ? 97   GLU A CG  1 
ATOM   720  C  CD  . GLU A 1 97  ? -3.427  11.601  -3.715  1.00 19.78 ? 97   GLU A CD  1 
ATOM   721  O  OE1 . GLU A 1 97  ? -3.135  12.324  -4.688  1.00 21.29 ? 97   GLU A OE1 1 
ATOM   722  O  OE2 . GLU A 1 97  ? -4.491  10.957  -3.636  1.00 19.55 ? 97   GLU A OE2 1 
ATOM   723  N  N   A LYS A 1 98  ? 1.791   9.582   -2.675  0.50 7.82  ? 98   LYS A N   1 
ATOM   724  N  N   B LYS A 1 98  ? 1.790   9.583   -2.650  0.50 4.97  ? 98   LYS A N   1 
ATOM   725  C  CA  A LYS A 1 98  ? 3.053   9.236   -3.314  0.50 6.91  ? 98   LYS A CA  1 
ATOM   726  C  CA  B LYS A 1 98  ? 3.054   9.218   -3.266  0.50 4.91  ? 98   LYS A CA  1 
ATOM   727  C  C   A LYS A 1 98  ? 2.719   8.251   -4.412  0.50 6.64  ? 98   LYS A C   1 
ATOM   728  C  C   B LYS A 1 98  ? 2.730   8.184   -4.315  0.50 4.96  ? 98   LYS A C   1 
ATOM   729  O  O   A LYS A 1 98  ? 1.833   7.423   -4.238  0.50 6.29  ? 98   LYS A O   1 
ATOM   730  O  O   B LYS A 1 98  ? 1.895   7.319   -4.082  0.50 4.63  ? 98   LYS A O   1 
ATOM   731  C  CB  A LYS A 1 98  ? 4.004   8.601   -2.313  0.50 6.45  ? 98   LYS A CB  1 
ATOM   732  C  CB  B LYS A 1 98  ? 3.995   8.619   -2.238  0.50 4.72  ? 98   LYS A CB  1 
ATOM   733  C  CG  A LYS A 1 98  ? 4.587   9.570   -1.300  0.50 7.94  ? 98   LYS A CG  1 
ATOM   734  C  CG  B LYS A 1 98  ? 4.422   9.574   -1.146  0.50 6.24  ? 98   LYS A CG  1 
ATOM   735  C  CD  A LYS A 1 98  ? 5.533   8.861   -0.349  0.50 6.95  ? 98   LYS A CD  1 
ATOM   736  C  CD  B LYS A 1 98  ? 5.401   8.905   -0.203  0.50 6.16  ? 98   LYS A CD  1 
ATOM   737  C  CE  A LYS A 1 98  ? 6.177   9.821   0.632   0.50 8.54  ? 98   LYS A CE  1 
ATOM   738  C  CE  B LYS A 1 98  ? 5.881   9.864   0.865   0.50 6.96  ? 98   LYS A CE  1 
ATOM   739  N  NZ  A LYS A 1 98  ? 7.064   10.804  -0.043  0.50 8.87  ? 98   LYS A NZ  1 
ATOM   740  N  NZ  B LYS A 1 98  ? 6.521   11.057  0.268   0.50 7.87  ? 98   LYS A NZ  1 
ATOM   741  N  N   A SER A 1 99  ? 3.421   8.334   -5.537  0.50 6.49  ? 99   SER A N   1 
ATOM   742  N  N   B SER A 1 99  ? 3.389   8.267   -5.463  0.50 5.04  ? 99   SER A N   1 
ATOM   743  C  CA  A SER A 1 99  ? 3.148   7.442   -6.648  0.50 6.84  ? 99   SER A CA  1 
ATOM   744  C  CA  B SER A 1 99  ? 3.129   7.319   -6.522  0.50 5.56  ? 99   SER A CA  1 
ATOM   745  C  C   A SER A 1 99  ? 4.382   6.750   -7.203  0.50 7.10  ? 99   SER A C   1 
ATOM   746  C  C   B SER A 1 99  ? 4.380   6.661   -7.063  0.50 5.68  ? 99   SER A C   1 
ATOM   747  O  O   A SER A 1 99  ? 5.498   7.240   -7.076  0.50 6.96  ? 99   SER A O   1 
ATOM   748  O  O   B SER A 1 99  ? 5.497   7.095   -6.811  0.50 5.68  ? 99   SER A O   1 
ATOM   749  C  CB  A SER A 1 99  ? 2.483   8.214   -7.781  0.50 7.21  ? 99   SER A CB  1 
ATOM   750  C  CB  B SER A 1 99  ? 2.404   8.004   -7.668  0.50 6.13  ? 99   SER A CB  1 
ATOM   751  O  OG  A SER A 1 99  ? 1.332   8.895   -7.327  0.50 6.82  ? 99   SER A OG  1 
ATOM   752  O  OG  B SER A 1 99  ? 3.186   9.046   -8.206  0.50 6.26  ? 99   SER A OG  1 
ATOM   753  N  N   . CYS A 1 100 ? 4.168   5.595   -7.807  1.00 7.13  ? 100  CYS A N   1 
ATOM   754  C  CA  . CYS A 1 100 ? 5.236   4.848   -8.428  1.00 8.28  ? 100  CYS A CA  1 
ATOM   755  C  C   . CYS A 1 100 ? 4.586   4.107   -9.581  1.00 8.43  ? 100  CYS A C   1 
ATOM   756  O  O   . CYS A 1 100 ? 3.369   3.909   -9.593  1.00 6.91  ? 100  CYS A O   1 
ATOM   757  C  CB  . CYS A 1 100 ? 5.882   3.871   -7.443  1.00 8.05  ? 100  CYS A CB  1 
ATOM   758  S  SG  . CYS A 1 100 ? 4.918   2.444   -6.947  1.00 11.99 ? 100  CYS A SG  1 
ATOM   759  N  N   . SER A 1 101 ? 5.381   3.723   -10.562 1.00 8.84  ? 101  SER A N   1 
ATOM   760  C  CA  . SER A 1 101 ? 4.842   3.008   -11.686 1.00 10.33 ? 101  SER A CA  1 
ATOM   761  C  C   . SER A 1 101 ? 4.824   1.535   -11.345 1.00 10.26 ? 101  SER A C   1 
ATOM   762  O  O   . SER A 1 101 ? 5.482   1.104   -10.411 1.00 10.00 ? 101  SER A O   1 
ATOM   763  C  CB  . SER A 1 101 ? 5.695   3.262   -12.931 1.00 11.56 ? 101  SER A CB  1 
ATOM   764  O  OG  . SER A 1 101 ? 7.022   2.871   -12.699 1.00 15.37 ? 101  SER A OG  1 
ATOM   765  N  N   . ILE A 1 102 ? 4.044   0.776   -12.093 1.00 9.52  ? 102  ILE A N   1 
ATOM   766  C  CA  . ILE A 1 102 ? 3.948   -0.655  -11.907 1.00 9.41  ? 102  ILE A CA  1 
ATOM   767  C  C   . ILE A 1 102 ? 3.909   -1.267  -13.293 1.00 8.71  ? 102  ILE A C   1 
ATOM   768  O  O   . ILE A 1 102 ? 3.553   -0.603  -14.256 1.00 7.76  ? 102  ILE A O   1 
ATOM   769  C  CB  . ILE A 1 102 ? 2.640   -1.062  -11.183 1.00 9.34  ? 102  ILE A CB  1 
ATOM   770  C  CG1 . ILE A 1 102 ? 1.444   -0.620  -12.012 1.00 10.96 ? 102  ILE A CG1 1 
ATOM   771  C  CG2 . ILE A 1 102 ? 2.578   -0.455  -9.787  1.00 10.97 ? 102  ILE A CG2 1 
ATOM   772  C  CD1 . ILE A 1 102 ? 0.112   -1.181  -11.536 1.00 11.42 ? 102  ILE A CD1 1 
ATOM   773  N  N   A THR A 1 103 ? 4.302   -2.520  -13.413 0.50 9.12  ? 103  THR A N   1 
ATOM   774  N  N   B THR A 1 103 ? 4.265   -2.530  -13.394 0.50 8.96  ? 103  THR A N   1 
ATOM   775  C  CA  A THR A 1 103 ? 4.253   -3.159  -14.712 0.50 10.01 ? 103  THR A CA  1 
ATOM   776  C  CA  B THR A 1 103 ? 4.225   -3.195  -14.678 0.50 9.53  ? 103  THR A CA  1 
ATOM   777  C  C   A THR A 1 103 ? 2.784   -3.164  -15.109 0.50 10.20 ? 103  THR A C   1 
ATOM   778  C  C   B THR A 1 103 ? 2.765   -3.150  -15.102 0.50 9.04  ? 103  THR A C   1 
ATOM   779  O  O   A THR A 1 103 ? 1.906   -3.364  -14.263 0.50 9.19  ? 103  THR A O   1 
ATOM   780  O  O   B THR A 1 103 ? 1.869   -3.305  -14.264 0.50 7.73  ? 103  THR A O   1 
ATOM   781  C  CB  A THR A 1 103 ? 4.813   -4.595  -14.661 0.50 10.39 ? 103  THR A CB  1 
ATOM   782  C  CB  B THR A 1 103 ? 4.667   -4.656  -14.561 0.50 9.93  ? 103  THR A CB  1 
ATOM   783  O  OG1 A THR A 1 103 ? 4.473   -5.285  -15.861 0.50 10.77 ? 103  THR A OG1 1 
ATOM   784  O  OG1 B THR A 1 103 ? 3.557   -5.464  -14.167 0.50 11.00 ? 103  THR A OG1 1 
ATOM   785  C  CG2 A THR A 1 103 ? 4.268   -5.344  -13.469 0.50 9.88  ? 103  THR A CG2 1 
ATOM   786  C  CG2 B THR A 1 103 ? 5.750   -4.793  -13.522 0.50 9.39  ? 103  THR A CG2 1 
ATOM   787  N  N   . ASN A 1 104 ? 2.520   -2.915  -16.382 1.00 10.53 ? 104  ASN A N   1 
ATOM   788  C  CA  . ASN A 1 104 ? 1.155   -2.858  -16.871 1.00 12.17 ? 104  ASN A CA  1 
ATOM   789  C  C   . ASN A 1 104 ? 0.417   -4.111  -16.442 1.00 12.03 ? 104  ASN A C   1 
ATOM   790  O  O   . ASN A 1 104 ? 0.736   -5.207  -16.884 1.00 12.08 ? 104  ASN A O   1 
ATOM   791  C  CB  . ASN A 1 104 ? 1.130   -2.718  -18.390 1.00 13.59 ? 104  ASN A CB  1 
ATOM   792  C  CG  . ASN A 1 104 ? -0.263  -2.493  -18.917 1.00 16.56 ? 104  ASN A CG  1 
ATOM   793  O  OD1 . ASN A 1 104 ? -0.915  -1.516  -18.574 1.00 20.01 ? 104  ASN A OD1 1 
ATOM   794  N  ND2 . ASN A 1 104 ? -0.728  -3.405  -19.751 1.00 21.58 ? 104  ASN A ND2 1 
ATOM   795  N  N   . THR A 1 105 ? -0.562  -3.936  -15.565 1.00 11.58 ? 105  THR A N   1 
ATOM   796  C  CA  . THR A 1 105 ? -1.331  -5.041  -15.029 1.00 12.27 ? 105  THR A CA  1 
ATOM   797  C  C   . THR A 1 105 ? -2.772  -4.983  -15.480 1.00 12.15 ? 105  THR A C   1 
ATOM   798  O  O   . THR A 1 105 ? -3.394  -3.930  -15.464 1.00 12.47 ? 105  THR A O   1 
ATOM   799  C  CB  . THR A 1 105 ? -1.261  -5.037  -13.500 1.00 12.69 ? 105  THR A CB  1 
ATOM   800  O  OG1 . THR A 1 105 ? 0.100   -5.199  -13.109 1.00 12.50 ? 105  THR A OG1 1 
ATOM   801  C  CG2 . THR A 1 105 ? -2.094  -6.161  -12.905 1.00 13.88 ? 105  THR A CG2 1 
ATOM   802  N  N   . THR A 1 106 ? -3.294  -6.127  -15.889 1.00 12.49 ? 106  THR A N   1 
ATOM   803  C  CA  . THR A 1 106 ? -4.658  -6.222  -16.375 1.00 11.61 ? 106  THR A CA  1 
ATOM   804  C  C   . THR A 1 106 ? -5.402  -7.375  -15.719 1.00 12.13 ? 106  THR A C   1 
ATOM   805  O  O   . THR A 1 106 ? -4.803  -8.234  -15.097 1.00 11.19 ? 106  THR A O   1 
ATOM   806  C  CB  . THR A 1 106 ? -4.684  -6.473  -17.894 1.00 12.57 ? 106  THR A CB  1 
ATOM   807  O  OG1 . THR A 1 106 ? -4.170  -7.774  -18.159 1.00 10.17 ? 106  THR A OG1 1 
ATOM   808  C  CG2 . THR A 1 106 ? -3.848  -5.446  -18.643 1.00 12.24 ? 106  THR A CG2 1 
ATOM   809  N  N   . GLY A 1 107 ? -6.711  -7.384  -15.873 1.00 12.22 ? 107  GLY A N   1 
ATOM   810  C  CA  . GLY A 1 107 ? -7.513  -8.451  -15.312 1.00 13.83 ? 107  GLY A CA  1 
ATOM   811  C  C   . GLY A 1 107 ? -7.687  -8.418  -13.809 1.00 14.40 ? 107  GLY A C   1 
ATOM   812  O  O   . GLY A 1 107 ? -7.330  -7.454  -13.148 1.00 15.27 ? 107  GLY A O   1 
ATOM   813  N  N   . GLN A 1 108 ? -8.227  -9.500  -13.275 1.00 14.71 ? 108  GLN A N   1 
ATOM   814  C  CA  . GLN A 1 108 ? -8.495  -9.647  -11.852 1.00 14.87 ? 108  GLN A CA  1 
ATOM   815  C  C   . GLN A 1 108 ? -7.375  -10.417 -11.182 1.00 14.64 ? 108  GLN A C   1 
ATOM   816  O  O   . GLN A 1 108 ? -6.909  -11.422 -11.702 1.00 13.66 ? 108  GLN A O   1 
ATOM   817  C  CB  . GLN A 1 108 ? -9.821  -10.379 -11.670 1.00 15.57 ? 108  GLN A CB  1 
ATOM   818  C  CG  . GLN A 1 108 ? -10.269 -10.611 -10.243 1.00 17.35 ? 108  GLN A CG  1 
ATOM   819  C  CD  . GLN A 1 108 ? -11.553 -11.403 -10.177 1.00 21.77 ? 108  GLN A CD  1 
ATOM   820  O  OE1 . GLN A 1 108 ? -12.573 -10.983 -10.704 1.00 22.67 ? 108  GLN A OE1 1 
ATOM   821  N  NE2 . GLN A 1 108 ? -11.508 -12.558 -9.539  1.00 21.55 ? 108  GLN A NE2 1 
ATOM   822  N  N   . HIS A 1 109 ? -6.948  -9.936  -10.026 1.00 13.49 ? 109  HIS A N   1 
ATOM   823  C  CA  . HIS A 1 109 ? -5.877  -10.569 -9.280  1.00 13.32 ? 109  HIS A CA  1 
ATOM   824  C  C   . HIS A 1 109 ? -6.084  -10.301 -7.795  1.00 13.55 ? 109  HIS A C   1 
ATOM   825  O  O   . HIS A 1 109 ? -6.791  -9.379  -7.426  1.00 12.91 ? 109  HIS A O   1 
ATOM   826  C  CB  . HIS A 1 109 ? -4.524  -9.969  -9.662  1.00 13.80 ? 109  HIS A CB  1 
ATOM   827  C  CG  . HIS A 1 109 ? -4.161  -10.099 -11.107 1.00 14.80 ? 109  HIS A CG  1 
ATOM   828  N  ND1 . HIS A 1 109 ? -3.477  -11.174 -11.607 1.00 16.51 ? 109  HIS A ND1 1 
ATOM   829  C  CD2 . HIS A 1 109 ? -4.359  -9.270  -12.152 1.00 15.44 ? 109  HIS A CD2 1 
ATOM   830  C  CE1 . HIS A 1 109 ? -3.266  -11.003 -12.900 1.00 15.89 ? 109  HIS A CE1 1 
ATOM   831  N  NE2 . HIS A 1 109 ? -3.791  -9.855  -13.255 1.00 15.58 ? 109  HIS A NE2 1 
ATOM   832  N  N   . ASP A 1 110 ? -5.471  -11.110 -6.951  1.00 13.28 ? 110  ASP A N   1 
ATOM   833  C  CA  . ASP A 1 110 ? -5.539  -10.876 -5.517  1.00 13.40 ? 110  ASP A CA  1 
ATOM   834  C  C   . ASP A 1 110 ? -4.308  -10.019 -5.246  1.00 13.18 ? 110  ASP A C   1 
ATOM   835  O  O   . ASP A 1 110 ? -3.190  -10.409 -5.577  1.00 13.22 ? 110  ASP A O   1 
ATOM   836  C  CB  . ASP A 1 110 ? -5.448  -12.171 -4.729  1.00 13.09 ? 110  ASP A CB  1 
ATOM   837  C  CG  . ASP A 1 110 ? -6.650  -13.061 -4.921  1.00 15.46 ? 110  ASP A CG  1 
ATOM   838  O  OD1 . ASP A 1 110 ? -7.751  -12.541 -5.176  1.00 15.97 ? 110  ASP A OD1 1 
ATOM   839  O  OD2 . ASP A 1 110 ? -6.488  -14.282 -4.797  1.00 15.59 ? 110  ASP A OD2 1 
ATOM   840  N  N   . LEU A 1 111 ? -4.520  -8.853  -4.664  1.00 12.84 ? 111  LEU A N   1 
ATOM   841  C  CA  . LEU A 1 111 ? -3.426  -7.935  -4.385  1.00 12.86 ? 111  LEU A CA  1 
ATOM   842  C  C   . LEU A 1 111 ? -2.868  -8.018  -2.973  1.00 12.34 ? 111  LEU A C   1 
ATOM   843  O  O   . LEU A 1 111 ? -3.613  -8.022  -1.990  1.00 12.09 ? 111  LEU A O   1 
ATOM   844  C  CB  . LEU A 1 111 ? -3.877  -6.509  -4.651  1.00 12.53 ? 111  LEU A CB  1 
ATOM   845  C  CG  . LEU A 1 111 ? -2.879  -5.411  -4.315  1.00 14.37 ? 111  LEU A CG  1 
ATOM   846  C  CD1 . LEU A 1 111 ? -1.677  -5.495  -5.248  1.00 13.67 ? 111  LEU A CD1 1 
ATOM   847  C  CD2 . LEU A 1 111 ? -3.544  -4.066  -4.435  1.00 15.15 ? 111  LEU A CD2 1 
ATOM   848  N  N   . TYR A 1 112 ? -1.550  -8.073  -2.888  1.00 12.04 ? 112  TYR A N   1 
ATOM   849  C  CA  . TYR A 1 112 ? -0.860  -8.130  -1.615  1.00 12.56 ? 112  TYR A CA  1 
ATOM   850  C  C   . TYR A 1 112 ? 0.065   -6.934  -1.458  1.00 12.14 ? 112  TYR A C   1 
ATOM   851  O  O   . TYR A 1 112 ? 0.800   -6.588  -2.382  1.00 11.09 ? 112  TYR A O   1 
ATOM   852  C  CB  . TYR A 1 112 ? -0.020  -9.394  -1.517  1.00 13.01 ? 112  TYR A CB  1 
ATOM   853  C  CG  . TYR A 1 112 ? -0.813  -10.668 -1.390  1.00 15.56 ? 112  TYR A CG  1 
ATOM   854  C  CD1 . TYR A 1 112 ? -1.568  -11.142 -2.447  1.00 17.96 ? 112  TYR A CD1 1 
ATOM   855  C  CD2 . TYR A 1 112 ? -0.825  -11.386 -0.197  1.00 18.31 ? 112  TYR A CD2 1 
ATOM   856  C  CE1 . TYR A 1 112 ? -2.321  -12.301 -2.322  1.00 20.32 ? 112  TYR A CE1 1 
ATOM   857  C  CE2 . TYR A 1 112 ? -1.574  -12.546 -0.059  1.00 20.30 ? 112  TYR A CE2 1 
ATOM   858  C  CZ  . TYR A 1 112 ? -2.320  -12.996 -1.125  1.00 20.50 ? 112  TYR A CZ  1 
ATOM   859  O  OH  . TYR A 1 112 ? -3.070  -14.135 -0.991  1.00 21.89 ? 112  TYR A OH  1 
ATOM   860  N  N   . LEU A 1 113 ? 0.018   -6.300  -0.299  1.00 11.62 ? 113  LEU A N   1 
ATOM   861  C  CA  . LEU A 1 113 ? 0.904   -5.182  -0.026  1.00 11.70 ? 113  LEU A CA  1 
ATOM   862  C  C   . LEU A 1 113 ? 1.797   -5.651  1.101   1.00 10.63 ? 113  LEU A C   1 
ATOM   863  O  O   . LEU A 1 113 ? 1.333   -5.908  2.216   1.00 10.27 ? 113  LEU A O   1 
ATOM   864  C  CB  . LEU A 1 113 ? 0.132   -3.940  0.411   1.00 11.84 ? 113  LEU A CB  1 
ATOM   865  C  CG  . LEU A 1 113 ? -1.001  -3.410  -0.453  1.00 16.47 ? 113  LEU A CG  1 
ATOM   866  C  CD1 . LEU A 1 113 ? -1.402  -2.037  0.036   1.00 16.83 ? 113  LEU A CD1 1 
ATOM   867  C  CD2 . LEU A 1 113 ? -0.577  -3.341  -1.903  1.00 19.78 ? 113  LEU A CD2 1 
ATOM   868  N  N   . VAL A 1 114 ? 3.079   -5.783  0.802   1.00 9.59  ? 114  VAL A N   1 
ATOM   869  C  CA  . VAL A 1 114 ? 4.032   -6.246  1.784   1.00 8.98  ? 114  VAL A CA  1 
ATOM   870  C  C   . VAL A 1 114 ? 4.880   -5.082  2.256   1.00 8.65  ? 114  VAL A C   1 
ATOM   871  O  O   . VAL A 1 114 ? 5.476   -4.368  1.445   1.00 7.97  ? 114  VAL A O   1 
ATOM   872  C  CB  . VAL A 1 114 ? 4.912   -7.347  1.176   1.00 9.17  ? 114  VAL A CB  1 
ATOM   873  C  CG1 . VAL A 1 114 ? 5.744   -7.999  2.244   1.00 9.52  ? 114  VAL A CG1 1 
ATOM   874  C  CG2 . VAL A 1 114 ? 4.033   -8.372  0.503   1.00 9.27  ? 114  VAL A CG2 1 
ATOM   875  N  N   . PHE A 1 115 ? 4.932   -4.893  3.569   1.00 8.24  ? 115  PHE A N   1 
ATOM   876  C  CA  . PHE A 1 115 ? 5.682   -3.784  4.136   1.00 7.65  ? 115  PHE A CA  1 
ATOM   877  C  C   . PHE A 1 115 ? 7.033   -4.131  4.722   1.00 8.12  ? 115  PHE A C   1 
ATOM   878  O  O   . PHE A 1 115 ? 7.204   -5.171  5.345   1.00 8.69  ? 115  PHE A O   1 
ATOM   879  C  CB  . PHE A 1 115 ? 4.835   -3.089  5.202   1.00 7.92  ? 115  PHE A CB  1 
ATOM   880  C  CG  . PHE A 1 115 ? 3.484   -2.690  4.724   1.00 5.76  ? 115  PHE A CG  1 
ATOM   881  C  CD1 . PHE A 1 115 ? 2.448   -3.605  4.694   1.00 7.24  ? 115  PHE A CD1 1 
ATOM   882  C  CD2 . PHE A 1 115 ? 3.251   -1.404  4.274   1.00 5.85  ? 115  PHE A CD2 1 
ATOM   883  C  CE1 . PHE A 1 115 ? 1.191   -3.244  4.215   1.00 6.84  ? 115  PHE A CE1 1 
ATOM   884  C  CE2 . PHE A 1 115 ? 1.996   -1.033  3.792   1.00 9.04  ? 115  PHE A CE2 1 
ATOM   885  C  CZ  . PHE A 1 115 ? 0.966   -1.960  3.766   1.00 5.45  ? 115  PHE A CZ  1 
ATOM   886  N  N   . SER A 1 116 ? 7.995   -3.243  4.531   1.00 7.24  ? 116  SER A N   1 
ATOM   887  C  CA  . SER A 1 116 ? 9.330   -3.458  5.044   1.00 6.82  ? 116  SER A CA  1 
ATOM   888  C  C   . SER A 1 116 ? 9.493   -2.820  6.405   1.00 7.03  ? 116  SER A C   1 
ATOM   889  O  O   . SER A 1 116 ? 10.523  -2.980  7.041   1.00 7.03  ? 116  SER A O   1 
ATOM   890  C  CB  . SER A 1 116 ? 10.376  -2.877  4.092   1.00 7.66  ? 116  SER A CB  1 
ATOM   891  O  OG  . SER A 1 116 ? 10.331  -1.467  4.091   1.00 6.94  ? 116  SER A OG  1 
ATOM   892  N  N   . GLY A 1 117 ? 8.479   -2.091  6.840   1.00 6.70  ? 117  GLY A N   1 
ATOM   893  C  CA  . GLY A 1 117 ? 8.540   -1.427  8.121   1.00 7.38  ? 117  GLY A CA  1 
ATOM   894  C  C   . GLY A 1 117 ? 7.306   -0.602  8.425   1.00 7.55  ? 117  GLY A C   1 
ATOM   895  O  O   . GLY A 1 117 ? 6.292   -0.716  7.742   1.00 8.06  ? 117  GLY A O   1 
ATOM   896  N  N   . PRO A 1 118 ? 7.362   0.248   9.448   1.00 7.65  ? 118  PRO A N   1 
ATOM   897  C  CA  . PRO A 1 118 ? 6.216   1.074   9.812   1.00 7.61  ? 118  PRO A CA  1 
ATOM   898  C  C   . PRO A 1 118 ? 5.892   2.181   8.815   1.00 8.03  ? 118  PRO A C   1 
ATOM   899  O  O   . PRO A 1 118 ? 6.780   2.808   8.235   1.00 7.45  ? 118  PRO A O   1 
ATOM   900  C  CB  . PRO A 1 118 ? 6.606   1.622   11.170  1.00 7.49  ? 118  PRO A CB  1 
ATOM   901  C  CG  . PRO A 1 118 ? 8.084   1.777   11.035  1.00 8.93  ? 118  PRO A CG  1 
ATOM   902  C  CD  . PRO A 1 118 ? 8.484   0.485   10.359  1.00 7.90  ? 118  PRO A CD  1 
ATOM   903  N  N   . VAL A 1 119 ? 4.606   2.400   8.634   1.00 6.95  ? 119  VAL A N   1 
ATOM   904  C  CA  . VAL A 1 119 ? 4.088   3.428   7.748   1.00 5.85  ? 119  VAL A CA  1 
ATOM   905  C  C   . VAL A 1 119 ? 2.585   3.414   7.962   1.00 6.26  ? 119  VAL A C   1 
ATOM   906  O  O   . VAL A 1 119 ? 2.025   2.394   8.354   1.00 6.72  ? 119  VAL A O   1 
ATOM   907  C  CB  . VAL A 1 119 ? 4.409   3.129   6.253   1.00 6.84  ? 119  VAL A CB  1 
ATOM   908  C  CG1 . VAL A 1 119 ? 3.744   1.836   5.824   1.00 5.40  ? 119  VAL A CG1 1 
ATOM   909  C  CG2 . VAL A 1 119 ? 3.931   4.272   5.374   1.00 6.28  ? 119  VAL A CG2 1 
ATOM   910  N  N   . ASN A 1 120 ? 1.940   4.547   7.746   1.00 5.78  ? 120  ASN A N   1 
ATOM   911  C  CA  . ASN A 1 120 ? 0.497   4.636   7.886   1.00 5.99  ? 120  ASN A CA  1 
ATOM   912  C  C   . ASN A 1 120 ? -0.058  4.790   6.475   1.00 6.45  ? 120  ASN A C   1 
ATOM   913  O  O   . ASN A 1 120 ? 0.482   5.548   5.667   1.00 6.97  ? 120  ASN A O   1 
ATOM   914  C  CB  . ASN A 1 120 ? 0.088   5.836   8.743   1.00 4.74  ? 120  ASN A CB  1 
ATOM   915  C  CG  . ASN A 1 120 ? 0.331   5.619   10.232  1.00 5.91  ? 120  ASN A CG  1 
ATOM   916  O  OD1 . ASN A 1 120 ? 0.507   4.496   10.695  1.00 6.30  ? 120  ASN A OD1 1 
ATOM   917  N  ND2 . ASN A 1 120 ? 0.326   6.695   10.986  1.00 5.14  ? 120  ASN A ND2 1 
ATOM   918  N  N   . ILE A 1 121 ? -1.122  4.063   6.178   1.00 6.47  ? 121  ILE A N   1 
ATOM   919  C  CA  . ILE A 1 121 ? -1.707  4.126   4.855   1.00 6.51  ? 121  ILE A CA  1 
ATOM   920  C  C   . ILE A 1 121 ? -3.223  4.262   4.913   1.00 8.08  ? 121  ILE A C   1 
ATOM   921  O  O   . ILE A 1 121 ? -3.908  3.490   5.577   1.00 7.91  ? 121  ILE A O   1 
ATOM   922  C  CB  . ILE A 1 121 ? -1.304  2.898   4.026   1.00 5.49  ? 121  ILE A CB  1 
ATOM   923  C  CG1 . ILE A 1 121 ? -1.843  3.025   2.610   1.00 5.92  ? 121  ILE A CG1 1 
ATOM   924  C  CG2 . ILE A 1 121 ? -1.770  1.627   4.718   1.00 6.69  ? 121  ILE A CG2 1 
ATOM   925  C  CD1 . ILE A 1 121 ? -1.344  1.963   1.667   1.00 8.35  ? 121  ILE A CD1 1 
ATOM   926  N  N   . ASP A 1 122 ? -3.720  5.262   4.212   1.00 8.33  ? 122  ASP A N   1 
ATOM   927  C  CA  . ASP A 1 122 ? -5.135  5.564   4.166   1.00 9.48  ? 122  ASP A CA  1 
ATOM   928  C  C   . ASP A 1 122 ? -5.844  4.812   3.052   1.00 9.72  ? 122  ASP A C   1 
ATOM   929  O  O   . ASP A 1 122 ? -6.771  4.045   3.301   1.00 9.86  ? 122  ASP A O   1 
ATOM   930  C  CB  . ASP A 1 122 ? -5.316  7.054   3.957   1.00 9.35  ? 122  ASP A CB  1 
ATOM   931  C  CG  . ASP A 1 122 ? -6.758  7.480   4.064   1.00 12.46 ? 122  ASP A CG  1 
ATOM   932  O  OD1 . ASP A 1 122 ? -7.640  6.624   3.896   1.00 13.00 ? 122  ASP A OD1 1 
ATOM   933  O  OD2 . ASP A 1 122 ? -7.002  8.667   4.306   1.00 13.84 ? 122  ASP A OD2 1 
ATOM   934  N  N   . TYR A 1 123 ? -5.418  5.059   1.820   1.00 9.55  ? 123  TYR A N   1 
ATOM   935  C  CA  . TYR A 1 123 ? -6.011  4.406   0.668   1.00 9.82  ? 123  TYR A CA  1 
ATOM   936  C  C   . TYR A 1 123 ? -5.016  4.431   -0.479  1.00 9.66  ? 123  TYR A C   1 
ATOM   937  O  O   . TYR A 1 123 ? -3.999  5.109   -0.411  1.00 7.75  ? 123  TYR A O   1 
ATOM   938  C  CB  . TYR A 1 123 ? -7.285  5.130   0.249   1.00 9.89  ? 123  TYR A CB  1 
ATOM   939  C  CG  . TYR A 1 123 ? -7.081  6.566   -0.185  1.00 11.05 ? 123  TYR A CG  1 
ATOM   940  C  CD1 . TYR A 1 123 ? -6.427  6.879   -1.381  1.00 13.03 ? 123  TYR A CD1 1 
ATOM   941  C  CD2 . TYR A 1 123 ? -7.530  7.611   0.610   1.00 12.49 ? 123  TYR A CD2 1 
ATOM   942  C  CE1 . TYR A 1 123 ? -6.221  8.192   -1.768  1.00 11.95 ? 123  TYR A CE1 1 
ATOM   943  C  CE2 . TYR A 1 123 ? -7.330  8.927   0.230   1.00 11.51 ? 123  TYR A CE2 1 
ATOM   944  C  CZ  . TYR A 1 123 ? -6.673  9.210   -0.956  1.00 13.06 ? 123  TYR A CZ  1 
ATOM   945  O  OH  . TYR A 1 123 ? -6.450  10.510  -1.319  1.00 13.08 ? 123  TYR A OH  1 
ATOM   946  N  N   . PHE A 1 124 ? -5.308  3.677   -1.523  1.00 8.83  ? 124  PHE A N   1 
ATOM   947  C  CA  . PHE A 1 124 ? -4.451  3.646   -2.694  1.00 8.95  ? 124  PHE A CA  1 
ATOM   948  C  C   . PHE A 1 124 ? -5.296  3.579   -3.946  1.00 9.25  ? 124  PHE A C   1 
ATOM   949  O  O   . PHE A 1 124 ? -6.456  3.167   -3.894  1.00 8.73  ? 124  PHE A O   1 
ATOM   950  C  CB  . PHE A 1 124 ? -3.461  2.492   -2.620  1.00 9.33  ? 124  PHE A CB  1 
ATOM   951  C  CG  . PHE A 1 124 ? -4.079  1.177   -2.296  1.00 11.44 ? 124  PHE A CG  1 
ATOM   952  C  CD1 . PHE A 1 124 ? -4.573  0.368   -3.300  1.00 12.54 ? 124  PHE A CD1 1 
ATOM   953  C  CD2 . PHE A 1 124 ? -4.123  0.721   -0.985  1.00 14.79 ? 124  PHE A CD2 1 
ATOM   954  C  CE1 . PHE A 1 124 ? -5.091  -0.877  -3.007  1.00 15.40 ? 124  PHE A CE1 1 
ATOM   955  C  CE2 . PHE A 1 124 ? -4.640  -0.525  -0.681  1.00 14.42 ? 124  PHE A CE2 1 
ATOM   956  C  CZ  . PHE A 1 124 ? -5.124  -1.328  -1.692  1.00 14.92 ? 124  PHE A CZ  1 
ATOM   957  N  N   . ILE A 1 125 ? -4.711  4.010   -5.060  1.00 9.22  ? 125  ILE A N   1 
ATOM   958  C  CA  . ILE A 1 125 ? -5.393  4.072   -6.333  1.00 10.98 ? 125  ILE A CA  1 
ATOM   959  C  C   . ILE A 1 125 ? -4.538  3.528   -7.466  1.00 11.05 ? 125  ILE A C   1 
ATOM   960  O  O   . ILE A 1 125 ? -3.330  3.704   -7.482  1.00 10.25 ? 125  ILE A O   1 
ATOM   961  C  CB  . ILE A 1 125 ? -5.728  5.525   -6.672  1.00 10.85 ? 125  ILE A CB  1 
ATOM   962  C  CG1 . ILE A 1 125 ? -6.570  6.130   -5.553  1.00 11.62 ? 125  ILE A CG1 1 
ATOM   963  C  CG2 . ILE A 1 125 ? -6.435  5.608   -8.006  1.00 12.54 ? 125  ILE A CG2 1 
ATOM   964  C  CD1 . ILE A 1 125 ? -6.703  7.629   -5.647  1.00 12.15 ? 125  ILE A CD1 1 
ATOM   965  N  N   . PHE A 1 126 ? -5.178  2.865   -8.409  1.00 11.94 ? 126  PHE A N   1 
ATOM   966  C  CA  . PHE A 1 126 ? -4.501  2.319   -9.579  1.00 13.46 ? 126  PHE A CA  1 
ATOM   967  C  C   . PHE A 1 126 ? -5.027  3.074   -10.782 1.00 15.02 ? 126  PHE A C   1 
ATOM   968  O  O   . PHE A 1 126 ? -6.236  3.167   -10.958 1.00 13.88 ? 126  PHE A O   1 
ATOM   969  C  CB  . PHE A 1 126 ? -4.809  0.842   -9.734  1.00 13.17 ? 126  PHE A CB  1 
ATOM   970  C  CG  . PHE A 1 126 ? -3.996  -0.039  -8.856  1.00 14.29 ? 126  PHE A CG  1 
ATOM   971  C  CD1 . PHE A 1 126 ? -2.638  -0.191  -9.081  1.00 13.91 ? 126  PHE A CD1 1 
ATOM   972  C  CD2 . PHE A 1 126 ? -4.584  -0.715  -7.792  1.00 13.69 ? 126  PHE A CD2 1 
ATOM   973  C  CE1 . PHE A 1 126 ? -1.873  -0.999  -8.260  1.00 14.53 ? 126  PHE A CE1 1 
ATOM   974  C  CE2 . PHE A 1 126 ? -3.829  -1.523  -6.967  1.00 14.53 ? 126  PHE A CE2 1 
ATOM   975  C  CZ  . PHE A 1 126 ? -2.469  -1.665  -7.202  1.00 14.28 ? 126  PHE A CZ  1 
ATOM   976  N  N   . ASP A 1 127 ? -4.121  3.622   -11.588 1.00 17.11 ? 127  ASP A N   1 
ATOM   977  C  CA  . ASP A 1 127 ? -4.485  4.381   -12.778 1.00 20.56 ? 127  ASP A CA  1 
ATOM   978  C  C   . ASP A 1 127 ? -3.661  3.993   -14.001 1.00 21.81 ? 127  ASP A C   1 
ATOM   979  O  O   . ASP A 1 127 ? -2.788  3.145   -13.933 1.00 19.99 ? 127  ASP A O   1 
ATOM   980  C  CB  . ASP A 1 127 ? -4.286  5.869   -12.544 1.00 21.84 ? 127  ASP A CB  1 
ATOM   981  C  CG  . ASP A 1 127 ? -5.315  6.455   -11.613 1.00 26.29 ? 127  ASP A CG  1 
ATOM   982  O  OD1 . ASP A 1 127 ? -5.209  7.654   -11.314 1.00 30.99 ? 127  ASP A OD1 1 
ATOM   983  O  OD2 . ASP A 1 127 ? -6.231  5.728   -11.184 1.00 33.11 ? 127  ASP A OD2 1 
ATOM   984  N  N   . SER A 1 128 ? -3.949  4.640   -15.118 1.00 24.97 ? 128  SER A N   1 
ATOM   985  C  CA  . SER A 1 128 ? -3.241  4.402   -16.370 1.00 28.54 ? 128  SER A CA  1 
ATOM   986  C  C   . SER A 1 128 ? -2.681  5.709   -16.902 1.00 30.30 ? 128  SER A C   1 
ATOM   987  O  O   . SER A 1 128 ? -3.326  6.390   -17.681 1.00 31.16 ? 128  SER A O   1 
ATOM   988  C  CB  . SER A 1 128 ? -4.176  3.800   -17.397 1.00 29.02 ? 128  SER A CB  1 
ATOM   989  O  OG  . SER A 1 128 ? -4.718  2.588   -16.925 1.00 30.98 ? 128  SER A OG  1 
ATOM   990  N  N   . ASN A 1 129 ? -1.484  6.053   -16.462 1.00 32.88 ? 129  ASN A N   1 
ATOM   991  C  CA  . ASN A 1 129 ? -0.818  7.273   -16.884 1.00 35.13 ? 129  ASN A CA  1 
ATOM   992  C  C   . ASN A 1 129 ? -0.450  7.249   -18.364 1.00 35.74 ? 129  ASN A C   1 
ATOM   993  O  O   . ASN A 1 129 ? -0.442  6.158   -18.958 1.00 36.21 ? 129  ASN A O   1 
ATOM   994  C  CB  . ASN A 1 129 ? 0.444   7.482   -16.063 1.00 35.79 ? 129  ASN A CB  1 
ATOM   995  C  CG  . ASN A 1 129 ? 0.152   7.974   -14.660 1.00 38.22 ? 129  ASN A CG  1 
ATOM   996  O  OD1 . ASN A 1 129 ? -0.739  7.473   -13.978 1.00 41.62 ? 129  ASN A OD1 1 
ATOM   997  N  ND2 . ASN A 1 129 ? 0.916   8.954   -14.219 1.00 41.03 ? 129  ASN A ND2 1 
ATOM   998  O  OXT . ASN A 1 129 ? -0.152  8.327   -18.909 1.00 36.42 ? 129  ASN A OXT 1 
HETATM 999  S  S   . SO4 B 2 .   ? 2.792   13.031  14.267  1.00 40.13 ? 1130 SO4 A S   1 
HETATM 1000 O  O1  . SO4 B 2 .   ? 3.085   14.200  15.098  1.00 37.75 ? 1130 SO4 A O1  1 
HETATM 1001 O  O2  . SO4 B 2 .   ? 3.993   12.196  14.173  1.00 39.23 ? 1130 SO4 A O2  1 
HETATM 1002 O  O3  . SO4 B 2 .   ? 1.702   12.253  14.872  1.00 40.86 ? 1130 SO4 A O3  1 
HETATM 1003 O  O4  . SO4 B 2 .   ? 2.397   13.484  12.921  1.00 39.24 ? 1130 SO4 A O4  1 
HETATM 1004 NA NA  . NA  C 3 .   ? 2.965   1.782   11.016  1.00 10.92 ? 1131 NA  A NA  1 
HETATM 1005 CA CA  . CA  D 4 .   ? -8.823  4.800   4.422   1.00 11.88 ? 1132 CA  A CA  1 
HETATM 1006 O  O   . HOH E 5 .   ? -13.792 0.118   -10.364 1.00 59.61 ? 2001 HOH A O   1 
HETATM 1007 O  O   . HOH E 5 .   ? -13.200 2.966   -7.097  1.00 43.90 ? 2002 HOH A O   1 
HETATM 1008 O  O   . HOH E 5 .   ? -14.701 1.080   -6.528  1.00 60.18 ? 2003 HOH A O   1 
HETATM 1009 O  O   . HOH E 5 .   ? -17.295 1.306   -4.888  1.00 45.96 ? 2004 HOH A O   1 
HETATM 1010 O  O   . HOH E 5 .   ? -15.603 -2.405  -7.257  1.00 59.88 ? 2005 HOH A O   1 
HETATM 1011 O  O   . HOH E 5 .   ? -12.820 9.875   -3.372  1.00 61.25 ? 2006 HOH A O   1 
HETATM 1012 O  O   . HOH E 5 .   ? -9.279  10.831  -3.630  1.00 43.03 ? 2007 HOH A O   1 
HETATM 1013 O  O   . HOH E 5 .   ? -13.876 7.520   -2.459  1.00 64.50 ? 2008 HOH A O   1 
HETATM 1014 O  O   . HOH E 5 .   ? -13.083 7.363   -5.684  1.00 61.87 ? 2009 HOH A O   1 
HETATM 1015 O  O   . HOH E 5 .   ? -14.793 10.172  -1.073  1.00 57.48 ? 2010 HOH A O   1 
HETATM 1016 O  O   . HOH E 5 .   ? -12.536 -3.944  10.600  1.00 59.47 ? 2011 HOH A O   1 
HETATM 1017 O  O   . HOH E 5 .   ? -13.383 3.728   -1.705  1.00 51.44 ? 2012 HOH A O   1 
HETATM 1018 O  O   . HOH E 5 .   ? -12.121 0.055   -0.438  1.00 33.57 ? 2013 HOH A O   1 
HETATM 1019 O  O   . HOH E 5 .   ? -10.892 7.873   1.482   1.00 41.78 ? 2014 HOH A O   1 
HETATM 1020 O  O   . HOH E 5 .   ? -12.011 -4.036  -4.142  1.00 63.37 ? 2015 HOH A O   1 
HETATM 1021 O  O   . HOH E 5 .   ? -14.683 3.522   7.398   1.00 60.31 ? 2016 HOH A O   1 
HETATM 1022 O  O   . HOH E 5 .   ? -11.632 -4.835  12.928  1.00 68.50 ? 2017 HOH A O   1 
HETATM 1023 O  O   . HOH E 5 .   ? -6.322  2.694   5.022   1.00 45.42 ? 2018 HOH A O   1 
HETATM 1024 O  O   . HOH E 5 .   ? -11.430 6.002   5.289   1.00 41.11 ? 2019 HOH A O   1 
HETATM 1025 O  O   . HOH E 5 .   ? -10.858 -2.279  9.400   1.00 41.25 ? 2020 HOH A O   1 
HETATM 1026 O  O   . HOH E 5 .   ? -11.382 -4.872  6.738   1.00 37.18 ? 2021 HOH A O   1 
HETATM 1027 O  O   . HOH E 5 .   ? 3.556   -4.019  19.666  1.00 41.58 ? 2022 HOH A O   1 
HETATM 1028 O  O   . HOH E 5 .   ? 2.508   -2.269  18.119  1.00 29.51 ? 2023 HOH A O   1 
HETATM 1029 O  O   . HOH E 5 .   ? -10.009 -3.124  17.874  1.00 43.90 ? 2024 HOH A O   1 
HETATM 1030 O  O   . HOH E 5 .   ? -11.793 -3.570  -0.673  1.00 56.20 ? 2025 HOH A O   1 
HETATM 1031 O  O   . HOH E 5 .   ? -13.666 1.729   5.752   1.00 57.13 ? 2026 HOH A O   1 
HETATM 1032 O  O   . HOH E 5 .   ? -15.106 -3.590  0.860   1.00 60.73 ? 2027 HOH A O   1 
HETATM 1033 O  O   . HOH E 5 .   ? -17.498 0.089   3.300   1.00 56.43 ? 2028 HOH A O   1 
HETATM 1034 O  O   . HOH E 5 .   ? -15.762 4.215   3.071   1.00 62.62 ? 2029 HOH A O   1 
HETATM 1035 O  O   . HOH E 5 .   ? -11.431 -5.948  9.554   1.00 59.13 ? 2030 HOH A O   1 
HETATM 1036 O  O   . HOH E 5 .   ? -8.255  -7.845  11.313  1.00 49.42 ? 2031 HOH A O   1 
HETATM 1037 O  O   . HOH E 5 .   ? -5.540  17.381  9.315   1.00 45.53 ? 2032 HOH A O   1 
HETATM 1038 O  O   . HOH E 5 .   ? -11.308 -12.874 4.233   1.00 59.87 ? 2033 HOH A O   1 
HETATM 1039 O  O   . HOH E 5 .   ? -10.406 -10.326 8.328   1.00 57.12 ? 2034 HOH A O   1 
HETATM 1040 O  O   . HOH E 5 .   ? -4.103  -13.894 3.831   1.00 50.13 ? 2035 HOH A O   1 
HETATM 1041 O  O   . HOH E 5 .   ? -0.475  7.812   17.102  1.00 52.61 ? 2036 HOH A O   1 
HETATM 1042 O  O   . HOH E 5 .   ? -6.706  -11.773 8.166   1.00 43.85 ? 2037 HOH A O   1 
HETATM 1043 O  O   . HOH E 5 .   ? 8.892   -11.523 8.677   1.00 68.01 ? 2038 HOH A O   1 
HETATM 1044 O  O   . HOH E 5 .   ? 11.570  -1.984  10.495  1.00 37.03 ? 2039 HOH A O   1 
HETATM 1045 O  O   . HOH E 5 .   ? 7.589   19.990  12.637  1.00 69.94 ? 2040 HOH A O   1 
HETATM 1046 O  O   . HOH E 5 .   ? 0.871   21.061  5.038   1.00 48.54 ? 2041 HOH A O   1 
HETATM 1047 O  O   . HOH E 5 .   ? 9.326   -10.822 14.102  1.00 56.47 ? 2042 HOH A O   1 
HETATM 1048 O  O   . HOH E 5 .   ? 0.877   -11.761 -13.572 1.00 49.28 ? 2043 HOH A O   1 
HETATM 1049 O  O   . HOH E 5 .   ? 3.389   -20.051 4.312   1.00 57.30 ? 2044 HOH A O   1 
HETATM 1050 O  O   . HOH E 5 .   ? -1.506  -12.708 11.463  1.00 41.73 ? 2045 HOH A O   1 
HETATM 1051 O  O   . HOH E 5 .   ? 1.003   -6.565  19.572  1.00 48.12 ? 2046 HOH A O   1 
HETATM 1052 O  O   . HOH E 5 .   ? 4.606   -11.109 14.360  1.00 44.55 ? 2047 HOH A O   1 
HETATM 1053 O  O   . HOH E 5 .   ? -2.197  -6.065  18.194  1.00 60.41 ? 2048 HOH A O   1 
HETATM 1054 O  O   . HOH E 5 .   ? 3.550   -8.150  18.568  1.00 55.76 ? 2049 HOH A O   1 
HETATM 1055 O  O   . HOH E 5 .   ? -0.429  -2.943  17.777  1.00 26.24 ? 2050 HOH A O   1 
HETATM 1056 O  O   . HOH E 5 .   ? 3.480   -7.321  13.266  1.00 30.12 ? 2051 HOH A O   1 
HETATM 1057 O  O   . HOH E 5 .   ? -6.528  -4.879  13.633  1.00 39.50 ? 2052 HOH A O   1 
HETATM 1058 O  O   . HOH E 5 .   ? -2.904  -6.769  15.626  1.00 51.46 ? 2053 HOH A O   1 
HETATM 1059 O  O   . HOH E 5 .   ? -5.738  -0.396  -24.128 1.00 61.54 ? 2054 HOH A O   1 
HETATM 1060 O  O   . HOH E 5 .   ? -7.583  -3.854  17.245  1.00 58.92 ? 2055 HOH A O   1 
HETATM 1061 O  O   . HOH E 5 .   ? -0.217  -0.340  19.915  1.00 52.59 ? 2056 HOH A O   1 
HETATM 1062 O  O   . HOH E 5 .   ? -3.588  0.932   14.266  1.00 61.37 ? 2057 HOH A O   1 
HETATM 1063 O  O   . HOH E 5 .   ? -5.914  -2.947  20.413  1.00 40.06 ? 2058 HOH A O   1 
HETATM 1064 O  O   . HOH E 5 .   ? -7.931  -3.049  14.848  1.00 36.58 ? 2059 HOH A O   1 
HETATM 1065 O  O   . HOH E 5 .   ? -11.228 -2.116  13.453  1.00 48.68 ? 2060 HOH A O   1 
HETATM 1066 O  O   . HOH E 5 .   ? -8.429  -0.140  15.842  1.00 36.97 ? 2061 HOH A O   1 
HETATM 1067 O  O   . HOH E 5 .   ? -9.735  2.573   14.350  1.00 35.93 ? 2062 HOH A O   1 
HETATM 1068 O  O   . HOH E 5 .   ? -7.573  -3.611  11.761  1.00 35.74 ? 2063 HOH A O   1 
HETATM 1069 O  O   . HOH E 5 .   ? 18.299  5.547   6.100   1.00 44.71 ? 2064 HOH A O   1 
HETATM 1070 O  O   . HOH E 5 .   ? 12.214  0.079   12.594  1.00 46.40 ? 2065 HOH A O   1 
HETATM 1071 O  O   . HOH E 5 .   ? 12.810  -4.899  2.663   1.00 50.99 ? 2066 HOH A O   1 
HETATM 1072 O  O   . HOH E 5 .   ? -7.778  16.318  9.128   1.00 40.76 ? 2067 HOH A O   1 
HETATM 1073 O  O   . HOH E 5 .   ? -14.130 13.468  6.023   1.00 60.21 ? 2068 HOH A O   1 
HETATM 1074 O  O   . HOH E 5 .   ? -13.316 6.893   9.090   1.00 43.76 ? 2069 HOH A O   1 
HETATM 1075 O  O   . HOH E 5 .   ? -10.295 9.929   11.843  1.00 44.69 ? 2070 HOH A O   1 
HETATM 1076 O  O   . HOH E 5 .   ? 2.085   -19.349 -1.971  1.00 53.87 ? 2071 HOH A O   1 
HETATM 1077 O  O   . HOH E 5 .   ? -2.562  5.086   18.246  1.00 26.67 ? 2072 HOH A O   1 
HETATM 1078 O  O   . HOH E 5 .   ? 9.676   17.863  7.838   1.00 64.87 ? 2073 HOH A O   1 
HETATM 1079 O  O   . HOH E 5 .   ? 3.817   -1.842  15.706  1.00 30.41 ? 2074 HOH A O   1 
HETATM 1080 O  O   . HOH E 5 .   ? 8.094   18.913  9.614   1.00 61.75 ? 2075 HOH A O   1 
HETATM 1081 O  O   . HOH E 5 .   ? 6.501   21.092  10.172  1.00 48.10 ? 2076 HOH A O   1 
HETATM 1082 O  O   . HOH E 5 .   ? 4.162   17.750  12.977  1.00 60.57 ? 2077 HOH A O   1 
HETATM 1083 O  O   . HOH E 5 .   ? 9.411   -3.276  11.681  1.00 25.97 ? 2078 HOH A O   1 
HETATM 1084 O  O   . HOH E 5 .   ? 6.971   -10.256 10.627  1.00 48.66 ? 2079 HOH A O   1 
HETATM 1085 O  O   . HOH E 5 .   ? 8.463   -7.444  12.029  1.00 44.14 ? 2080 HOH A O   1 
HETATM 1086 O  O   . HOH E 5 .   ? 10.353  -9.006  8.196   1.00 53.50 ? 2081 HOH A O   1 
HETATM 1087 O  O   . HOH E 5 .   ? 13.091  -6.396  8.667   1.00 54.39 ? 2082 HOH A O   1 
HETATM 1088 O  O   . HOH E 5 .   ? 12.320  -7.332  10.875  1.00 53.75 ? 2083 HOH A O   1 
HETATM 1089 O  O   . HOH E 5 .   ? 10.235  -5.820  12.803  1.00 40.81 ? 2084 HOH A O   1 
HETATM 1090 O  O   . HOH E 5 .   ? 10.314  -6.998  5.267   1.00 57.26 ? 2085 HOH A O   1 
HETATM 1091 O  O   . HOH E 5 .   ? 0.151   17.671  5.730   1.00 63.08 ? 2086 HOH A O   1 
HETATM 1092 O  O   . HOH E 5 .   ? -2.224  7.276   14.003  1.00 38.55 ? 2087 HOH A O   1 
HETATM 1093 O  O   . HOH E 5 .   ? 3.638   16.084  -4.968  1.00 60.59 ? 2088 HOH A O   1 
HETATM 1094 O  O   . HOH E 5 .   ? 6.029   -11.440 4.733   1.00 44.79 ? 2089 HOH A O   1 
HETATM 1095 O  O   . HOH E 5 .   ? 4.158   -10.054 10.240  1.00 38.63 ? 2090 HOH A O   1 
HETATM 1096 O  O   . HOH E 5 .   ? 1.838   -15.547 5.148   1.00 48.56 ? 2091 HOH A O   1 
HETATM 1097 O  O   . HOH E 5 .   ? -0.996  -14.006 -12.142 1.00 59.32 ? 2092 HOH A O   1 
HETATM 1098 O  O   . HOH E 5 .   ? -12.702 -13.314 1.607   1.00 75.82 ? 2093 HOH A O   1 
HETATM 1099 O  O   . HOH E 5 .   ? -8.279  -12.515 1.914   1.00 48.73 ? 2094 HOH A O   1 
HETATM 1100 O  O   . HOH E 5 .   ? -8.238  -0.348  -14.185 1.00 70.15 ? 2095 HOH A O   1 
HETATM 1101 O  O   . HOH E 5 .   ? -3.179  -2.153  -20.688 1.00 43.17 ? 2096 HOH A O   1 
HETATM 1102 O  O   . HOH E 5 .   ? -10.087 -0.553  -17.849 1.00 57.88 ? 2097 HOH A O   1 
HETATM 1103 O  O   . HOH E 5 .   ? -6.621  1.794   -14.381 1.00 53.91 ? 2098 HOH A O   1 
HETATM 1104 O  O   . HOH E 5 .   ? -7.109  1.007   -18.413 1.00 43.14 ? 2099 HOH A O   1 
HETATM 1105 O  O   . HOH E 5 .   ? 3.424   4.446   -15.278 1.00 35.31 ? 2100 HOH A O   1 
HETATM 1106 O  O   . HOH E 5 .   ? -2.442  5.885   -9.756  1.00 40.00 ? 2101 HOH A O   1 
HETATM 1107 O  O   . HOH E 5 .   ? -2.227  12.936  -8.034  1.00 68.45 ? 2102 HOH A O   1 
HETATM 1108 O  O   . HOH E 5 .   ? -3.385  14.129  0.886   1.00 48.51 ? 2103 HOH A O   1 
HETATM 1109 O  O   . HOH E 5 .   ? 9.441   6.103   6.200   1.00 24.03 ? 2104 HOH A O   1 
HETATM 1110 O  O   . HOH E 5 .   ? 16.924  7.550   6.944   1.00 24.82 ? 2105 HOH A O   1 
HETATM 1111 O  O   . HOH E 5 .   ? 15.829  10.194  11.031  1.00 47.81 ? 2106 HOH A O   1 
HETATM 1112 O  O   . HOH E 5 .   ? 16.355  2.820   12.999  1.00 24.36 ? 2107 HOH A O   1 
HETATM 1113 O  O   . HOH E 5 .   ? 11.321  4.475   12.870  1.00 34.75 ? 2108 HOH A O   1 
HETATM 1114 O  O   . HOH E 5 .   ? 11.554  2.539   11.105  1.00 32.62 ? 2109 HOH A O   1 
HETATM 1115 O  O   . HOH E 5 .   ? 14.703  1.548   5.675   1.00 41.82 ? 2110 HOH A O   1 
HETATM 1116 O  O   . HOH E 5 .   ? 14.227  1.638   11.625  1.00 39.90 ? 2111 HOH A O   1 
HETATM 1117 O  O   . HOH E 5 .   ? 17.550  2.725   6.146   1.00 47.45 ? 2112 HOH A O   1 
HETATM 1118 O  O   . HOH E 5 .   ? 11.134  2.074   8.153   1.00 22.87 ? 2113 HOH A O   1 
HETATM 1119 O  O   . HOH E 5 .   ? 15.171  0.272   -0.557  1.00 50.52 ? 2114 HOH A O   1 
HETATM 1120 O  O   . HOH E 5 .   ? 12.886  1.960   1.818   1.00 27.71 ? 2115 HOH A O   1 
HETATM 1121 O  O   . HOH E 5 .   ? 11.724  -3.703  0.530   1.00 47.88 ? 2116 HOH A O   1 
HETATM 1122 O  O   . HOH E 5 .   ? 8.676   -9.503  0.273   1.00 50.00 ? 2117 HOH A O   1 
HETATM 1123 O  O   . HOH E 5 .   ? -2.398  -17.121 -1.986  1.00 54.08 ? 2118 HOH A O   1 
HETATM 1124 O  O   . HOH E 5 .   ? 2.014   -16.670 -6.643  1.00 53.14 ? 2119 HOH A O   1 
HETATM 1125 O  O   . HOH E 5 .   ? 7.196   -11.521 0.033   1.00 52.76 ? 2120 HOH A O   1 
HETATM 1126 O  O   . HOH E 5 .   ? 3.529   -16.771 -0.923  1.00 57.14 ? 2121 HOH A O   1 
HETATM 1127 O  O   . HOH E 5 .   ? 7.424   -14.131 -7.606  1.00 35.55 ? 2122 HOH A O   1 
HETATM 1128 O  O   . HOH E 5 .   ? 8.865   -4.741  -9.926  1.00 24.51 ? 2123 HOH A O   1 
HETATM 1129 O  O   . HOH E 5 .   ? 7.699   -2.344  -12.072 1.00 30.64 ? 2124 HOH A O   1 
HETATM 1130 O  O   . HOH E 5 .   ? 9.281   2.867   -7.561  1.00 25.51 ? 2125 HOH A O   1 
HETATM 1131 O  O   . HOH E 5 .   ? 7.845   0.741   -8.403  1.00 30.92 ? 2126 HOH A O   1 
HETATM 1132 O  O   . HOH E 5 .   ? 11.188  -4.159  -3.713  1.00 32.53 ? 2127 HOH A O   1 
HETATM 1133 O  O   . HOH E 5 .   ? 8.928   4.327   -5.192  1.00 18.80 ? 2128 HOH A O   1 
HETATM 1134 O  O   . HOH E 5 .   ? 10.843  1.885   -4.709  1.00 22.85 ? 2129 HOH A O   1 
HETATM 1135 O  O   . HOH E 5 .   ? 9.134   8.858   -0.666  1.00 19.85 ? 2130 HOH A O   1 
HETATM 1136 O  O   . HOH E 5 .   ? 10.373  14.421  7.159   1.00 42.40 ? 2131 HOH A O   1 
HETATM 1137 O  O   . HOH E 5 .   ? 12.845  8.688   5.082   1.00 18.59 ? 2132 HOH A O   1 
HETATM 1138 O  O   . HOH E 5 .   ? 10.780  11.238  10.242  1.00 28.76 ? 2133 HOH A O   1 
HETATM 1139 O  O   . HOH E 5 .   ? 5.083   18.188  10.576  1.00 44.96 ? 2134 HOH A O   1 
HETATM 1140 O  O   . HOH E 5 .   ? -0.161  16.968  10.446  1.00 47.50 ? 2135 HOH A O   1 
HETATM 1141 O  O   . HOH E 5 .   ? -2.797  8.733   11.523  1.00 20.01 ? 2136 HOH A O   1 
HETATM 1142 O  O   . HOH E 5 .   ? -2.284  15.105  6.592   1.00 35.33 ? 2137 HOH A O   1 
HETATM 1143 O  O   . HOH E 5 .   ? 7.504   14.594  2.691   1.00 50.80 ? 2138 HOH A O   1 
HETATM 1144 O  O   . HOH E 5 .   ? 7.673   14.092  -0.669  1.00 47.57 ? 2139 HOH A O   1 
HETATM 1145 O  O   . HOH E 5 .   ? 4.688   16.115  4.661   1.00 56.89 ? 2140 HOH A O   1 
HETATM 1146 O  O   . HOH E 5 .   ? -0.243  14.717  -1.467  1.00 38.76 ? 2141 HOH A O   1 
HETATM 1147 O  O   . HOH E 5 .   ? -6.883  11.710  -4.748  1.00 51.71 ? 2142 HOH A O   1 
HETATM 1148 O  O   . HOH E 5 .   ? -0.163  13.418  -6.187  1.00 45.72 ? 2143 HOH A O   1 
HETATM 1149 O  O   . HOH E 5 .   ? 4.391   13.073  -2.607  1.00 47.55 ? 2144 HOH A O   1 
HETATM 1150 O  O   . HOH E 5 .   ? 8.374   12.205  1.895   1.00 31.56 ? 2145 HOH A O   1 
HETATM 1151 O  O   . HOH E 5 .   ? 7.817   10.367  -2.697  1.00 38.09 ? 2146 HOH A O   1 
HETATM 1152 O  O   . HOH E 5 .   ? 8.108   6.938   -6.126  1.00 19.13 ? 2147 HOH A O   1 
HETATM 1153 O  O   . HOH E 5 .   ? 6.553   9.252   -4.611  1.00 60.96 ? 2148 HOH A O   1 
HETATM 1154 O  O   . HOH E 5 .   ? 5.124   10.789  -5.824  1.00 25.62 ? 2149 HOH A O   1 
HETATM 1155 O  O   . HOH E 5 .   ? 1.452   11.456  -6.558  1.00 48.96 ? 2150 HOH A O   1 
HETATM 1156 O  O   . HOH E 5 .   ? 0.450   9.223   -10.197 1.00 55.26 ? 2151 HOH A O   1 
HETATM 1157 O  O   . HOH E 5 .   ? 6.441   9.666   -9.224  1.00 52.53 ? 2152 HOH A O   1 
HETATM 1158 O  O   . HOH E 5 .   ? 10.086  2.681   -11.879 1.00 39.71 ? 2153 HOH A O   1 
HETATM 1159 O  O   . HOH E 5 .   ? 8.297   3.990   -10.133 1.00 32.73 ? 2154 HOH A O   1 
HETATM 1160 O  O   . HOH E 5 .   ? 4.385   0.297   -16.649 1.00 31.91 ? 2155 HOH A O   1 
HETATM 1161 O  O   . HOH E 5 .   ? 4.557   -3.109  -18.272 1.00 44.56 ? 2156 HOH A O   1 
HETATM 1162 O  O   . HOH E 5 .   ? -1.192  -3.367  -22.786 1.00 58.59 ? 2157 HOH A O   1 
HETATM 1163 O  O   . HOH E 5 .   ? 0.867   -7.666  -14.117 1.00 39.76 ? 2158 HOH A O   1 
HETATM 1164 O  O   . HOH E 5 .   ? -1.279  -8.044  -18.454 1.00 46.18 ? 2159 HOH A O   1 
HETATM 1165 O  O   . HOH E 5 .   ? -1.273  -8.585  -15.446 1.00 37.84 ? 2160 HOH A O   1 
HETATM 1166 O  O   . HOH E 5 .   ? -2.278  -13.178 -10.099 1.00 44.06 ? 2161 HOH A O   1 
HETATM 1167 O  O   . HOH E 5 .   ? -4.566  -13.487 -7.932  1.00 48.06 ? 2162 HOH A O   1 
HETATM 1168 O  O   . HOH E 5 .   ? -8.503  -12.648 -8.244  1.00 45.04 ? 2163 HOH A O   1 
HETATM 1169 O  O   . HOH E 5 .   ? -8.666  -15.547 -6.561  1.00 56.47 ? 2164 HOH A O   1 
HETATM 1170 O  O   . HOH E 5 .   ? -4.401  -15.605 -5.734  1.00 51.63 ? 2165 HOH A O   1 
HETATM 1171 O  O   . HOH E 5 .   ? -2.046  -15.614 1.796   1.00 52.02 ? 2166 HOH A O   1 
HETATM 1172 O  O   . HOH E 5 .   ? -4.830  -14.985 -2.721  1.00 62.89 ? 2167 HOH A O   1 
HETATM 1173 O  O   . HOH E 5 .   ? 8.292   -4.790  1.443   1.00 33.61 ? 2168 HOH A O   1 
HETATM 1174 O  O   . HOH E 5 .   ? 9.473   -6.513  2.947   1.00 48.93 ? 2169 HOH A O   1 
HETATM 1175 O  O   . HOH E 5 .   ? 13.469  -0.390  3.487   1.00 46.53 ? 2170 HOH A O   1 
HETATM 1176 O  O   . HOH E 5 .   ? 13.732  -3.777  6.197   1.00 47.72 ? 2171 HOH A O   1 
HETATM 1177 O  O   . HOH E 5 .   ? 12.128  -0.365  5.729   1.00 40.86 ? 2172 HOH A O   1 
HETATM 1178 O  O   . HOH E 5 .   ? 12.153  -0.418  8.398   1.00 35.11 ? 2173 HOH A O   1 
HETATM 1179 O  O   . HOH E 5 .   ? 1.216   3.680   13.079  1.00 21.31 ? 2174 HOH A O   1 
HETATM 1180 O  O   . HOH E 5 .   ? 0.235   5.854   14.099  1.00 33.94 ? 2175 HOH A O   1 
HETATM 1181 O  O   . HOH E 5 .   ? -10.080 8.017   4.060   1.00 50.06 ? 2176 HOH A O   1 
HETATM 1182 O  O   . HOH E 5 .   ? -2.015  4.981   -20.358 1.00 59.27 ? 2177 HOH A O   1 
HETATM 1183 O  O   . HOH E 5 .   ? 6.390   12.031  15.708  1.00 31.13 ? 2178 HOH A O   1 
HETATM 1184 O  O   . HOH E 5 .   ? 5.856   14.852  14.209  1.00 67.14 ? 2179 HOH A O   1 
HETATM 1185 O  O   . HOH E 5 .   ? 4.320   14.270  17.405  1.00 52.31 ? 2180 HOH A O   1 
# 
